data_8JXH
#
_entry.id   8JXH
#
_cell.length_a   1.00
_cell.length_b   1.00
_cell.length_c   1.00
_cell.angle_alpha   90.00
_cell.angle_beta   90.00
_cell.angle_gamma   90.00
#
_symmetry.space_group_name_H-M   'P 1'
#
loop_
_entity.id
_entity.type
_entity.pdbx_description
1 polymer 'Alpha-2-macroglobulin receptor-associated protein'
2 polymer 'LDL receptor related protein 2'
3 polymer 'unclear peptide'
4 polymer 'unclear peptide'
5 branched 2-acetamido-2-deoxy-beta-D-glucopyranose-(1-3)-2-acetamido-2-deoxy-beta-D-glucopyranose
6 branched beta-D-mannopyranose-(1-4)-2-acetamido-2-deoxy-beta-D-glucopyranose-(1-4)-2-acetamido-2-deoxy-beta-D-glucopyranose
7 branched alpha-D-mannopyranose-(1-3)-[alpha-D-mannopyranose-(1-6)]beta-D-mannopyranose-(1-4)-2-acetamido-2-deoxy-beta-D-glucopyranose-(1-4)-2-acetamido-2-deoxy-beta-D-glucopyranose
8 non-polymer 2-acetamido-2-deoxy-beta-D-glucopyranose
9 non-polymer 2-acetamido-2-deoxy-alpha-D-galactopyranose
10 non-polymer 'CALCIUM ION'
#
loop_
_entity_poly.entity_id
_entity_poly.type
_entity_poly.pdbx_seq_one_letter_code
_entity_poly.pdbx_strand_id
1 'polypeptide(L)'
;GPLGSHGGKYSREKNEPEMAAKRESGEEFRMEKLNQLWEKAKRLHLSPVRLAELHSDLKIQERDELNWKKLKVEGLDGDG
EKEAKLVHNLNVILARYGLDGRKDTQTVHSNALNEDTQDELGDPRLEKLWHKAKTSGKFSSEELDKLWREFLHYKEKIHE
YNVLLDTLSRAEEGYENLLSPSDMTHIKSDTLASKHSELKDRLRSINQGLDRLRKVSHQGYGPATEFEEPRVIDLWDLAQ
SANFTEKELESFREELKHFEAKIEKHNHYQKQLEISHQKLKHVESIGDPEHISRNKEKYVLLEEKTKELGYKVKKHLQDL
SSRVSRARHNEL
;
D
2 'polypeptide(L)'
;MERGAAAAAWMLLLAIAACLEPVSSQECGSGNFRCDNGYCIPASWRCDGTRDCLDDTDEIGCPPRSCESGLFLCPAEGTC
IPSSWVCDEDKDCSDGADEQQNCAGTTCSAQQMTCSNGQCIPSEYRCDHVSDCPDGSDERNCHYPTCDQLTCANGACYNT
SQRCDQKVDCRDSSDEANCTTLCSQKEFECGSGECILRAYVCDHDNDCEDNSDERNCNYDTCGGHQFTCSNGQCINQNWV
CDGDDDCQDSGDEDGCESNQSHHRCYPREWACPGSGRCISIDKVCDGVPDCPEGDDENNVTSGRTCGMGVCSVLNCEYQC
HQTPFGGECFCPPGHIINSNDSRTCIDFDDCQIWGICDQKCENRQGRHQCLCEEGYILERGQHCKSSDSFSAASVIFSNG
RDLLVGDLHGRNFRILAESKNRGMVMGVDFHYQKHRVFWTDPMQEKVFSTDINGLNTQEILNVSVDTPENLAVDWINNKL
YLVETKVNRIDVVNLEGNQRVTLITENLGHPRGIALDPTVGYLFFSDWGSLSGQPKVERAFMDGSNRKDLVTTKVGWPAG
ITLDLVSKRVYWVDSRYDYIETVTYDGIQRKTVARGGSLVPHPFGISLFEEHVFFTDWTKMAVMKASKFTETNPQVYHQS
SLRPHGVTVYHALRQPNATNPCGSNNGGCAQVCVLSHRTDNGGLGYRCKCEFGFELDDDEHRCVAVKNFLLFSSKTAVRG
IPFTLSTQEDVMVPVTGSPSFFVGIDFDAQHSTVFYSDLSKDIIYKQKIDGTGKEVITANRLESVECLTFDWISRNLYWT
DGGLKSVTVLRLADKSRRQIISNLNNPRSIVVHPTAGYMFLSDWFRPAKIMRAWSDGSHLMPIVNTSLGWPNGLAIDWSA
SRLYWVDAFFDKIEHSTLDGLDRKRLGHVDQMTHPFGLTVFKDNVFITDWRLGAIIRVRKSDGGDMTVIRRGISSVMHVK
AYDADLQTGSNYCSQTTHANGDCSHFCFPVPNFQRVCGCPYGMKLQRDQMTCEGDPAREPPTQQCGSLSFPCNNGKCVPS
FFRCDGVDDCHDNSDEHQCGVFNNTCSPSAFACVRGGQCIPGQWHCDRQNDCLDGSDEQNCPTHATSSTCPSTSFTCDNH
VCIPKDWVCDTDNDCSDGSDEKNCQASGTCQPTQFRCPDHRCISPLYVCDGDKDCADGSDEAGCVLNCTSAQFKCADGSS
CINSRYRCDGVYDCRDNSDEAGCPTRPPGMCHLDEFQCQGDGTCIPNTWECDGHPDCIHGSDEHTGCVPKTCSPTHFLCD
NGNCIYKAWICDGDNDCRDMSDEKDCPTQPFHCPSTQWQCPGYSTCINLSALCDGVFDCPNGTDESPLCNQDSCSHFNGG
CTHQCMQGPFGATCLCPLGYQLANDTKTCEDINECDIPGFCSQHCVNMRGSFRCACDPEYTLESDGRTCKVTGSENPLLV
VASRDKIIVDNITAHTHNLYSLVQDVSFVVALDFDSVTGRVFWSDLLQGKTWSVFQNGTDKRVVHDSGLSVTEMIAVDWI
GRNLYWTDYALETIEVSKIDGSHRTVLISKNVTKPRGLALDPRMGDNVMFWSDWGHHPRIERASMDGTMRTVIVQEKIYW
PCGLSIDYPNRLIYFMDAYLDYIEFCDYDGHNRRQVIASDLVLHHPHALTLFEDFVYWTDRGTRQVMQANKWHGGNQSVV
MYSVHQPLGITAIHPSRQPPSRNPCASASCSHLCLLSAQAPRHYSCACPSGWNLSDDSVNCVRGDQPFLMSVRDNIIFGI
SLDPEVKSNDAMVPISGIQHGYDVEFDDSEQFIYWVENPGEIHRVKTDGSNRTVFAPLSLLGSSLGLALDWVSRNIYYTT
PASRSIEVLTLKGDTRYGKTLIANDGTPLGVGFPVGIAVDPARGKLYWSDHGTDSGVPAKIASANMDGTSLKILFTGNLQ
HLEVVTLDIQEQKLYWAVTSRGVIERGNVDGTERMILVHHLAHPWGLVVYGSFLYYSDEQYEVIERVDKSSGNNKVVLRD
NVPYLRGLRVYHRRNAADSSNGCSNNPNACQQICLPVPGGMFSCACASGFKLSPDGRSCSPYNSFMVVSMLPAVRGFSLE
LSDHSEAMVPVAGQGRNVLHADVDVANGFIYWCDFSSSVRSSNGIRRIKPDGSNFTNVVTYGIGANGIRGVALDWAAGNL
YFTNAFVYETLIEVLRINTTYRRVLLKVSVDMPRHIIVDPKHRYLFWADYGQKPKIERSFLDCTNRTVLVSEGIVTPRGL
AMDHDTGYIYWVDDSLDLIARIHLDGGESQVVRYGSRYPTPYGITVFGESIIWVDRNLKKVFQASKQPGNTDPPVVIRDK
INLLRDVTIFDEHAQPLSPAELNNNPCLQSNGGCSHFCFALPELPTPRCGCAFGTLGNDGKSCATSQEDFLIYSLNNSLR
SLHFDPRDHSLPFQVISVAGTAIALDYDRRNNRIFFTQKLNSLRGQISYVSLYSGSSSPTVLLSNIGVTDGIAFDWINRR
IYYSDFSNQTINSMAEDGSNRAVIARVSKPRAIVLDPCRGYMYWTDWGTNAKIERATLGGNFRVPIVNTSLVWPNGLALD
LETDLLYWADASLQKIERSTLTGTNREVVVSTAFHSFGLTVYGQYIYWTDLYTRKIYRANKYDGSDLVAMTTRLPTQPSG
ISTVVKTQRQQCSNPCDQFNGGCSHICAPGPNGAECQCPHEGNWYLANDNKYCVVDTGTRCNQLQFTCLNGHCINQDWKC
DNDNDCGDGSDELPTVCAFHTCRSTAFTCGNGRCVPYHYRCDYYNDCGDNSDEAGCLFRNCNSTTEFTCSNGRCIPLSYV
CNGINNCHDNDTSDEKNCPPHTCPPDFTKCQTTNICVPRAFLCDGDNDCGDGSDENPIYCASHTCRSNEFQCLSPQRCIP
SYWFCDGEADCADGSDEPDTCGHSVNTCRASQFQCDNGRCISGNWVCDGDNDCGDMSDEDQRHHCELQNCSSTQFTCVNS
RPPNRRCIPQYWVCDGDADCSDALDELQNCTMRTCSAGEFSCANGRCVRQSFRCDRRNDCGDYSDERGCSYPPCHANQFT
CQNGRCIPRFFVCDEDNDCGDGSDEQEHLCHTPEPTCPLHQFRCDNGHCIEMGRVCNHVDDCSDNSDEKGCGINECLDSS
ISRCDHNCTDTITSFYCSCLPGYKLMSDKRSCVDIDECKESPQLCSQKCENVVGSYICKCAPGYIREPDGKSCRQNSNIE
PYLIFSNRYYIRNLTTDGSSYSLILQGLGNVVALDFDRVEKRLYWIDAEKQIIERMFLNKTNRETIINHRLRRAESLAVD
WVSRKLYWLDAILDCLFVSDLEGRHRKMIAQHCVDANNTFCFEHPRGIVLHPQRGHVYWADWGVHAYIGRIGMDGTNKSV
IISTKIEWPNAITIDYTNDLLYWADAHLGYIEFSDLEGHHRHTVYDGSLPHPFALTIFEDTVFWTDWNTRTVEKGNKYDG
SGRVVLVNTTHKPFDIHVYHPYRQPIMSNPCGTNNGGCSHLCLIKAGGRGFTCACPDDFQTVQLRDRTLCMPMCSSTQFL
CGNNEKCIPIWWKCDGQKDCSDGSDEPDLCPHRFCRLGQFQCRDGNCTSPQALCNARQDCADGSDEDRVLCEHHRCESNE
WQCANKRCIPQSWQCDSVNDCLDNSDEDTSHCASRTCRPGQFKCNNGRCIPQSWKCDVDNDCGDYSDEPIDECTTAAYNC
DNHTEFSCKTNYRCIPQWAVCNGFDDCRDNSDEQGCESVPCHPSGDFRCANHHCIPLRWKCDGTDDCGDNSDEENCVPRE
CSESEFRCADQQCIPSRWVCDQENDCGDNSDERDCEMKTCHPEHFQCTSGHCVPKALACDGRADCLDASDESACPTRFPN
GTYCPAAMFECKNHVCIQSFWICDGENDCVDGSDEEIHLCFNIPCESPQRFRCDNSRCVYGHQLCNGVDDCGDGSDEKEE
HCRKPTHKPCTDTEYKCSNGNCISQHYVCDNVNDCGDLSDETGCNLGDNRTCAENICEQNCTQLSSGGFICSCRPGFKPS
TLDKNSCQDINECEEFGICPQSCRNSKGSYECFCVDGFKSMSTHYGERCAADGSPPLLLLPENVRIRKYNTSSEKFSEYL
EEEEHIQTIDYDWDPEHIGLSVVYYTVLAQGSQFGAIKRAYIPNFESGSNNPIREVDLGLKYLMQPDGLAVDWVGRHIYW
SDAKSQRIEVATLDGRYRKWLITTQLDQPAAIAVNPKLGLMFWTDQGKQPKIESAWMNGEHRSVLVSENLGWPNGLSIDY
LNDDRVYWSDSKEDVIEAIKYDGTDRRLIINEAMKPFSLDIFEDKLYWVAKEKGEVWRQNKFGKENKEKVLVVNPWLTQV
RIFHQLRYNQSVSNPCKQVCSHLCLLRPGGYSCACPQGSDFVTGSTVQCDAASELPVTMPPPCRCMHGGNCYFDENELPK
CKCSSGYSGEYCEVGLSRGIPPGTTMAVLLTFVIVIIVGALVLVGLFHYRKTGSLLPTLPKLPSLSSLAKPSENGNGVTF
RSGADVNMDIGVSPFGPETIIDRSMAMNEHFVMEVGKQPVIFENPMYAAKDNTSKVALAVQGPSTGAQVTVPENVENQNY
GRPIDPSEIVPEPKPASPGADEIQGKKWNIFKRKPKQTTNFENPIYAEMDSEVKDAVAVAPPPSPSLPAKASKRNLTPGY
TATEDTFKDTANLVKEDSDV
;
A,B
3 'polypeptide(L)' (UNK)(UNK)(UNK)(UNK)(UNK)(UNK) Q
4 'polypeptide(L)' (UNK)N(UNK)(UNK)(UNK) R
#
# COMPACT_ATOMS: atom_id res chain seq x y z
N GLU A 226 -22.57 27.43 -12.18
CA GLU A 226 -23.86 27.92 -11.70
C GLU A 226 -23.76 28.22 -10.20
N PHE A 227 -23.17 29.37 -9.88
CA PHE A 227 -22.99 29.78 -8.50
C PHE A 227 -22.97 31.31 -8.43
N GLU A 228 -23.37 31.83 -7.26
CA GLU A 228 -23.29 33.27 -7.02
C GLU A 228 -22.70 33.64 -5.67
N GLU A 229 -22.82 32.83 -4.63
CA GLU A 229 -22.40 33.23 -3.30
C GLU A 229 -20.88 33.33 -3.23
N PRO A 230 -20.34 34.39 -2.62
CA PRO A 230 -18.86 34.48 -2.46
C PRO A 230 -18.26 33.30 -1.72
N ARG A 231 -18.96 32.78 -0.71
CA ARG A 231 -18.44 31.65 0.06
C ARG A 231 -18.39 30.39 -0.80
N VAL A 232 -19.47 30.14 -1.55
CA VAL A 232 -19.55 28.90 -2.34
C VAL A 232 -18.56 28.93 -3.49
N ILE A 233 -18.32 30.10 -4.07
CA ILE A 233 -17.49 30.19 -5.27
C ILE A 233 -16.08 29.70 -4.99
N ASP A 234 -15.49 30.13 -3.88
CA ASP A 234 -14.14 29.69 -3.55
C ASP A 234 -14.10 28.20 -3.22
N LEU A 235 -15.17 27.68 -2.59
CA LEU A 235 -15.21 26.25 -2.27
C LEU A 235 -15.16 25.40 -3.54
N TRP A 236 -15.91 25.80 -4.57
CA TRP A 236 -15.86 25.08 -5.84
C TRP A 236 -14.49 25.19 -6.48
N ASP A 237 -13.88 26.37 -6.42
CA ASP A 237 -12.52 26.54 -6.92
C ASP A 237 -11.54 25.70 -6.13
N LEU A 238 -11.67 25.71 -4.79
CA LEU A 238 -10.82 24.86 -3.96
C LEU A 238 -11.14 23.39 -4.17
N ALA A 239 -12.36 23.07 -4.63
CA ALA A 239 -12.72 21.68 -4.86
C ALA A 239 -12.00 21.11 -6.08
N GLN A 240 -11.85 21.93 -7.13
CA GLN A 240 -11.23 21.45 -8.36
C GLN A 240 -9.74 21.18 -8.21
N SER A 241 -9.12 21.66 -7.14
CA SER A 241 -7.73 21.34 -6.84
C SER A 241 -7.59 20.28 -5.76
N ALA A 242 -8.68 19.62 -5.37
CA ALA A 242 -8.68 18.68 -4.26
C ALA A 242 -8.49 17.25 -4.77
N ASN A 243 -8.69 16.30 -3.85
CA ASN A 243 -8.48 14.89 -4.17
C ASN A 243 -9.73 14.25 -4.77
N PHE A 244 -10.77 15.05 -4.98
CA PHE A 244 -12.09 14.51 -5.32
C PHE A 244 -12.08 13.71 -6.62
N THR A 245 -12.58 12.48 -6.54
CA THR A 245 -12.87 11.69 -7.72
C THR A 245 -14.01 12.36 -8.51
N GLU A 246 -14.03 12.10 -9.82
CA GLU A 246 -15.05 12.69 -10.67
C GLU A 246 -16.46 12.45 -10.11
N LYS A 247 -16.71 11.25 -9.59
CA LYS A 247 -18.00 11.00 -8.96
C LYS A 247 -18.15 11.77 -7.65
N GLU A 248 -17.08 11.87 -6.86
CA GLU A 248 -17.12 12.69 -5.65
C GLU A 248 -17.30 14.17 -6.01
N LEU A 249 -16.58 14.63 -7.03
CA LEU A 249 -16.71 16.02 -7.47
C LEU A 249 -18.10 16.30 -8.01
N GLU A 250 -18.66 15.36 -8.76
CA GLU A 250 -20.01 15.53 -9.31
C GLU A 250 -21.04 15.64 -8.19
N SER A 251 -20.91 14.80 -7.15
CA SER A 251 -21.83 14.90 -6.02
C SER A 251 -21.52 16.10 -5.15
N PHE A 252 -20.29 16.61 -5.19
CA PHE A 252 -19.94 17.79 -4.41
C PHE A 252 -20.71 19.02 -4.87
N ARG A 253 -20.86 19.18 -6.19
CA ARG A 253 -21.60 20.32 -6.71
C ARG A 253 -23.06 20.30 -6.26
N GLU A 254 -23.68 19.13 -6.30
CA GLU A 254 -25.09 19.02 -5.93
C GLU A 254 -25.31 19.26 -4.44
N GLU A 255 -24.24 19.26 -3.63
CA GLU A 255 -24.34 19.64 -2.23
C GLU A 255 -24.17 21.14 -2.05
N LEU A 256 -23.29 21.76 -2.84
CA LEU A 256 -23.14 23.21 -2.80
C LEU A 256 -24.43 23.91 -3.23
N LYS A 257 -25.15 23.31 -4.17
CA LYS A 257 -26.43 23.87 -4.61
C LYS A 257 -27.41 23.96 -3.44
N HIS A 258 -27.48 22.89 -2.64
CA HIS A 258 -28.31 22.92 -1.44
C HIS A 258 -27.73 23.88 -0.41
N PHE A 259 -26.40 23.97 -0.33
CA PHE A 259 -25.77 24.88 0.63
C PHE A 259 -26.11 26.33 0.31
N GLU A 260 -26.11 26.70 -0.97
CA GLU A 260 -26.48 28.07 -1.35
C GLU A 260 -27.93 28.35 -1.00
N ALA A 261 -28.82 27.38 -1.23
CA ALA A 261 -30.23 27.58 -0.92
C ALA A 261 -30.44 27.86 0.56
N LYS A 262 -29.68 27.20 1.42
CA LYS A 262 -29.71 27.52 2.84
C LYS A 262 -29.24 28.95 3.09
N ILE A 263 -28.18 29.36 2.39
CA ILE A 263 -27.64 30.71 2.57
C ILE A 263 -28.65 31.75 2.10
N GLU A 264 -29.20 31.57 0.90
CA GLU A 264 -30.15 32.54 0.38
C GLU A 264 -31.43 32.55 1.21
N LYS A 265 -31.82 31.41 1.77
CA LYS A 265 -32.90 31.40 2.75
C LYS A 265 -32.50 32.17 4.00
N HIS A 266 -31.28 31.96 4.48
CA HIS A 266 -30.80 32.72 5.63
C HIS A 266 -30.71 34.20 5.31
N ASN A 267 -30.18 34.53 4.13
CA ASN A 267 -30.04 35.93 3.74
C ASN A 267 -31.41 36.60 3.64
N HIS A 268 -32.41 35.89 3.13
CA HIS A 268 -33.75 36.46 3.02
C HIS A 268 -34.31 36.80 4.39
N TYR A 269 -34.17 35.88 5.36
CA TYR A 269 -34.64 36.16 6.70
C TYR A 269 -33.76 37.17 7.43
N GLN A 270 -32.49 37.28 7.04
CA GLN A 270 -31.63 38.29 7.64
C GLN A 270 -32.14 39.69 7.37
N LYS A 271 -32.64 39.95 6.17
CA LYS A 271 -33.33 41.21 5.91
C LYS A 271 -34.60 41.30 6.75
N GLN A 272 -35.37 40.21 6.81
CA GLN A 272 -36.67 40.24 7.48
C GLN A 272 -36.54 40.53 8.97
N LEU A 273 -35.40 40.22 9.57
CA LEU A 273 -35.23 40.48 10.99
C LEU A 273 -35.22 41.97 11.28
N GLU A 274 -34.43 42.74 10.53
CA GLU A 274 -34.36 44.18 10.77
C GLU A 274 -35.58 44.90 10.22
N ILE A 275 -36.21 44.35 9.17
CA ILE A 275 -37.45 44.95 8.67
C ILE A 275 -38.55 44.86 9.74
N SER A 276 -38.72 43.68 10.33
CA SER A 276 -39.69 43.53 11.39
C SER A 276 -39.23 44.19 12.68
N HIS A 277 -37.91 44.25 12.90
CA HIS A 277 -37.40 44.99 14.06
C HIS A 277 -37.80 46.45 14.00
N GLN A 278 -37.64 47.09 12.83
CA GLN A 278 -38.14 48.45 12.66
C GLN A 278 -39.67 48.47 12.72
N LYS A 279 -40.32 47.46 12.15
CA LYS A 279 -41.77 47.35 12.28
C LYS A 279 -42.19 47.23 13.73
N LEU A 280 -41.47 46.43 14.51
CA LEU A 280 -41.74 46.33 15.94
C LEU A 280 -41.47 47.66 16.64
N LYS A 281 -40.40 48.34 16.25
CA LYS A 281 -40.06 49.62 16.86
C LYS A 281 -41.10 50.69 16.51
N HIS A 282 -41.57 50.70 15.27
CA HIS A 282 -42.59 51.66 14.86
C HIS A 282 -43.88 51.45 15.64
N VAL A 283 -44.29 50.19 15.80
CA VAL A 283 -45.51 49.89 16.52
C VAL A 283 -45.38 50.23 18.00
N GLU A 284 -44.21 49.97 18.59
CA GLU A 284 -43.99 50.32 20.00
C GLU A 284 -44.10 51.82 20.21
N SER A 285 -43.73 52.63 19.21
CA SER A 285 -43.92 54.07 19.29
C SER A 285 -45.39 54.44 19.19
N ILE A 286 -46.18 53.66 18.44
CA ILE A 286 -47.61 53.93 18.33
C ILE A 286 -48.29 53.75 19.68
N GLY A 287 -47.96 52.67 20.39
CA GLY A 287 -48.44 52.46 21.73
C GLY A 287 -49.62 51.54 21.89
N ASP A 288 -50.09 50.91 20.82
CA ASP A 288 -51.22 49.99 20.93
C ASP A 288 -50.76 48.69 21.56
N PRO A 289 -51.28 48.30 22.72
CA PRO A 289 -50.83 47.03 23.34
C PRO A 289 -51.11 45.80 22.49
N GLU A 290 -52.22 45.79 21.74
CA GLU A 290 -52.52 44.63 20.92
C GLU A 290 -51.52 44.48 19.77
N HIS A 291 -51.27 45.57 19.04
CA HIS A 291 -50.33 45.51 17.93
C HIS A 291 -48.91 45.25 18.41
N ILE A 292 -48.53 45.81 19.56
CA ILE A 292 -47.22 45.54 20.13
C ILE A 292 -47.08 44.06 20.47
N SER A 293 -48.09 43.50 21.13
CA SER A 293 -48.05 42.09 21.50
C SER A 293 -48.06 41.20 20.26
N ARG A 294 -48.91 41.53 19.28
CA ARG A 294 -49.01 40.70 18.08
C ARG A 294 -47.69 40.71 17.30
N ASN A 295 -47.12 41.89 17.07
CA ASN A 295 -45.88 41.98 16.33
C ASN A 295 -44.74 41.30 17.08
N LYS A 296 -44.71 41.44 18.41
CA LYS A 296 -43.68 40.78 19.20
C LYS A 296 -43.78 39.27 19.07
N GLU A 297 -45.00 38.73 19.12
CA GLU A 297 -45.19 37.29 19.00
C GLU A 297 -44.67 36.78 17.66
N LYS A 298 -44.95 37.52 16.59
CA LYS A 298 -44.36 37.18 15.29
C LYS A 298 -42.86 37.40 15.30
N TYR A 299 -42.39 38.42 16.03
CA TYR A 299 -40.97 38.78 15.98
C TYR A 299 -40.10 37.70 16.61
N VAL A 300 -40.44 37.26 17.82
CA VAL A 300 -39.58 36.31 18.53
C VAL A 300 -39.49 35.01 17.75
N LEU A 301 -40.60 34.57 17.16
CA LEU A 301 -40.59 33.38 16.32
C LEU A 301 -39.76 33.62 15.07
N LEU A 302 -39.80 34.85 14.53
CA LEU A 302 -38.97 35.18 13.38
C LEU A 302 -37.50 35.18 13.75
N GLU A 303 -37.16 35.61 14.97
CA GLU A 303 -35.78 35.54 15.45
C GLU A 303 -35.33 34.08 15.53
N GLU A 304 -36.21 33.20 16.01
CA GLU A 304 -35.87 31.78 16.06
C GLU A 304 -35.59 31.24 14.66
N LYS A 305 -36.36 31.71 13.68
CA LYS A 305 -36.16 31.25 12.30
C LYS A 305 -34.79 31.65 11.77
N THR A 306 -34.37 32.89 12.00
CA THR A 306 -33.07 33.34 11.51
C THR A 306 -31.93 32.80 12.37
N LYS A 307 -32.16 32.63 13.67
CA LYS A 307 -31.15 32.04 14.53
C LYS A 307 -30.94 30.56 14.19
N GLU A 308 -32.03 29.82 14.02
CA GLU A 308 -31.92 28.40 13.71
C GLU A 308 -31.24 28.19 12.37
N LEU A 309 -31.60 29.00 11.37
CA LEU A 309 -30.95 28.88 10.07
C LEU A 309 -29.49 29.34 10.13
N GLY A 310 -29.15 30.16 11.13
CA GLY A 310 -27.77 30.63 11.24
C GLY A 310 -26.79 29.50 11.48
N TYR A 311 -27.14 28.57 12.37
CA TYR A 311 -26.22 27.48 12.66
C TYR A 311 -26.21 26.45 11.53
N LYS A 312 -27.35 26.21 10.91
CA LYS A 312 -27.42 25.24 9.81
C LYS A 312 -26.51 25.66 8.67
N VAL A 313 -26.49 26.96 8.35
CA VAL A 313 -25.55 27.46 7.36
C VAL A 313 -24.11 27.29 7.84
N LYS A 314 -23.86 27.65 9.10
CA LYS A 314 -22.51 27.56 9.64
C LYS A 314 -22.05 26.11 9.71
N LYS A 315 -22.93 25.20 10.16
CA LYS A 315 -22.56 23.79 10.26
C LYS A 315 -22.23 23.22 8.87
N HIS A 316 -23.08 23.51 7.88
CA HIS A 316 -22.82 23.04 6.53
C HIS A 316 -21.56 23.68 5.97
N LEU A 317 -21.32 24.95 6.29
CA LEU A 317 -20.12 25.63 5.83
C LEU A 317 -18.87 24.97 6.40
N GLN A 318 -18.90 24.61 7.69
CA GLN A 318 -17.73 24.02 8.32
C GLN A 318 -17.40 22.66 7.70
N ASP A 319 -18.43 21.81 7.52
CA ASP A 319 -18.21 20.50 6.95
C ASP A 319 -17.66 20.58 5.53
N LEU A 320 -18.24 21.45 4.71
CA LEU A 320 -17.78 21.58 3.33
C LEU A 320 -16.36 22.14 3.27
N SER A 321 -16.08 23.15 4.10
CA SER A 321 -14.73 23.72 4.13
C SER A 321 -13.72 22.71 4.66
N SER A 322 -14.09 21.95 5.69
CA SER A 322 -13.18 20.97 6.26
C SER A 322 -12.90 19.83 5.29
N ARG A 323 -13.93 19.38 4.57
CA ARG A 323 -13.75 18.27 3.64
C ARG A 323 -12.79 18.62 2.53
N VAL A 324 -12.91 19.83 1.97
CA VAL A 324 -11.98 20.25 0.93
C VAL A 324 -10.63 20.58 1.53
N SER A 325 -10.59 21.01 2.80
CA SER A 325 -9.32 21.24 3.48
C SER A 325 -8.55 19.93 3.66
N ARG A 326 -9.26 18.88 4.06
CA ARG A 326 -8.62 17.58 4.23
C ARG A 326 -8.26 16.96 2.88
N ALA A 327 -9.12 17.13 1.88
CA ALA A 327 -8.83 16.62 0.55
C ALA A 327 -7.64 17.32 -0.10
N ARG A 328 -7.33 18.54 0.30
CA ARG A 328 -6.15 19.27 -0.18
C ARG A 328 -4.97 19.16 0.76
N HIS A 329 -5.09 18.39 1.84
CA HIS A 329 -4.04 18.36 2.86
C HIS A 329 -2.89 17.44 2.47
N ASN A 330 -3.19 16.14 2.33
CA ASN A 330 -2.20 15.08 2.05
C ASN A 330 -0.82 15.30 2.65
N ILE B 2714 42.13 8.28 -46.61
CA ILE B 2714 40.91 7.54 -46.31
C ILE B 2714 40.73 7.38 -44.81
N ASN B 2715 39.49 7.32 -44.37
CA ASN B 2715 39.20 7.04 -42.97
C ASN B 2715 39.35 5.54 -42.71
N GLN B 2716 39.71 5.20 -41.47
CA GLN B 2716 39.96 3.80 -41.14
C GLN B 2716 38.67 2.98 -41.18
N ASP B 2717 37.51 3.64 -41.11
CA ASP B 2717 36.24 2.94 -41.27
C ASP B 2717 36.10 2.39 -42.69
N TRP B 2718 36.82 2.95 -43.65
CA TRP B 2718 36.65 2.61 -45.05
C TRP B 2718 37.54 1.45 -45.50
N LYS B 2719 38.33 0.86 -44.61
CA LYS B 2719 39.25 -0.19 -45.01
C LYS B 2719 38.51 -1.51 -45.25
N CYS B 2720 38.71 -2.05 -46.45
CA CYS B 2720 38.17 -3.36 -46.85
C CYS B 2720 36.70 -3.53 -46.46
N ASP B 2721 35.87 -2.60 -46.97
CA ASP B 2721 34.42 -2.68 -46.76
C ASP B 2721 33.67 -2.89 -48.07
N ASN B 2722 34.27 -3.59 -49.04
CA ASN B 2722 33.68 -3.87 -50.35
C ASN B 2722 33.32 -2.60 -51.11
N ASP B 2723 34.02 -1.49 -50.83
CA ASP B 2723 33.86 -0.25 -51.55
C ASP B 2723 35.23 0.36 -51.82
N ASN B 2724 35.47 0.72 -53.07
CA ASN B 2724 36.78 1.24 -53.49
C ASN B 2724 36.85 2.72 -53.12
N ASP B 2725 37.08 2.97 -51.83
CA ASP B 2725 37.18 4.34 -51.33
C ASP B 2725 38.39 5.07 -51.89
N CYS B 2726 39.52 4.37 -52.08
CA CYS B 2726 40.69 5.00 -52.67
C CYS B 2726 40.52 5.29 -54.15
N GLY B 2727 39.55 4.66 -54.80
CA GLY B 2727 39.40 4.80 -56.23
C GLY B 2727 40.30 3.90 -57.05
N ASP B 2728 41.12 3.07 -56.40
CA ASP B 2728 42.00 2.17 -57.13
C ASP B 2728 42.10 0.77 -56.51
N GLY B 2729 41.36 0.47 -55.45
CA GLY B 2729 41.39 -0.84 -54.84
C GLY B 2729 42.45 -1.03 -53.78
N SER B 2730 43.23 0.01 -53.45
CA SER B 2730 44.26 -0.13 -52.43
C SER B 2730 43.67 -0.31 -51.04
N ASP B 2731 42.54 0.33 -50.75
CA ASP B 2731 41.87 0.11 -49.46
C ASP B 2731 41.13 -1.21 -49.40
N GLU B 2732 40.81 -1.80 -50.56
CA GLU B 2732 40.20 -3.12 -50.63
C GLU B 2732 41.24 -4.22 -50.88
N LEU B 2733 42.50 -3.95 -50.57
CA LEU B 2733 43.60 -4.86 -50.82
C LEU B 2733 43.48 -6.11 -49.96
N PRO B 2734 43.42 -7.31 -50.55
CA PRO B 2734 43.17 -8.51 -49.74
C PRO B 2734 44.22 -8.82 -48.69
N THR B 2735 45.49 -8.52 -48.93
CA THR B 2735 46.47 -9.00 -47.96
C THR B 2735 46.55 -8.13 -46.69
N VAL B 2736 45.63 -7.20 -46.45
CA VAL B 2736 45.54 -6.53 -45.16
C VAL B 2736 44.26 -6.90 -44.41
N CYS B 2737 43.14 -7.08 -45.11
CA CYS B 2737 41.94 -7.55 -44.45
C CYS B 2737 41.88 -9.07 -44.39
N ALA B 2738 42.90 -9.75 -44.91
CA ALA B 2738 43.12 -11.14 -44.52
C ALA B 2738 43.59 -11.26 -43.09
N PHE B 2739 43.86 -10.10 -42.47
CA PHE B 2739 44.33 -10.08 -41.06
C PHE B 2739 43.50 -9.07 -40.27
N HIS B 2740 43.10 -7.96 -40.90
CA HIS B 2740 42.32 -6.90 -40.22
C HIS B 2740 40.97 -7.42 -39.71
N THR B 2741 40.64 -7.14 -38.45
CA THR B 2741 39.32 -7.56 -37.87
C THR B 2741 38.37 -6.37 -37.93
N CYS B 2742 37.07 -6.62 -37.93
CA CYS B 2742 36.10 -5.50 -38.10
C CYS B 2742 35.88 -4.74 -36.79
N ARG B 2743 35.15 -3.63 -36.84
CA ARG B 2743 34.83 -2.84 -35.62
C ARG B 2743 33.62 -3.50 -34.95
N SER B 2744 33.67 -3.72 -33.64
CA SER B 2744 32.59 -4.41 -32.95
C SER B 2744 31.22 -3.92 -33.41
N THR B 2745 31.13 -2.70 -33.92
CA THR B 2745 29.85 -2.11 -34.30
C THR B 2745 29.48 -2.34 -35.75
N ALA B 2746 30.18 -3.20 -36.48
CA ALA B 2746 29.94 -3.40 -37.90
C ALA B 2746 29.67 -4.86 -38.19
N PHE B 2747 28.76 -5.10 -39.14
CA PHE B 2747 28.47 -6.44 -39.62
C PHE B 2747 29.67 -6.98 -40.38
N THR B 2748 29.83 -8.30 -40.35
CA THR B 2748 30.95 -8.96 -41.02
C THR B 2748 30.40 -9.98 -42.02
N CYS B 2749 30.91 -9.91 -43.24
CA CYS B 2749 30.47 -10.82 -44.29
C CYS B 2749 31.18 -12.16 -44.15
N GLY B 2750 30.78 -13.12 -45.01
CA GLY B 2750 31.44 -14.41 -45.01
C GLY B 2750 32.88 -14.34 -45.46
N ASN B 2751 33.16 -13.47 -46.44
CA ASN B 2751 34.51 -13.31 -46.96
C ASN B 2751 35.41 -12.58 -45.96
N GLY B 2752 34.82 -12.05 -44.90
CA GLY B 2752 35.56 -11.32 -43.89
C GLY B 2752 35.59 -9.82 -44.05
N ARG B 2753 35.12 -9.30 -45.18
CA ARG B 2753 35.05 -7.84 -45.35
C ARG B 2753 33.99 -7.26 -44.44
N CYS B 2754 34.26 -6.06 -43.95
CA CYS B 2754 33.34 -5.39 -43.03
C CYS B 2754 32.28 -4.61 -43.81
N VAL B 2755 31.31 -4.09 -43.07
CA VAL B 2755 30.19 -3.35 -43.64
C VAL B 2755 29.43 -2.65 -42.52
N PRO B 2756 28.99 -1.41 -42.70
CA PRO B 2756 28.14 -0.77 -41.69
C PRO B 2756 26.89 -1.59 -41.43
N TYR B 2757 26.47 -1.64 -40.17
CA TYR B 2757 25.43 -2.59 -39.79
C TYR B 2757 24.10 -2.26 -40.44
N HIS B 2758 23.79 -0.98 -40.65
CA HIS B 2758 22.48 -0.65 -41.20
C HIS B 2758 22.32 -1.12 -42.64
N TYR B 2759 23.40 -1.55 -43.28
CA TYR B 2759 23.30 -2.22 -44.58
C TYR B 2759 22.80 -3.65 -44.47
N ARG B 2760 22.64 -4.18 -43.26
CA ARG B 2760 22.12 -5.54 -43.10
C ARG B 2760 20.65 -5.58 -43.45
N CYS B 2761 20.28 -6.43 -44.40
CA CYS B 2761 18.91 -6.59 -44.87
C CYS B 2761 18.34 -5.26 -45.32
N ASP B 2762 18.98 -4.68 -46.34
CA ASP B 2762 18.58 -3.40 -46.89
C ASP B 2762 18.20 -3.45 -48.35
N TYR B 2763 18.07 -4.65 -48.94
CA TYR B 2763 17.80 -4.88 -50.36
C TYR B 2763 18.95 -4.42 -51.24
N TYR B 2764 20.17 -4.33 -50.71
CA TYR B 2764 21.37 -4.04 -51.49
C TYR B 2764 22.44 -5.06 -51.15
N ASN B 2765 23.14 -5.53 -52.19
CA ASN B 2765 24.21 -6.51 -52.01
C ASN B 2765 25.51 -5.75 -51.77
N ASP B 2766 25.67 -5.23 -50.55
CA ASP B 2766 26.88 -4.50 -50.18
C ASP B 2766 28.03 -5.42 -49.82
N CYS B 2767 27.72 -6.60 -49.25
CA CYS B 2767 28.77 -7.51 -48.83
C CYS B 2767 29.51 -8.13 -50.00
N GLY B 2768 28.91 -8.16 -51.19
CA GLY B 2768 29.48 -8.88 -52.32
C GLY B 2768 29.04 -10.32 -52.40
N ASP B 2769 29.10 -11.04 -51.28
CA ASP B 2769 28.60 -12.41 -51.21
C ASP B 2769 27.11 -12.47 -50.91
N ASN B 2770 26.43 -11.34 -50.85
CA ASN B 2770 25.02 -11.22 -50.49
C ASN B 2770 24.72 -11.74 -49.10
N SER B 2771 25.75 -11.91 -48.25
CA SER B 2771 25.54 -12.36 -46.89
C SER B 2771 24.83 -11.31 -46.04
N ASP B 2772 24.98 -10.03 -46.37
CA ASP B 2772 24.28 -8.99 -45.62
C ASP B 2772 22.79 -9.04 -45.86
N GLU B 2773 22.34 -9.77 -46.87
CA GLU B 2773 20.93 -9.96 -47.14
C GLU B 2773 20.46 -11.38 -46.85
N ALA B 2774 21.30 -12.21 -46.24
CA ALA B 2774 20.97 -13.61 -46.05
C ALA B 2774 20.04 -13.81 -44.87
N GLY B 2775 18.97 -14.56 -45.08
CA GLY B 2775 18.07 -14.94 -44.02
C GLY B 2775 17.29 -13.80 -43.40
N CYS B 2776 16.84 -12.84 -44.21
CA CYS B 2776 16.03 -11.75 -43.70
C CYS B 2776 14.56 -12.00 -44.00
N LEU B 2777 13.71 -11.84 -42.98
CA LEU B 2777 12.27 -12.05 -43.12
C LEU B 2777 11.63 -10.80 -43.72
N PHE B 2778 11.75 -10.68 -45.04
CA PHE B 2778 11.26 -9.50 -45.72
C PHE B 2778 9.73 -9.51 -45.80
N ARG B 2779 9.19 -8.32 -46.03
CA ARG B 2779 7.76 -8.11 -46.04
C ARG B 2779 7.14 -8.64 -47.34
N ASN B 2780 5.94 -9.20 -47.23
CA ASN B 2780 5.15 -9.55 -48.39
C ASN B 2780 4.30 -8.36 -48.82
N CYS B 2781 4.09 -8.25 -50.13
CA CYS B 2781 3.31 -7.16 -50.69
C CYS B 2781 2.53 -7.69 -51.89
N ASN B 2782 1.59 -6.89 -52.37
CA ASN B 2782 0.67 -7.31 -53.42
C ASN B 2782 0.95 -6.58 -54.72
N SER B 2783 0.39 -7.10 -55.81
CA SER B 2783 0.76 -6.72 -57.16
C SER B 2783 0.59 -5.23 -57.44
N THR B 2784 -0.32 -4.55 -56.73
CA THR B 2784 -0.52 -3.13 -56.95
C THR B 2784 0.73 -2.31 -56.65
N THR B 2785 1.66 -2.87 -55.87
CA THR B 2785 2.90 -2.16 -55.55
C THR B 2785 4.11 -3.09 -55.56
N GLU B 2786 4.06 -4.17 -56.35
CA GLU B 2786 5.16 -5.13 -56.35
C GLU B 2786 5.03 -6.02 -57.59
N PHE B 2787 6.18 -6.39 -58.15
CA PHE B 2787 6.27 -7.45 -59.14
C PHE B 2787 7.15 -8.59 -58.68
N THR B 2788 7.50 -8.62 -57.39
CA THR B 2788 8.42 -9.58 -56.78
C THR B 2788 9.83 -9.45 -57.38
N CYS B 2789 10.39 -8.26 -57.19
CA CYS B 2789 11.82 -8.07 -57.46
C CYS B 2789 12.61 -9.00 -56.56
N SER B 2790 13.64 -9.63 -57.13
CA SER B 2790 14.27 -10.77 -56.46
C SER B 2790 14.84 -10.42 -55.09
N ASN B 2791 15.21 -9.16 -54.88
CA ASN B 2791 15.72 -8.76 -53.58
C ASN B 2791 14.64 -8.65 -52.51
N GLY B 2792 13.36 -8.68 -52.90
CA GLY B 2792 12.26 -8.55 -51.98
C GLY B 2792 11.64 -7.18 -51.92
N ARG B 2793 12.05 -6.25 -52.78
CA ARG B 2793 11.51 -4.91 -52.76
C ARG B 2793 10.06 -4.89 -53.23
N CYS B 2794 9.30 -3.91 -52.74
CA CYS B 2794 7.96 -3.64 -53.23
C CYS B 2794 7.98 -2.29 -53.95
N ILE B 2795 7.78 -2.33 -55.26
CA ILE B 2795 7.89 -1.14 -56.09
C ILE B 2795 6.58 -0.90 -56.84
N PRO B 2796 6.11 0.35 -56.91
CA PRO B 2796 4.71 0.59 -57.31
C PRO B 2796 4.42 0.17 -58.74
N LEU B 2797 3.12 -0.03 -59.01
CA LEU B 2797 2.67 -0.24 -60.39
C LEU B 2797 2.95 1.00 -61.22
N SER B 2798 3.14 0.78 -62.52
CA SER B 2798 3.55 1.79 -63.49
C SER B 2798 4.99 2.22 -63.22
N TYR B 2799 5.60 1.67 -62.16
CA TYR B 2799 7.03 1.80 -61.97
C TYR B 2799 7.75 0.51 -62.34
N VAL B 2800 7.01 -0.59 -62.52
CA VAL B 2800 7.55 -1.74 -63.23
C VAL B 2800 7.41 -1.51 -64.73
N CYS B 2801 8.45 -1.85 -65.48
CA CYS B 2801 8.48 -1.70 -66.93
C CYS B 2801 8.21 -0.26 -67.39
N ASN B 2802 8.53 0.74 -66.56
CA ASN B 2802 8.31 2.11 -66.98
C ASN B 2802 9.46 2.65 -67.84
N GLY B 2803 10.55 1.87 -67.96
CA GLY B 2803 11.69 2.26 -68.80
C GLY B 2803 12.98 2.45 -68.02
N ILE B 2804 12.89 2.52 -66.68
CA ILE B 2804 14.06 2.76 -65.85
C ILE B 2804 14.05 1.75 -64.70
N ASN B 2805 15.20 1.18 -64.39
CA ASN B 2805 15.33 0.29 -63.24
C ASN B 2805 15.15 1.10 -61.96
N ASN B 2806 14.37 0.56 -61.02
CA ASN B 2806 14.22 1.18 -59.71
C ASN B 2806 14.31 0.22 -58.53
N CYS B 2807 14.06 -1.08 -58.71
CA CYS B 2807 14.21 -2.04 -57.63
C CYS B 2807 15.64 -2.56 -57.51
N HIS B 2808 16.51 -2.22 -58.46
CA HIS B 2808 17.93 -2.57 -58.42
C HIS B 2808 18.15 -4.07 -58.28
N ASP B 2809 17.39 -4.85 -59.05
CA ASP B 2809 17.66 -6.28 -59.14
C ASP B 2809 19.00 -6.51 -59.82
N ASN B 2810 19.71 -7.55 -59.39
CA ASN B 2810 21.11 -7.69 -59.79
C ASN B 2810 21.20 -8.14 -61.25
N ASP B 2811 20.15 -8.79 -61.75
CA ASP B 2811 19.97 -9.06 -63.17
C ASP B 2811 19.12 -7.99 -63.86
N THR B 2812 18.79 -6.91 -63.14
CA THR B 2812 17.92 -5.85 -63.67
C THR B 2812 16.57 -6.41 -64.12
N SER B 2813 15.96 -7.25 -63.28
CA SER B 2813 14.71 -7.90 -63.63
C SER B 2813 13.51 -6.97 -63.57
N ASP B 2814 13.70 -5.72 -63.13
CA ASP B 2814 12.58 -4.79 -63.03
C ASP B 2814 11.96 -4.53 -64.40
N GLU B 2815 12.81 -4.34 -65.40
CA GLU B 2815 12.36 -3.89 -66.71
C GLU B 2815 12.33 -5.00 -67.75
N LYS B 2816 13.28 -5.93 -67.67
CA LYS B 2816 13.44 -6.93 -68.73
C LYS B 2816 12.26 -7.88 -68.83
N ASN B 2817 11.34 -7.86 -67.87
CA ASN B 2817 10.15 -8.69 -67.93
C ASN B 2817 9.19 -8.28 -69.04
N CYS B 2818 9.39 -7.13 -69.67
CA CYS B 2818 8.54 -6.63 -70.75
C CYS B 2818 9.37 -6.56 -72.03
N PRO B 2819 9.36 -7.61 -72.83
CA PRO B 2819 10.26 -7.69 -74.00
C PRO B 2819 9.98 -6.65 -75.08
N PRO B 2820 8.75 -6.56 -75.62
CA PRO B 2820 8.60 -6.02 -76.97
C PRO B 2820 8.68 -4.50 -77.09
N HIS B 2821 9.14 -3.76 -76.07
CA HIS B 2821 9.13 -2.31 -76.13
C HIS B 2821 10.44 -1.75 -76.67
N THR B 2822 10.38 -0.51 -77.17
CA THR B 2822 11.54 0.20 -77.70
C THR B 2822 11.31 1.70 -77.57
N CYS B 2823 12.42 2.45 -77.62
CA CYS B 2823 12.34 3.92 -77.40
C CYS B 2823 13.16 4.68 -78.43
N PRO B 2824 12.85 5.97 -78.70
CA PRO B 2824 13.59 6.81 -79.64
C PRO B 2824 15.04 6.98 -79.21
N PRO B 2825 15.90 7.55 -80.05
CA PRO B 2825 17.32 7.69 -79.68
C PRO B 2825 17.52 8.72 -78.57
N ASP B 2826 18.78 8.81 -78.14
CA ASP B 2826 19.25 9.64 -77.02
C ASP B 2826 18.79 8.99 -75.72
N PHE B 2827 18.04 7.89 -75.87
CA PHE B 2827 17.66 7.05 -74.72
C PHE B 2827 18.03 5.64 -75.21
N THR B 2828 19.28 5.23 -75.03
CA THR B 2828 19.80 3.97 -75.63
C THR B 2828 19.16 2.68 -75.10
N LYS B 2829 18.64 1.84 -76.00
CA LYS B 2829 18.15 0.53 -75.59
C LYS B 2829 19.36 -0.37 -75.39
N CYS B 2830 19.91 -0.34 -74.18
CA CYS B 2830 21.01 -1.25 -73.84
C CYS B 2830 20.56 -2.70 -74.06
N GLN B 2831 21.27 -3.40 -74.95
CA GLN B 2831 20.91 -4.75 -75.37
C GLN B 2831 19.49 -4.80 -75.92
N THR B 2832 18.88 -5.98 -75.91
CA THR B 2832 17.51 -6.13 -76.40
C THR B 2832 16.46 -5.75 -75.36
N THR B 2833 16.87 -5.48 -74.12
CA THR B 2833 15.91 -5.17 -73.07
C THR B 2833 15.22 -3.84 -73.34
N ASN B 2834 14.01 -3.67 -72.81
CA ASN B 2834 13.20 -2.46 -73.11
C ASN B 2834 13.85 -1.16 -72.61
N ILE B 2835 14.66 -1.21 -71.55
CA ILE B 2835 15.21 0.04 -70.96
C ILE B 2835 15.83 0.93 -72.04
N CYS B 2836 15.85 2.26 -71.82
CA CYS B 2836 16.47 3.20 -72.77
C CYS B 2836 17.23 4.27 -71.97
N VAL B 2837 18.48 3.98 -71.57
CA VAL B 2837 19.24 4.93 -70.70
C VAL B 2837 19.64 6.18 -71.49
N PRO B 2838 19.60 7.39 -70.89
CA PRO B 2838 20.07 8.60 -71.57
C PRO B 2838 21.47 8.41 -72.15
N ARG B 2839 21.74 9.01 -73.31
CA ARG B 2839 23.04 8.83 -73.96
C ARG B 2839 24.18 9.45 -73.17
N ALA B 2840 23.91 10.49 -72.38
CA ALA B 2840 24.94 11.13 -71.57
C ALA B 2840 25.59 10.18 -70.58
N PHE B 2841 24.91 9.11 -70.17
CA PHE B 2841 25.52 8.13 -69.28
C PHE B 2841 26.52 7.26 -70.04
N LEU B 2842 26.32 7.08 -71.35
CA LEU B 2842 27.25 6.30 -72.14
C LEU B 2842 28.60 7.00 -72.22
N CYS B 2843 29.66 6.25 -71.93
CA CYS B 2843 31.05 6.75 -71.95
C CYS B 2843 31.26 7.90 -70.98
N ASP B 2844 30.53 7.90 -69.85
CA ASP B 2844 30.81 8.85 -68.79
C ASP B 2844 31.79 8.30 -67.76
N GLY B 2845 32.19 7.03 -67.90
CA GLY B 2845 33.05 6.37 -66.93
C GLY B 2845 32.33 5.48 -65.95
N ASP B 2846 31.00 5.53 -65.89
CA ASP B 2846 30.21 4.76 -64.93
C ASP B 2846 29.28 3.83 -65.68
N ASN B 2847 29.27 2.56 -65.27
CA ASN B 2847 28.34 1.57 -65.83
C ASN B 2847 27.02 1.64 -65.07
N ASP B 2848 26.12 2.54 -65.50
CA ASP B 2848 24.87 2.70 -64.76
C ASP B 2848 23.62 2.54 -65.63
N CYS B 2849 23.71 1.97 -66.83
CA CYS B 2849 22.50 1.56 -67.53
C CYS B 2849 21.85 0.34 -66.88
N GLY B 2850 22.58 -0.36 -66.03
CA GLY B 2850 22.12 -1.63 -65.47
C GLY B 2850 22.51 -2.80 -66.35
N ASP B 2851 22.34 -2.64 -67.66
CA ASP B 2851 22.82 -3.64 -68.61
C ASP B 2851 24.31 -3.46 -68.88
N GLY B 2852 24.81 -4.19 -69.87
CA GLY B 2852 26.21 -4.07 -70.24
C GLY B 2852 26.55 -2.81 -71.01
N SER B 2853 25.57 -2.26 -71.73
CA SER B 2853 25.84 -1.18 -72.68
C SER B 2853 26.00 0.17 -72.00
N ASP B 2854 27.08 0.35 -71.23
CA ASP B 2854 27.47 1.68 -70.79
C ASP B 2854 28.94 1.95 -71.10
N GLU B 2855 29.78 0.91 -70.93
CA GLU B 2855 31.19 1.01 -71.28
C GLU B 2855 31.75 -0.23 -71.96
N ASN B 2856 30.96 -1.27 -72.18
CA ASN B 2856 31.44 -2.44 -72.89
C ASN B 2856 31.69 -2.10 -74.36
N PRO B 2857 32.51 -2.89 -75.06
CA PRO B 2857 33.14 -2.39 -76.30
C PRO B 2857 32.18 -1.98 -77.41
N ILE B 2858 30.86 -2.06 -77.23
CA ILE B 2858 29.96 -1.53 -78.26
C ILE B 2858 30.07 -0.02 -78.38
N TYR B 2859 30.69 0.64 -77.40
CA TYR B 2859 31.00 2.06 -77.47
C TYR B 2859 32.03 2.37 -76.39
N CYS B 2860 32.57 3.59 -76.45
CA CYS B 2860 33.53 4.11 -75.47
C CYS B 2860 34.86 3.40 -75.56
N ALA B 2861 35.04 2.55 -76.57
CA ALA B 2861 36.33 1.88 -76.76
C ALA B 2861 37.36 2.82 -77.36
N SER B 2862 37.09 3.36 -78.55
CA SER B 2862 38.00 4.29 -79.19
C SER B 2862 37.25 5.45 -79.84
N HIS B 2863 35.92 5.32 -79.96
CA HIS B 2863 35.10 6.36 -80.57
C HIS B 2863 34.71 7.42 -79.54
N THR B 2864 35.70 8.00 -78.87
CA THR B 2864 35.43 9.03 -77.86
C THR B 2864 36.64 9.95 -77.70
N LYS C 186 -49.94 35.56 -6.85
CA LYS C 186 -48.57 35.61 -7.32
C LYS C 186 -47.68 34.68 -6.49
N GLU C 187 -46.69 34.07 -7.14
CA GLU C 187 -45.83 33.07 -6.50
C GLU C 187 -46.67 31.94 -5.91
N PHE C 188 -46.10 31.21 -4.97
CA PHE C 188 -46.88 30.23 -4.22
C PHE C 188 -47.67 30.96 -3.14
N GLU C 189 -48.99 31.04 -3.31
CA GLU C 189 -49.84 31.63 -2.28
C GLU C 189 -49.88 30.68 -1.08
N CYS C 190 -49.29 31.12 0.03
CA CYS C 190 -49.23 30.29 1.23
C CYS C 190 -50.62 30.05 1.79
N GLY C 191 -50.68 29.19 2.82
CA GLY C 191 -51.95 28.84 3.42
C GLY C 191 -52.71 30.00 4.02
N SER C 192 -52.01 31.11 4.32
CA SER C 192 -52.65 32.30 4.85
C SER C 192 -52.36 33.54 4.00
N GLY C 193 -52.17 33.36 2.70
CA GLY C 193 -52.01 34.48 1.79
C GLY C 193 -50.65 35.16 1.84
N GLU C 194 -49.61 34.47 1.41
CA GLU C 194 -48.28 35.07 1.34
C GLU C 194 -47.61 34.64 0.03
N CYS C 195 -46.68 35.46 -0.44
CA CYS C 195 -45.97 35.20 -1.69
C CYS C 195 -44.70 34.40 -1.40
N ILE C 196 -44.91 33.18 -0.91
CA ILE C 196 -43.80 32.29 -0.58
C ILE C 196 -43.10 31.86 -1.87
N LEU C 197 -41.77 31.84 -1.83
CA LEU C 197 -40.98 31.46 -3.00
C LEU C 197 -41.26 30.01 -3.39
N ARG C 198 -41.03 29.70 -4.67
CA ARG C 198 -41.35 28.38 -5.21
C ARG C 198 -40.52 27.29 -4.53
N ALA C 199 -39.24 27.54 -4.28
CA ALA C 199 -38.37 26.52 -3.73
C ALA C 199 -38.49 26.36 -2.22
N TYR C 200 -39.21 27.26 -1.54
CA TYR C 200 -39.37 27.13 -0.10
C TYR C 200 -40.34 26.02 0.28
N VAL C 201 -41.41 25.83 -0.48
CA VAL C 201 -42.35 24.76 -0.16
C VAL C 201 -41.67 23.42 -0.34
N CYS C 202 -41.87 22.53 0.64
CA CYS C 202 -41.33 21.18 0.63
C CYS C 202 -39.80 21.19 0.58
N ASP C 203 -39.22 21.95 1.49
CA ASP C 203 -37.77 21.94 1.72
C ASP C 203 -37.46 21.48 3.15
N HIS C 204 -38.38 20.72 3.74
CA HIS C 204 -38.24 20.15 5.07
C HIS C 204 -38.17 21.23 6.15
N ASP C 205 -38.74 22.39 5.87
CA ASP C 205 -38.68 23.52 6.80
C ASP C 205 -40.07 24.14 6.93
N ASN C 206 -40.39 24.59 8.13
CA ASN C 206 -41.67 25.24 8.39
C ASN C 206 -41.58 26.69 7.93
N ASP C 207 -42.07 26.97 6.74
CA ASP C 207 -42.03 28.31 6.15
C ASP C 207 -43.36 29.05 6.22
N CYS C 208 -44.47 28.37 5.95
CA CYS C 208 -45.77 29.01 6.03
C CYS C 208 -46.10 29.36 7.48
N GLU C 209 -46.87 30.45 7.65
CA GLU C 209 -47.21 30.92 8.99
C GLU C 209 -48.21 30.00 9.69
N ASP C 210 -49.00 29.24 8.94
CA ASP C 210 -49.96 28.31 9.53
C ASP C 210 -49.48 26.86 9.47
N ASN C 211 -48.21 26.65 9.15
CA ASN C 211 -47.61 25.31 9.09
C ASN C 211 -48.34 24.43 8.07
N SER C 212 -48.36 24.91 6.82
CA SER C 212 -49.05 24.20 5.76
C SER C 212 -48.30 24.23 4.42
N ASP C 213 -46.99 24.50 4.42
CA ASP C 213 -46.27 24.69 3.17
C ASP C 213 -45.72 23.41 2.58
N GLU C 214 -45.82 22.28 3.28
CA GLU C 214 -45.20 21.03 2.82
C GLU C 214 -46.14 19.85 2.85
N ARG C 215 -47.44 20.08 3.05
CA ARG C 215 -48.37 18.97 3.24
C ARG C 215 -48.69 18.24 1.94
N ASN C 216 -48.88 18.98 0.86
CA ASN C 216 -49.50 18.44 -0.35
C ASN C 216 -48.53 17.78 -1.31
N CYS C 217 -47.23 17.82 -1.04
CA CYS C 217 -46.26 17.20 -1.94
C CYS C 217 -45.70 15.92 -1.31
N ASN C 218 -44.74 15.29 -1.99
CA ASN C 218 -43.99 14.18 -1.44
C ASN C 218 -42.50 14.45 -1.60
N TYR C 219 -41.71 13.80 -0.76
CA TYR C 219 -40.28 14.02 -0.70
C TYR C 219 -39.54 12.90 -1.42
N ASP C 220 -38.21 13.00 -1.44
CA ASP C 220 -37.37 11.88 -1.83
C ASP C 220 -37.06 11.01 -0.61
N THR C 221 -36.51 9.83 -0.92
CA THR C 221 -36.04 8.97 0.18
C THR C 221 -34.52 9.17 0.23
N CYS C 222 -33.87 8.71 1.28
CA CYS C 222 -32.45 8.89 1.51
C CYS C 222 -31.66 7.74 0.92
N GLY C 223 -30.55 8.09 0.28
CA GLY C 223 -29.67 7.06 -0.29
C GLY C 223 -28.86 6.38 0.78
N GLY C 224 -28.10 5.36 0.41
CA GLY C 224 -27.33 4.58 1.36
C GLY C 224 -26.35 5.39 2.17
N HIS C 225 -25.93 6.54 1.66
CA HIS C 225 -24.96 7.39 2.33
C HIS C 225 -25.60 8.47 3.21
N GLN C 226 -26.91 8.42 3.39
CA GLN C 226 -27.62 9.45 4.14
C GLN C 226 -28.46 8.82 5.24
N PHE C 227 -28.84 9.66 6.20
CA PHE C 227 -29.64 9.25 7.35
C PHE C 227 -31.00 9.94 7.30
N THR C 228 -32.07 9.14 7.37
CA THR C 228 -33.43 9.67 7.39
C THR C 228 -33.76 10.04 8.83
N CYS C 229 -34.14 11.30 9.04
CA CYS C 229 -34.26 11.84 10.40
C CYS C 229 -35.71 12.06 10.81
N SER C 230 -36.57 11.10 10.46
CA SER C 230 -37.96 11.01 10.92
C SER C 230 -38.84 12.10 10.34
N ASN C 231 -38.24 13.08 9.66
CA ASN C 231 -39.02 14.09 8.95
C ASN C 231 -38.88 13.96 7.44
N GLY C 232 -38.19 12.93 6.97
CA GLY C 232 -37.85 12.82 5.57
C GLY C 232 -36.59 13.56 5.18
N GLN C 233 -36.00 14.33 6.10
CA GLN C 233 -34.81 15.10 5.80
C GLN C 233 -33.59 14.22 5.80
N CYS C 234 -32.97 14.07 4.63
CA CYS C 234 -31.74 13.29 4.52
C CYS C 234 -30.53 14.14 4.86
N ILE C 235 -29.72 13.65 5.79
CA ILE C 235 -28.50 14.32 6.20
C ILE C 235 -27.34 13.36 5.95
N ASN C 236 -26.14 13.91 5.86
CA ASN C 236 -24.97 13.11 5.56
C ASN C 236 -24.73 12.07 6.66
N GLN C 237 -24.26 10.89 6.25
CA GLN C 237 -24.01 9.83 7.22
C GLN C 237 -22.99 10.26 8.26
N ASN C 238 -22.07 11.15 7.88
CA ASN C 238 -21.07 11.65 8.82
C ASN C 238 -21.68 12.56 9.88
N TRP C 239 -22.85 13.13 9.63
CA TRP C 239 -23.47 14.01 10.60
C TRP C 239 -24.14 13.25 11.74
N VAL C 240 -24.26 11.93 11.63
CA VAL C 240 -24.89 11.15 12.70
C VAL C 240 -23.93 11.06 13.88
N CYS C 241 -24.38 11.58 15.02
CA CYS C 241 -23.62 11.52 16.26
C CYS C 241 -22.23 12.16 16.12
N ASP C 242 -22.20 13.30 15.44
CA ASP C 242 -21.03 14.17 15.48
C ASP C 242 -21.03 15.08 16.70
N GLY C 243 -21.94 14.86 17.65
CA GLY C 243 -22.06 15.71 18.81
C GLY C 243 -23.00 16.89 18.63
N ASP C 244 -23.57 17.07 17.45
CA ASP C 244 -24.36 18.24 17.11
C ASP C 244 -25.73 17.82 16.62
N ASP C 245 -26.78 18.33 17.26
CA ASP C 245 -28.14 18.02 16.82
C ASP C 245 -28.39 18.63 15.46
N ASP C 246 -29.01 17.86 14.56
CA ASP C 246 -29.16 18.25 13.17
C ASP C 246 -30.60 18.26 12.69
N CYS C 247 -31.56 17.81 13.50
CA CYS C 247 -32.94 17.71 13.03
C CYS C 247 -33.96 18.23 14.03
N GLN C 248 -33.57 19.11 14.96
CA GLN C 248 -34.45 19.65 16.02
C GLN C 248 -35.26 18.56 16.70
N ASP C 249 -34.76 17.32 16.65
CA ASP C 249 -35.41 16.18 17.30
C ASP C 249 -34.38 15.32 18.01
N SER C 250 -33.10 15.61 17.77
CA SER C 250 -31.98 14.79 18.24
C SER C 250 -32.09 13.36 17.74
N GLY C 251 -32.67 13.17 16.55
CA GLY C 251 -32.84 11.83 16.03
C GLY C 251 -31.53 11.18 15.62
N ASP C 252 -30.52 11.99 15.32
CA ASP C 252 -29.21 11.48 14.93
C ASP C 252 -28.19 11.53 16.06
N GLU C 253 -28.63 11.88 17.28
CA GLU C 253 -27.81 11.72 18.48
C GLU C 253 -28.57 10.96 19.56
N ASP C 254 -29.33 9.93 19.18
CA ASP C 254 -30.17 9.21 20.13
C ASP C 254 -29.36 8.23 20.96
N GLY C 255 -28.57 8.76 21.90
CA GLY C 255 -27.86 7.92 22.84
C GLY C 255 -26.75 7.07 22.26
N CYS C 256 -25.87 7.68 21.47
CA CYS C 256 -24.74 6.93 20.92
C CYS C 256 -23.55 6.89 21.85
N GLU C 257 -23.75 7.15 23.13
CA GLU C 257 -22.78 6.80 24.15
C GLU C 257 -23.50 5.95 25.19
N SER C 258 -22.84 4.89 25.65
CA SER C 258 -23.52 3.91 26.48
C SER C 258 -23.15 4.08 27.94
N ASN C 259 -24.04 3.56 28.80
CA ASN C 259 -23.84 3.60 30.26
C ASN C 259 -23.66 5.03 30.74
N GLN C 260 -24.72 5.83 30.58
CA GLN C 260 -24.67 7.26 30.81
C GLN C 260 -25.42 7.65 32.08
N SER C 261 -25.53 8.96 32.30
CA SER C 261 -26.22 9.48 33.47
C SER C 261 -27.72 9.63 33.23
N HIS C 262 -28.13 9.85 31.98
CA HIS C 262 -29.53 10.04 31.64
C HIS C 262 -30.27 8.70 31.69
N HIS C 263 -30.44 8.18 32.90
CA HIS C 263 -31.13 6.92 33.07
C HIS C 263 -32.62 7.06 32.80
N ARG C 264 -33.33 7.84 33.62
CA ARG C 264 -34.78 7.96 33.55
C ARG C 264 -35.39 6.57 33.41
N CYS C 265 -35.21 5.74 34.43
CA CYS C 265 -35.30 4.30 34.28
C CYS C 265 -36.73 3.85 33.97
N TYR C 266 -36.81 2.68 33.36
CA TYR C 266 -37.98 2.08 32.74
C TYR C 266 -39.00 1.69 33.81
N PRO C 267 -40.24 1.33 33.44
CA PRO C 267 -41.24 0.98 34.46
C PRO C 267 -40.79 -0.15 35.37
N ARG C 268 -41.20 -0.09 36.64
CA ARG C 268 -40.81 -1.07 37.65
C ARG C 268 -39.29 -1.14 37.82
N GLU C 269 -38.65 0.03 37.85
CA GLU C 269 -37.21 0.13 38.08
C GLU C 269 -36.93 1.30 39.01
N TRP C 270 -35.77 1.26 39.67
CA TRP C 270 -35.39 2.27 40.63
C TRP C 270 -33.86 2.34 40.69
N ALA C 271 -33.35 3.54 40.99
CA ALA C 271 -31.91 3.80 40.97
C ALA C 271 -31.36 3.94 42.37
N CYS C 272 -30.35 3.13 42.68
CA CYS C 272 -29.63 3.25 43.94
C CYS C 272 -28.62 4.41 43.86
N PRO C 273 -28.67 5.38 44.78
CA PRO C 273 -27.92 6.64 44.58
C PRO C 273 -26.41 6.46 44.44
N GLY C 274 -25.85 5.32 44.86
CA GLY C 274 -24.41 5.20 44.91
C GLY C 274 -23.72 5.07 43.57
N SER C 275 -24.46 4.74 42.52
CA SER C 275 -23.86 4.52 41.21
C SER C 275 -24.89 4.74 40.13
N GLY C 276 -24.41 4.80 38.89
CA GLY C 276 -25.29 4.92 37.74
C GLY C 276 -25.89 3.59 37.33
N ARG C 277 -26.67 2.98 38.23
CA ARG C 277 -27.28 1.68 38.01
C ARG C 277 -28.74 1.73 38.40
N CYS C 278 -29.57 1.00 37.66
CA CYS C 278 -30.99 0.85 37.99
C CYS C 278 -31.35 -0.61 38.14
N ILE C 279 -32.18 -0.90 39.14
CA ILE C 279 -32.56 -2.25 39.51
C ILE C 279 -34.07 -2.34 39.61
N SER C 280 -34.63 -3.43 39.11
CA SER C 280 -36.07 -3.62 39.11
C SER C 280 -36.61 -3.74 40.53
N ILE C 281 -37.88 -3.37 40.70
CA ILE C 281 -38.50 -3.31 42.02
C ILE C 281 -38.54 -4.68 42.68
N ASP C 282 -38.71 -5.74 41.89
CA ASP C 282 -38.73 -7.09 42.46
C ASP C 282 -37.39 -7.48 43.09
N LYS C 283 -36.32 -6.76 42.76
CA LYS C 283 -35.04 -6.92 43.43
C LYS C 283 -34.83 -5.88 44.51
N VAL C 284 -35.22 -4.63 44.26
CA VAL C 284 -35.02 -3.54 45.21
C VAL C 284 -35.61 -3.87 46.56
N CYS C 285 -34.76 -3.91 47.59
CA CYS C 285 -35.15 -4.18 48.98
C CYS C 285 -35.89 -5.49 49.13
N ASP C 286 -35.51 -6.52 48.38
CA ASP C 286 -36.10 -7.84 48.56
C ASP C 286 -35.41 -8.64 49.66
N GLY C 287 -34.44 -8.04 50.36
CA GLY C 287 -33.67 -8.72 51.39
C GLY C 287 -32.28 -9.11 50.97
N VAL C 288 -31.96 -9.06 49.68
CA VAL C 288 -30.64 -9.45 49.16
C VAL C 288 -30.03 -8.26 48.43
N PRO C 289 -28.76 -7.92 48.68
CA PRO C 289 -28.12 -6.81 47.95
C PRO C 289 -28.06 -7.06 46.45
N ASP C 290 -28.66 -6.17 45.66
CA ASP C 290 -28.74 -6.39 44.23
C ASP C 290 -27.95 -5.37 43.42
N CYS C 291 -27.92 -4.10 43.86
CA CYS C 291 -26.85 -3.20 43.46
C CYS C 291 -25.60 -3.73 44.15
N PRO C 292 -24.47 -3.95 43.46
CA PRO C 292 -23.34 -4.62 44.10
C PRO C 292 -22.85 -3.94 45.38
N GLU C 293 -23.02 -2.63 45.51
CA GLU C 293 -22.57 -1.92 46.70
C GLU C 293 -23.49 -2.10 47.90
N GLY C 294 -24.53 -2.91 47.79
CA GLY C 294 -25.51 -3.00 48.85
C GLY C 294 -26.43 -1.80 48.95
N ASP C 295 -26.52 -0.99 47.90
CA ASP C 295 -27.27 0.25 47.90
C ASP C 295 -28.76 0.05 47.68
N ASP C 296 -29.24 -1.19 47.74
CA ASP C 296 -30.67 -1.49 47.70
C ASP C 296 -31.12 -2.28 48.92
N GLU C 297 -30.29 -2.32 49.96
CA GLU C 297 -30.64 -2.95 51.23
C GLU C 297 -30.27 -2.01 52.36
N ASN C 298 -30.52 -2.46 53.59
CA ASN C 298 -30.30 -1.62 54.75
C ASN C 298 -28.83 -1.26 54.91
N ASN C 299 -28.56 0.03 55.09
CA ASN C 299 -27.22 0.56 55.34
C ASN C 299 -27.33 1.51 56.54
N VAL C 300 -27.21 0.93 57.74
CA VAL C 300 -27.33 1.71 58.96
C VAL C 300 -26.17 2.68 59.11
N THR C 301 -24.99 2.33 58.59
CA THR C 301 -23.84 3.24 58.68
C THR C 301 -24.12 4.56 57.99
N SER C 302 -24.94 4.56 56.94
CA SER C 302 -25.39 5.79 56.29
C SER C 302 -26.78 6.20 56.74
N GLY C 303 -27.35 5.52 57.74
CA GLY C 303 -28.67 5.84 58.22
C GLY C 303 -29.78 5.57 57.24
N ARG C 304 -29.71 4.46 56.50
CA ARG C 304 -30.71 4.11 55.50
C ARG C 304 -31.29 2.74 55.80
N THR C 305 -32.62 2.63 55.70
CA THR C 305 -33.32 1.38 55.90
C THR C 305 -34.38 1.23 54.81
N CYS C 306 -34.74 -0.02 54.52
CA CYS C 306 -35.75 -0.32 53.51
C CYS C 306 -37.13 -0.05 54.13
N GLY C 307 -37.55 1.21 54.04
CA GLY C 307 -38.79 1.63 54.67
C GLY C 307 -39.99 1.59 53.75
N MET C 308 -41.17 1.77 54.35
CA MET C 308 -42.43 1.76 53.62
C MET C 308 -43.39 2.85 54.07
N GLY C 309 -42.95 3.78 54.93
CA GLY C 309 -43.88 4.72 55.53
C GLY C 309 -44.27 5.87 54.62
N VAL C 310 -43.53 6.07 53.54
CA VAL C 310 -43.79 7.21 52.66
C VAL C 310 -45.14 7.08 51.96
N CYS C 311 -45.58 5.84 51.67
CA CYS C 311 -46.85 5.65 50.98
C CYS C 311 -48.02 6.26 51.75
N SER C 312 -47.88 6.38 53.08
CA SER C 312 -48.97 6.87 53.91
C SER C 312 -49.33 8.32 53.62
N VAL C 313 -48.38 9.12 53.13
CA VAL C 313 -48.64 10.54 52.88
C VAL C 313 -48.46 10.83 51.40
N LEU C 314 -47.60 10.06 50.73
CA LEU C 314 -47.44 10.24 49.29
C LEU C 314 -48.67 9.75 48.52
N ASN C 315 -49.39 8.76 49.06
CA ASN C 315 -50.68 8.34 48.52
C ASN C 315 -50.56 7.93 47.06
N CYS C 316 -49.85 6.83 46.84
CA CYS C 316 -49.55 6.36 45.49
C CYS C 316 -50.82 6.09 44.69
N GLU C 317 -50.76 6.41 43.40
CA GLU C 317 -51.88 6.18 42.50
C GLU C 317 -52.17 4.71 42.30
N TYR C 318 -51.15 3.86 42.21
CA TYR C 318 -51.39 2.44 41.91
C TYR C 318 -50.78 1.48 42.93
N GLN C 319 -49.56 1.74 43.38
CA GLN C 319 -48.84 0.74 44.15
C GLN C 319 -47.66 1.40 44.86
N CYS C 320 -47.11 0.68 45.84
CA CYS C 320 -45.97 1.16 46.62
C CYS C 320 -45.00 0.00 46.85
N HIS C 321 -43.75 0.37 47.14
CA HIS C 321 -42.70 -0.61 47.39
C HIS C 321 -41.70 -0.01 48.36
N GLN C 322 -40.81 -0.86 48.88
CA GLN C 322 -39.83 -0.43 49.87
C GLN C 322 -38.52 -0.05 49.22
N THR C 323 -37.94 1.06 49.68
CA THR C 323 -36.66 1.57 49.19
C THR C 323 -35.86 2.08 50.38
N PRO C 324 -34.54 2.25 50.21
CA PRO C 324 -33.74 2.85 51.30
C PRO C 324 -34.16 4.27 51.64
N PHE C 325 -34.98 4.88 50.79
CA PHE C 325 -35.61 6.16 51.10
C PHE C 325 -36.92 6.03 51.84
N GLY C 326 -37.72 5.02 51.53
CA GLY C 326 -39.02 4.83 52.12
C GLY C 326 -39.94 4.13 51.14
N GLY C 327 -41.24 4.30 51.35
CA GLY C 327 -42.22 3.73 50.45
C GLY C 327 -42.29 4.44 49.12
N GLU C 328 -41.88 3.78 48.05
CA GLU C 328 -41.80 4.39 46.73
C GLU C 328 -43.00 3.99 45.88
N CYS C 329 -43.64 4.98 45.27
CA CYS C 329 -44.83 4.73 44.48
C CYS C 329 -44.46 4.15 43.11
N PHE C 330 -45.28 3.24 42.62
CA PHE C 330 -45.07 2.62 41.32
C PHE C 330 -46.41 2.36 40.66
N CYS C 331 -46.36 2.17 39.34
CA CYS C 331 -47.54 2.03 38.51
C CYS C 331 -47.30 0.91 37.50
N PRO C 332 -48.36 0.31 36.96
CA PRO C 332 -48.21 -0.94 36.20
C PRO C 332 -47.42 -0.72 34.92
N PRO C 333 -46.97 -1.80 34.27
CA PRO C 333 -46.18 -1.66 33.03
C PRO C 333 -46.99 -0.95 31.94
N GLY C 334 -46.25 -0.35 31.00
CA GLY C 334 -46.85 0.55 30.05
C GLY C 334 -47.00 1.97 30.55
N HIS C 335 -46.54 2.24 31.77
CA HIS C 335 -46.63 3.56 32.36
C HIS C 335 -45.49 3.73 33.35
N ILE C 336 -45.05 4.98 33.54
CA ILE C 336 -43.94 5.29 34.44
C ILE C 336 -44.32 6.44 35.37
N ILE C 337 -43.66 6.45 36.52
CA ILE C 337 -43.94 7.46 37.55
C ILE C 337 -43.62 8.84 37.01
N ASN C 338 -44.59 9.75 37.12
CA ASN C 338 -44.39 11.13 36.69
C ASN C 338 -43.33 11.79 37.55
N SER C 339 -42.44 12.56 36.93
CA SER C 339 -41.30 13.15 37.62
C SER C 339 -41.59 14.49 38.27
N ASN C 340 -42.75 15.10 37.99
CA ASN C 340 -43.10 16.35 38.66
C ASN C 340 -43.31 16.11 40.15
N ASP C 341 -44.00 15.03 40.50
CA ASP C 341 -44.58 14.87 41.83
C ASP C 341 -44.16 13.57 42.50
N SER C 342 -43.92 12.53 41.69
CA SER C 342 -43.66 11.16 42.13
C SER C 342 -44.87 10.51 42.79
N ARG C 343 -46.07 11.06 42.59
CA ARG C 343 -47.30 10.41 43.03
C ARG C 343 -48.19 10.00 41.86
N THR C 344 -48.18 10.78 40.77
CA THR C 344 -48.90 10.42 39.56
C THR C 344 -48.01 9.59 38.65
N CYS C 345 -48.65 9.00 37.63
CA CYS C 345 -47.96 8.15 36.67
C CYS C 345 -48.49 8.45 35.28
N ILE C 346 -47.61 8.33 34.28
CA ILE C 346 -47.92 8.76 32.92
C ILE C 346 -47.73 7.61 31.95
N ASP C 347 -48.46 7.68 30.83
CA ASP C 347 -48.38 6.67 29.78
C ASP C 347 -46.96 6.59 29.23
N PHE C 348 -46.46 5.37 29.10
CA PHE C 348 -45.09 5.12 28.66
C PHE C 348 -45.07 4.01 27.61
N ASP C 349 -44.07 4.03 26.75
CA ASP C 349 -43.94 3.05 25.67
C ASP C 349 -43.20 1.83 26.19
N ASP C 350 -43.91 0.70 26.28
CA ASP C 350 -43.28 -0.54 26.72
C ASP C 350 -42.24 -1.03 25.72
N CYS C 351 -42.40 -0.68 24.44
CA CYS C 351 -41.48 -1.15 23.41
C CYS C 351 -40.10 -0.52 23.51
N GLN C 352 -39.93 0.52 24.32
CA GLN C 352 -38.65 1.21 24.41
C GLN C 352 -37.68 0.58 25.41
N ILE C 353 -38.13 -0.38 26.21
CA ILE C 353 -37.22 -1.02 27.16
C ILE C 353 -36.33 -2.01 26.40
N TRP C 354 -35.06 -2.04 26.76
CA TRP C 354 -34.10 -2.86 26.04
C TRP C 354 -34.32 -4.33 26.34
N GLY C 355 -34.81 -5.07 25.34
CA GLY C 355 -35.09 -6.49 25.50
C GLY C 355 -36.52 -6.85 25.81
N ILE C 356 -37.48 -5.95 25.54
CA ILE C 356 -38.89 -6.26 25.78
C ILE C 356 -39.33 -7.44 24.91
N CYS C 357 -38.86 -7.49 23.66
CA CYS C 357 -39.19 -8.57 22.75
C CYS C 357 -38.00 -8.81 21.84
N ASP C 358 -37.82 -10.05 21.43
CA ASP C 358 -36.87 -10.32 20.37
C ASP C 358 -37.38 -9.72 19.07
N GLN C 359 -36.44 -9.35 18.20
CA GLN C 359 -36.75 -8.72 16.92
C GLN C 359 -37.55 -7.44 17.12
N LYS C 360 -38.83 -7.44 16.75
CA LYS C 360 -39.61 -6.22 16.69
C LYS C 360 -40.91 -6.36 17.47
N CYS C 361 -41.44 -5.22 17.90
CA CYS C 361 -42.70 -5.14 18.60
C CYS C 361 -43.50 -3.96 18.06
N GLU C 362 -44.82 -4.02 18.21
CA GLU C 362 -45.72 -3.01 17.66
C GLU C 362 -46.86 -2.78 18.64
N ASN C 363 -47.91 -2.11 18.14
CA ASN C 363 -49.19 -1.98 18.85
C ASN C 363 -49.04 -1.29 20.20
N ARG C 364 -48.63 -0.02 20.17
CA ARG C 364 -48.52 0.78 21.39
C ARG C 364 -49.86 0.91 22.10
N GLN C 365 -50.93 1.17 21.34
CA GLN C 365 -52.24 1.36 21.95
C GLN C 365 -52.83 0.05 22.47
N GLY C 366 -52.57 -1.06 21.80
CA GLY C 366 -53.11 -2.34 22.21
C GLY C 366 -52.13 -3.15 23.03
N ARG C 367 -51.36 -2.47 23.89
CA ARG C 367 -50.39 -3.08 24.79
C ARG C 367 -49.22 -3.70 24.01
N HIS C 368 -48.07 -3.83 24.66
CA HIS C 368 -46.90 -4.35 23.99
C HIS C 368 -47.12 -5.80 23.57
N GLN C 369 -46.70 -6.12 22.35
CA GLN C 369 -46.76 -7.47 21.85
C GLN C 369 -45.62 -7.68 20.86
N CYS C 370 -45.09 -8.88 20.84
CA CYS C 370 -43.89 -9.18 20.07
C CYS C 370 -44.26 -9.82 18.73
N LEU C 371 -43.56 -9.39 17.69
CA LEU C 371 -43.73 -9.94 16.35
C LEU C 371 -42.46 -10.64 15.93
N CYS C 372 -42.62 -11.85 15.39
CA CYS C 372 -41.52 -12.64 14.87
C CYS C 372 -41.66 -12.75 13.36
N GLU C 373 -40.58 -12.48 12.64
CA GLU C 373 -40.64 -12.42 11.19
C GLU C 373 -40.80 -13.82 10.59
N GLU C 374 -40.78 -13.86 9.27
CA GLU C 374 -41.00 -15.11 8.55
C GLU C 374 -39.91 -16.11 8.88
N GLY C 375 -40.31 -17.37 9.12
CA GLY C 375 -39.42 -18.38 9.62
C GLY C 375 -39.28 -18.40 11.13
N TYR C 376 -39.93 -17.48 11.82
CA TYR C 376 -39.87 -17.38 13.27
C TYR C 376 -41.27 -17.50 13.86
N ILE C 377 -41.36 -18.18 15.00
CA ILE C 377 -42.64 -18.39 15.69
C ILE C 377 -42.47 -17.98 17.15
N LEU C 378 -43.52 -17.36 17.69
CA LEU C 378 -43.48 -16.94 19.09
C LEU C 378 -43.66 -18.12 20.02
N GLU C 379 -42.70 -18.32 20.91
CA GLU C 379 -42.79 -19.33 21.96
C GLU C 379 -42.67 -18.65 23.32
N ARG C 380 -43.55 -19.05 24.25
CA ARG C 380 -43.50 -18.57 25.62
C ARG C 380 -43.77 -17.07 25.69
N GLY C 381 -44.04 -16.44 24.54
CA GLY C 381 -44.04 -15.00 24.45
C GLY C 381 -42.61 -14.48 24.39
N GLN C 382 -42.42 -13.31 23.77
CA GLN C 382 -41.19 -12.54 23.78
C GLN C 382 -39.98 -13.30 23.26
N HIS C 383 -40.18 -14.52 22.76
CA HIS C 383 -39.07 -15.37 22.32
C HIS C 383 -39.34 -15.86 20.90
N CYS C 384 -38.71 -15.21 19.93
CA CYS C 384 -38.75 -15.72 18.56
C CYS C 384 -37.94 -17.02 18.48
N LYS C 385 -38.47 -17.96 17.71
CA LYS C 385 -37.86 -19.28 17.61
C LYS C 385 -37.86 -19.72 16.15
N SER C 386 -36.78 -20.38 15.73
CA SER C 386 -36.66 -20.81 14.34
C SER C 386 -37.76 -21.81 13.99
N SER C 387 -38.23 -21.74 12.75
CA SER C 387 -39.29 -22.63 12.30
C SER C 387 -38.79 -24.06 12.21
N ASP C 388 -39.72 -25.01 12.40
CA ASP C 388 -39.39 -26.42 12.29
C ASP C 388 -38.99 -26.80 10.87
N SER C 389 -39.41 -26.01 9.87
CA SER C 389 -39.14 -26.33 8.48
C SER C 389 -37.66 -26.23 8.12
N PHE C 390 -36.83 -25.66 8.98
CA PHE C 390 -35.42 -25.48 8.72
C PHE C 390 -34.61 -26.53 9.47
N SER C 391 -33.45 -26.86 8.92
CA SER C 391 -32.58 -27.86 9.53
C SER C 391 -32.10 -27.38 10.89
N ALA C 392 -31.61 -28.33 11.70
CA ALA C 392 -31.20 -28.02 13.06
C ALA C 392 -30.03 -27.04 13.05
N ALA C 393 -30.14 -26.01 13.89
CA ALA C 393 -29.08 -25.02 13.99
C ALA C 393 -27.83 -25.64 14.61
N SER C 394 -26.67 -25.31 14.05
CA SER C 394 -25.41 -25.83 14.54
C SER C 394 -24.39 -24.70 14.56
N VAL C 395 -23.49 -24.76 15.54
CA VAL C 395 -22.43 -23.77 15.71
C VAL C 395 -21.12 -24.38 15.26
N ILE C 396 -20.52 -23.80 14.23
CA ILE C 396 -19.19 -24.20 13.77
C ILE C 396 -18.20 -23.16 14.28
N PHE C 397 -17.04 -23.63 14.73
CA PHE C 397 -16.10 -22.74 15.40
C PHE C 397 -14.71 -23.36 15.33
N SER C 398 -13.71 -22.53 15.61
CA SER C 398 -12.33 -22.98 15.68
C SER C 398 -11.90 -23.09 17.14
N ASN C 399 -11.60 -24.31 17.60
CA ASN C 399 -11.15 -24.48 18.97
C ASN C 399 -9.71 -24.04 19.17
N GLY C 400 -9.08 -23.43 18.17
CA GLY C 400 -7.71 -22.99 18.24
C GLY C 400 -6.80 -23.62 17.20
N ARG C 401 -7.04 -24.88 16.84
CA ARG C 401 -6.21 -25.56 15.86
C ARG C 401 -7.06 -26.20 14.76
N ASP C 402 -8.24 -26.69 15.12
CA ASP C 402 -9.09 -27.45 14.20
C ASP C 402 -10.50 -26.86 14.19
N LEU C 403 -11.21 -27.13 13.09
CA LEU C 403 -12.58 -26.65 12.92
C LEU C 403 -13.53 -27.66 13.54
N LEU C 404 -14.38 -27.20 14.45
CA LEU C 404 -15.34 -28.07 15.13
C LEU C 404 -16.76 -27.63 14.83
N VAL C 405 -17.69 -28.57 15.00
CA VAL C 405 -19.11 -28.33 14.79
C VAL C 405 -19.88 -28.89 15.98
N GLY C 406 -20.89 -28.16 16.42
CA GLY C 406 -21.72 -28.63 17.53
C GLY C 406 -23.07 -27.94 17.51
N ASP C 407 -24.05 -28.63 18.08
CA ASP C 407 -25.39 -28.08 18.17
C ASP C 407 -25.46 -26.98 19.23
N LEU C 408 -26.60 -26.29 19.25
CA LEU C 408 -26.75 -25.15 20.14
C LEU C 408 -26.64 -25.54 21.61
N HIS C 409 -27.21 -26.69 21.98
CA HIS C 409 -27.21 -27.10 23.38
C HIS C 409 -25.86 -27.61 23.84
N GLY C 410 -24.91 -27.80 22.94
CA GLY C 410 -23.59 -28.28 23.31
C GLY C 410 -23.55 -29.72 23.78
N ARG C 411 -24.35 -30.60 23.18
CA ARG C 411 -24.35 -32.00 23.55
C ARG C 411 -23.41 -32.84 22.69
N ASN C 412 -23.17 -32.43 21.45
CA ASN C 412 -22.27 -33.14 20.53
C ASN C 412 -21.22 -32.16 20.03
N PHE C 413 -20.06 -32.70 19.64
CA PHE C 413 -18.98 -31.91 19.07
C PHE C 413 -18.24 -32.75 18.05
N ARG C 414 -18.38 -32.41 16.78
CA ARG C 414 -17.76 -33.12 15.68
C ARG C 414 -16.63 -32.28 15.10
N ILE C 415 -15.48 -32.91 14.87
CA ILE C 415 -14.37 -32.23 14.22
C ILE C 415 -14.63 -32.21 12.72
N LEU C 416 -14.81 -31.01 12.17
CA LEU C 416 -15.17 -30.88 10.76
C LEU C 416 -13.95 -31.01 9.85
N ALA C 417 -12.81 -30.44 10.25
CA ALA C 417 -11.61 -30.49 9.43
C ALA C 417 -10.40 -30.22 10.32
N GLU C 418 -9.48 -31.18 10.36
CA GLU C 418 -8.25 -31.01 11.12
C GLU C 418 -7.20 -30.30 10.26
N SER C 419 -6.39 -29.47 10.91
CA SER C 419 -5.40 -28.67 10.21
C SER C 419 -4.17 -29.52 9.89
N LYS C 420 -3.55 -29.26 8.75
CA LYS C 420 -2.36 -29.97 8.33
C LYS C 420 -1.13 -29.07 8.42
N ASN C 421 0.04 -29.71 8.49
CA ASN C 421 1.33 -29.01 8.48
C ASN C 421 1.39 -27.92 9.54
N ARG C 422 1.00 -28.28 10.77
CA ARG C 422 1.03 -27.36 11.92
C ARG C 422 0.23 -26.10 11.64
N GLY C 423 -0.92 -26.24 10.99
CA GLY C 423 -1.75 -25.10 10.66
C GLY C 423 -2.55 -24.60 11.85
N MET C 424 -3.43 -23.66 11.55
CA MET C 424 -4.27 -23.03 12.58
C MET C 424 -5.50 -22.46 11.92
N VAL C 425 -6.68 -22.85 12.39
CA VAL C 425 -7.92 -22.32 11.86
C VAL C 425 -8.25 -21.02 12.59
N MET C 426 -8.22 -19.91 11.87
CA MET C 426 -8.36 -18.61 12.52
C MET C 426 -9.76 -18.03 12.34
N GLY C 427 -10.23 -17.91 11.11
CA GLY C 427 -11.54 -17.31 10.88
C GLY C 427 -12.40 -18.15 9.97
N VAL C 428 -13.60 -18.47 10.44
CA VAL C 428 -14.50 -19.38 9.74
C VAL C 428 -15.73 -18.63 9.26
N ASP C 429 -16.33 -19.15 8.19
CA ASP C 429 -17.61 -18.65 7.69
C ASP C 429 -18.20 -19.74 6.80
N PHE C 430 -19.43 -19.52 6.34
CA PHE C 430 -20.18 -20.59 5.70
C PHE C 430 -21.14 -20.03 4.68
N HIS C 431 -21.39 -20.83 3.63
CA HIS C 431 -22.46 -20.59 2.67
C HIS C 431 -23.49 -21.70 2.82
N TYR C 432 -24.76 -21.33 2.98
CA TYR C 432 -25.77 -22.33 3.29
C TYR C 432 -26.30 -23.03 2.05
N GLN C 433 -26.65 -22.28 1.00
CA GLN C 433 -27.26 -22.88 -0.18
C GLN C 433 -26.32 -23.89 -0.82
N LYS C 434 -25.05 -23.56 -0.94
CA LYS C 434 -24.06 -24.51 -1.42
C LYS C 434 -23.51 -25.39 -0.31
N HIS C 435 -23.98 -25.18 0.93
CA HIS C 435 -23.55 -25.95 2.10
C HIS C 435 -22.04 -26.15 2.13
N ARG C 436 -21.32 -25.04 2.18
CA ARG C 436 -19.87 -25.04 2.27
C ARG C 436 -19.42 -24.20 3.47
N VAL C 437 -18.28 -24.59 4.04
CA VAL C 437 -17.66 -23.88 5.14
C VAL C 437 -16.30 -23.37 4.66
N PHE C 438 -16.07 -22.06 4.84
CA PHE C 438 -14.83 -21.42 4.45
C PHE C 438 -14.07 -21.00 5.69
N TRP C 439 -12.77 -21.31 5.73
CA TRP C 439 -11.94 -20.89 6.85
C TRP C 439 -10.55 -20.54 6.37
N THR C 440 -9.87 -19.70 7.15
CA THR C 440 -8.54 -19.21 6.80
C THR C 440 -7.50 -19.79 7.75
N ASP C 441 -6.33 -20.13 7.21
CA ASP C 441 -5.27 -20.76 8.05
C ASP C 441 -4.06 -19.84 8.03
N PRO C 442 -3.98 -18.84 8.93
CA PRO C 442 -2.89 -17.87 8.92
C PRO C 442 -1.49 -18.49 8.91
N MET C 443 -1.33 -19.64 9.57
CA MET C 443 0.02 -20.26 9.70
C MET C 443 0.45 -20.89 8.38
N GLN C 444 -0.42 -21.68 7.76
CA GLN C 444 -0.08 -22.30 6.45
C GLN C 444 -0.12 -21.20 5.38
N GLU C 445 -0.79 -20.08 5.66
CA GLU C 445 -0.88 -18.95 4.71
C GLU C 445 -1.79 -19.30 3.53
N LYS C 446 -2.93 -19.94 3.81
CA LYS C 446 -3.86 -20.36 2.73
C LYS C 446 -5.31 -20.24 3.20
N VAL C 447 -6.27 -20.28 2.27
CA VAL C 447 -7.70 -20.23 2.57
C VAL C 447 -8.33 -21.50 2.03
N PHE C 448 -9.12 -22.18 2.87
CA PHE C 448 -9.67 -23.48 2.56
C PHE C 448 -11.19 -23.43 2.51
N SER C 449 -11.77 -24.39 1.80
CA SER C 449 -13.22 -24.53 1.72
C SER C 449 -13.57 -26.01 1.72
N THR C 450 -14.55 -26.38 2.55
CA THR C 450 -14.95 -27.77 2.69
C THR C 450 -16.47 -27.86 2.72
N ASP C 451 -16.97 -29.04 2.36
CA ASP C 451 -18.40 -29.32 2.48
C ASP C 451 -18.76 -29.53 3.95
N ILE C 452 -20.00 -29.18 4.30
CA ILE C 452 -20.44 -29.20 5.69
C ILE C 452 -20.33 -30.59 6.30
N ASN C 453 -20.53 -31.64 5.51
CA ASN C 453 -20.42 -33.01 6.00
C ASN C 453 -19.01 -33.57 5.85
N GLY C 454 -18.06 -32.77 5.41
CA GLY C 454 -16.73 -33.26 5.09
C GLY C 454 -16.57 -33.45 3.60
N LEU C 455 -15.37 -33.93 3.23
CA LEU C 455 -15.00 -34.18 1.84
C LEU C 455 -14.95 -32.90 1.02
N ASN C 456 -14.41 -32.98 -0.19
CA ASN C 456 -14.31 -31.84 -1.11
C ASN C 456 -13.52 -30.70 -0.49
N THR C 457 -12.53 -31.01 0.34
CA THR C 457 -11.65 -29.99 0.88
C THR C 457 -10.71 -29.51 -0.21
N GLN C 458 -10.52 -28.20 -0.31
CA GLN C 458 -9.69 -27.64 -1.36
C GLN C 458 -9.22 -26.24 -0.97
N GLU C 459 -8.03 -25.89 -1.41
CA GLU C 459 -7.53 -24.53 -1.21
C GLU C 459 -8.28 -23.57 -2.13
N ILE C 460 -8.46 -22.35 -1.65
CA ILE C 460 -9.13 -21.31 -2.41
C ILE C 460 -8.15 -20.22 -2.83
N LEU C 461 -7.25 -19.83 -1.93
CA LEU C 461 -6.24 -18.81 -2.27
C LEU C 461 -4.90 -19.23 -1.67
N ASN C 462 -3.81 -19.07 -2.42
CA ASN C 462 -2.48 -19.51 -1.93
C ASN C 462 -1.42 -18.48 -2.33
N VAL C 463 -1.83 -17.28 -2.76
CA VAL C 463 -0.87 -16.23 -3.08
C VAL C 463 -1.35 -14.92 -2.45
N SER C 464 -0.42 -14.21 -1.81
CA SER C 464 -0.70 -12.91 -1.22
C SER C 464 -1.79 -12.99 -0.15
N VAL C 465 -1.82 -14.11 0.57
CA VAL C 465 -2.77 -14.26 1.71
C VAL C 465 -1.90 -14.66 2.91
N ASP C 466 -0.77 -13.98 3.10
CA ASP C 466 0.19 -14.36 4.17
C ASP C 466 -0.47 -14.37 5.54
N THR C 467 -1.52 -13.57 5.75
CA THR C 467 -2.20 -13.52 7.04
C THR C 467 -3.65 -13.14 6.83
N PRO C 468 -4.50 -14.11 6.48
CA PRO C 468 -5.92 -13.83 6.26
C PRO C 468 -6.72 -13.80 7.57
N GLU C 469 -6.77 -12.63 8.20
CA GLU C 469 -7.32 -12.53 9.56
C GLU C 469 -8.76 -12.98 9.66
N ASN C 470 -9.64 -12.55 8.75
CA ASN C 470 -11.06 -12.81 8.94
C ASN C 470 -11.71 -13.11 7.60
N LEU C 471 -13.01 -13.40 7.64
CA LEU C 471 -13.73 -13.94 6.51
C LEU C 471 -15.21 -13.62 6.61
N ALA C 472 -15.85 -13.47 5.46
CA ALA C 472 -17.29 -13.22 5.40
C ALA C 472 -17.75 -13.47 3.97
N VAL C 473 -18.77 -14.32 3.80
CA VAL C 473 -19.25 -14.64 2.46
C VAL C 473 -20.43 -13.77 2.11
N ASP C 474 -20.60 -13.48 0.83
CA ASP C 474 -21.72 -12.71 0.34
C ASP C 474 -22.70 -13.67 -0.35
N TRP C 475 -23.65 -14.21 0.39
CA TRP C 475 -24.43 -15.34 -0.11
C TRP C 475 -25.30 -14.93 -1.29
N ILE C 476 -25.75 -13.67 -1.30
CA ILE C 476 -26.66 -13.23 -2.36
C ILE C 476 -25.96 -13.20 -3.71
N ASN C 477 -24.71 -12.75 -3.75
CA ASN C 477 -23.94 -12.69 -4.98
C ASN C 477 -22.86 -13.76 -5.06
N ASN C 478 -22.74 -14.62 -4.05
CA ASN C 478 -21.73 -15.68 -4.02
C ASN C 478 -20.32 -15.10 -4.14
N LYS C 479 -19.99 -14.24 -3.17
CA LYS C 479 -18.66 -13.64 -3.07
C LYS C 479 -18.09 -13.92 -1.70
N LEU C 480 -16.78 -13.72 -1.56
CA LEU C 480 -16.06 -14.07 -0.34
C LEU C 480 -15.16 -12.90 0.05
N TYR C 481 -15.70 -11.99 0.86
CA TYR C 481 -14.89 -10.90 1.40
C TYR C 481 -13.95 -11.45 2.47
N LEU C 482 -12.68 -11.05 2.39
CA LEU C 482 -11.69 -11.51 3.35
C LEU C 482 -10.78 -10.36 3.75
N VAL C 483 -10.24 -10.46 4.96
CA VAL C 483 -9.38 -9.44 5.55
C VAL C 483 -7.95 -9.97 5.55
N GLU C 484 -7.04 -9.19 4.96
CA GLU C 484 -5.63 -9.55 4.89
C GLU C 484 -4.83 -8.49 5.64
N THR C 485 -3.92 -8.94 6.52
CA THR C 485 -3.26 -8.04 7.44
C THR C 485 -1.76 -7.87 7.20
N LYS C 486 -1.14 -8.68 6.35
CA LYS C 486 0.25 -8.42 5.99
C LYS C 486 0.36 -7.12 5.22
N VAL C 487 -0.29 -7.05 4.06
CA VAL C 487 -0.57 -5.80 3.38
C VAL C 487 -2.03 -5.49 3.66
N ASN C 488 -2.27 -4.50 4.51
CA ASN C 488 -3.61 -4.29 5.06
C ASN C 488 -4.58 -3.91 3.95
N ARG C 489 -5.62 -4.73 3.76
CA ARG C 489 -6.60 -4.53 2.71
C ARG C 489 -7.78 -5.45 2.97
N ILE C 490 -8.83 -5.25 2.19
CA ILE C 490 -10.03 -6.07 2.23
C ILE C 490 -10.33 -6.49 0.79
N ASP C 491 -10.09 -7.76 0.49
CA ASP C 491 -10.20 -8.27 -0.87
C ASP C 491 -11.56 -8.92 -1.11
N VAL C 492 -11.84 -9.21 -2.37
CA VAL C 492 -13.05 -9.90 -2.79
C VAL C 492 -12.67 -10.95 -3.84
N VAL C 493 -13.18 -12.16 -3.66
CA VAL C 493 -12.95 -13.25 -4.60
C VAL C 493 -14.26 -13.99 -4.82
N ASN C 494 -14.27 -14.84 -5.84
CA ASN C 494 -15.37 -15.77 -6.00
C ASN C 494 -15.29 -16.86 -4.93
N LEU C 495 -16.35 -17.66 -4.84
CA LEU C 495 -16.33 -18.76 -3.89
C LEU C 495 -15.30 -19.82 -4.25
N GLU C 496 -14.88 -19.85 -5.52
CA GLU C 496 -13.81 -20.77 -5.92
C GLU C 496 -12.46 -20.08 -6.08
N GLY C 497 -12.35 -18.80 -5.73
CA GLY C 497 -11.07 -18.13 -5.60
C GLY C 497 -10.68 -17.21 -6.73
N ASN C 498 -11.37 -17.25 -7.86
CA ASN C 498 -10.96 -16.46 -9.01
C ASN C 498 -11.52 -15.04 -8.91
N GLN C 499 -11.09 -14.20 -9.85
CA GLN C 499 -11.60 -12.83 -10.00
C GLN C 499 -11.34 -12.00 -8.75
N ARG C 500 -10.07 -11.91 -8.34
CA ARG C 500 -9.72 -11.16 -7.15
C ARG C 500 -9.83 -9.65 -7.39
N VAL C 501 -10.45 -8.96 -6.45
CA VAL C 501 -10.59 -7.51 -6.49
C VAL C 501 -10.29 -6.97 -5.10
N THR C 502 -9.50 -5.90 -5.04
CA THR C 502 -9.18 -5.22 -3.78
C THR C 502 -10.10 -4.01 -3.64
N LEU C 503 -10.90 -3.99 -2.56
CA LEU C 503 -11.90 -2.97 -2.39
C LEU C 503 -11.42 -1.80 -1.54
N ILE C 504 -11.05 -2.06 -0.28
CA ILE C 504 -10.72 -1.02 0.67
C ILE C 504 -9.27 -1.19 1.11
N THR C 505 -8.47 -0.15 0.92
CA THR C 505 -7.08 -0.14 1.34
C THR C 505 -6.69 1.09 2.16
N GLU C 506 -7.28 2.25 1.90
CA GLU C 506 -6.85 3.50 2.52
C GLU C 506 -7.00 3.45 4.05
N ASN C 507 -5.96 3.86 4.74
CA ASN C 507 -5.99 4.13 6.18
C ASN C 507 -6.25 2.88 7.01
N LEU C 508 -6.05 1.70 6.42
CA LEU C 508 -6.23 0.45 7.15
C LEU C 508 -4.91 0.08 7.84
N GLY C 509 -4.90 0.07 9.17
CA GLY C 509 -3.71 -0.29 9.90
C GLY C 509 -3.76 -1.69 10.49
N HIS C 510 -4.89 -2.06 11.08
CA HIS C 510 -5.04 -3.38 11.70
C HIS C 510 -6.49 -3.83 11.55
N PRO C 511 -6.87 -4.27 10.35
CA PRO C 511 -8.24 -4.79 10.18
C PRO C 511 -8.36 -6.19 10.78
N ARG C 512 -9.39 -6.39 11.60
CA ARG C 512 -9.52 -7.65 12.30
C ARG C 512 -10.90 -8.28 12.12
N GLY C 513 -11.95 -7.48 12.14
CA GLY C 513 -13.30 -8.00 12.02
C GLY C 513 -13.96 -7.59 10.73
N ILE C 514 -14.95 -8.37 10.30
CA ILE C 514 -15.68 -8.08 9.08
C ILE C 514 -17.04 -8.77 9.13
N ALA C 515 -18.06 -8.10 8.60
CA ALA C 515 -19.39 -8.66 8.47
C ALA C 515 -20.16 -7.80 7.48
N LEU C 516 -21.22 -8.37 6.91
CA LEU C 516 -22.01 -7.64 5.93
C LEU C 516 -23.44 -8.13 5.94
N ASP C 517 -24.33 -7.28 5.41
CA ASP C 517 -25.74 -7.61 5.22
C ASP C 517 -26.06 -7.39 3.74
N PRO C 518 -26.04 -8.45 2.94
CA PRO C 518 -26.32 -8.28 1.50
C PRO C 518 -27.73 -7.79 1.20
N THR C 519 -28.68 -7.94 2.12
CA THR C 519 -30.05 -7.51 1.84
C THR C 519 -30.14 -6.01 1.62
N VAL C 520 -29.42 -5.22 2.42
CA VAL C 520 -29.52 -3.77 2.33
C VAL C 520 -28.31 -3.20 1.60
N GLY C 521 -27.18 -3.90 1.68
CA GLY C 521 -26.00 -3.51 0.92
C GLY C 521 -24.83 -2.96 1.71
N TYR C 522 -24.87 -3.02 3.04
CA TYR C 522 -23.79 -2.47 3.85
C TYR C 522 -22.70 -3.50 4.13
N LEU C 523 -21.52 -3.01 4.47
CA LEU C 523 -20.38 -3.82 4.88
C LEU C 523 -19.74 -3.20 6.11
N PHE C 524 -19.59 -3.98 7.17
CA PHE C 524 -19.07 -3.51 8.43
C PHE C 524 -17.75 -4.20 8.73
N PHE C 525 -16.74 -3.44 9.14
CA PHE C 525 -15.48 -4.02 9.54
C PHE C 525 -14.82 -3.16 10.62
N SER C 526 -14.00 -3.80 11.44
CA SER C 526 -13.39 -3.17 12.60
C SER C 526 -11.89 -3.07 12.40
N ASP C 527 -11.31 -1.99 12.90
CA ASP C 527 -9.89 -1.68 12.73
C ASP C 527 -9.32 -1.29 14.08
N TRP C 528 -8.67 -2.24 14.76
CA TRP C 528 -8.15 -2.01 16.10
C TRP C 528 -6.89 -1.15 16.11
N GLY C 529 -6.48 -0.63 14.96
CA GLY C 529 -5.48 0.41 14.90
C GLY C 529 -5.38 0.99 13.51
N SER C 530 -5.50 2.31 13.38
CA SER C 530 -5.44 2.92 12.06
C SER C 530 -4.21 3.81 11.94
N LEU C 531 -3.84 4.10 10.69
CA LEU C 531 -2.64 4.90 10.45
C LEU C 531 -2.75 6.28 11.09
N SER C 532 -3.94 6.87 11.11
CA SER C 532 -4.14 8.13 11.81
C SER C 532 -3.98 7.99 13.31
N GLY C 533 -4.16 6.79 13.87
CA GLY C 533 -3.95 6.52 15.28
C GLY C 533 -5.18 5.96 15.98
N GLN C 534 -6.36 6.39 15.56
CA GLN C 534 -7.57 5.98 16.30
C GLN C 534 -8.05 4.63 15.82
N PRO C 535 -8.51 3.77 16.73
CA PRO C 535 -9.21 2.55 16.32
C PRO C 535 -10.68 2.84 16.09
N LYS C 536 -11.27 2.15 15.11
CA LYS C 536 -12.61 2.51 14.67
C LYS C 536 -13.35 1.29 14.16
N VAL C 537 -14.64 1.25 14.47
CA VAL C 537 -15.60 0.36 13.81
C VAL C 537 -16.34 1.20 12.79
N GLU C 538 -16.37 0.74 11.54
CA GLU C 538 -16.84 1.62 10.47
C GLU C 538 -17.68 0.85 9.47
N ARG C 539 -18.53 1.60 8.77
CA ARG C 539 -19.50 1.08 7.81
C ARG C 539 -19.14 1.57 6.42
N ALA C 540 -19.42 0.74 5.42
CA ALA C 540 -19.23 1.13 4.03
C ALA C 540 -20.18 0.32 3.16
N PHE C 541 -20.34 0.77 1.92
CA PHE C 541 -21.04 -0.03 0.93
C PHE C 541 -20.23 -1.29 0.63
N MET C 542 -20.87 -2.28 0.02
CA MET C 542 -20.13 -3.52 -0.23
C MET C 542 -19.07 -3.37 -1.31
N ASP C 543 -18.82 -2.16 -1.80
CA ASP C 543 -17.69 -1.89 -2.68
C ASP C 543 -16.76 -0.82 -2.11
N GLY C 544 -16.97 -0.39 -0.87
CA GLY C 544 -16.13 0.60 -0.24
C GLY C 544 -16.38 2.03 -0.67
N SER C 545 -17.54 2.33 -1.25
CA SER C 545 -17.78 3.66 -1.80
C SER C 545 -17.81 4.72 -0.72
N ASN C 546 -18.61 4.52 0.32
CA ASN C 546 -18.90 5.57 1.30
C ASN C 546 -18.55 5.06 2.70
N ARG C 547 -17.30 5.27 3.12
CA ARG C 547 -16.88 4.85 4.44
C ARG C 547 -17.30 5.87 5.49
N LYS C 548 -17.79 5.37 6.62
CA LYS C 548 -18.24 6.20 7.73
C LYS C 548 -17.76 5.58 9.02
N ASP C 549 -17.18 6.38 9.90
CA ASP C 549 -16.75 5.90 11.21
C ASP C 549 -17.98 5.65 12.07
N LEU C 550 -18.39 4.39 12.17
CA LEU C 550 -19.61 4.05 12.90
C LEU C 550 -19.45 4.20 14.41
N VAL C 551 -18.35 3.72 14.97
CA VAL C 551 -18.06 3.87 16.39
C VAL C 551 -16.63 4.37 16.55
N THR C 552 -16.46 5.47 17.28
CA THR C 552 -15.13 6.02 17.52
C THR C 552 -14.82 6.27 19.00
N THR C 553 -15.80 6.62 19.83
CA THR C 553 -15.54 6.89 21.23
C THR C 553 -15.50 5.60 22.03
N LYS C 554 -14.52 5.49 22.93
CA LYS C 554 -14.36 4.32 23.79
C LYS C 554 -14.31 3.04 22.98
N VAL C 555 -13.49 3.02 21.94
CA VAL C 555 -13.47 1.90 21.01
C VAL C 555 -12.32 0.93 21.25
N GLY C 556 -11.20 1.39 21.78
CA GLY C 556 -10.15 0.49 22.23
C GLY C 556 -9.59 -0.47 21.18
N TRP C 557 -9.92 -1.75 21.31
CA TRP C 557 -9.49 -2.78 20.37
C TRP C 557 -10.70 -3.59 19.91
N PRO C 558 -11.45 -3.10 18.92
CA PRO C 558 -12.51 -3.93 18.33
C PRO C 558 -11.92 -5.14 17.63
N ALA C 559 -12.42 -6.34 17.96
CA ALA C 559 -11.78 -7.57 17.51
C ALA C 559 -12.71 -8.49 16.73
N GLY C 560 -14.01 -8.24 16.74
CA GLY C 560 -14.93 -9.09 16.02
C GLY C 560 -16.27 -8.43 15.82
N ILE C 561 -16.92 -8.70 14.68
CA ILE C 561 -18.17 -8.05 14.34
C ILE C 561 -19.16 -9.11 13.87
N THR C 562 -20.36 -9.07 14.45
CA THR C 562 -21.50 -9.82 13.96
C THR C 562 -22.70 -8.87 13.99
N LEU C 563 -23.74 -9.23 13.24
CA LEU C 563 -24.86 -8.30 13.07
C LEU C 563 -26.18 -9.05 13.08
N ASP C 564 -27.16 -8.48 13.78
CA ASP C 564 -28.51 -9.02 13.86
C ASP C 564 -29.22 -8.61 12.57
N LEU C 565 -29.38 -9.56 11.65
CA LEU C 565 -29.86 -9.25 10.31
C LEU C 565 -31.30 -8.80 10.27
N VAL C 566 -32.08 -9.03 11.33
CA VAL C 566 -33.50 -8.69 11.32
C VAL C 566 -33.80 -7.43 12.13
N SER C 567 -33.11 -7.19 13.23
CA SER C 567 -33.32 -5.98 14.00
C SER C 567 -32.48 -4.81 13.48
N LYS C 568 -31.64 -5.04 12.47
CA LYS C 568 -30.76 -4.02 11.90
C LYS C 568 -29.84 -3.44 12.97
N ARG C 569 -29.03 -4.33 13.56
CA ARG C 569 -28.05 -3.95 14.56
C ARG C 569 -26.74 -4.68 14.28
N VAL C 570 -25.65 -4.14 14.82
CA VAL C 570 -24.32 -4.72 14.66
C VAL C 570 -23.70 -4.88 16.04
N TYR C 571 -23.14 -6.07 16.29
CA TYR C 571 -22.54 -6.42 17.56
C TYR C 571 -21.03 -6.53 17.38
N TRP C 572 -20.28 -5.91 18.27
CA TRP C 572 -18.82 -6.00 18.22
C TRP C 572 -18.27 -6.15 19.63
N VAL C 573 -17.09 -6.75 19.72
CA VAL C 573 -16.45 -7.03 21.00
C VAL C 573 -15.17 -6.22 21.10
N ASP C 574 -14.64 -6.11 22.31
CA ASP C 574 -13.41 -5.39 22.59
C ASP C 574 -12.52 -6.23 23.49
N SER C 575 -11.27 -6.42 23.07
CA SER C 575 -10.30 -7.14 23.86
C SER C 575 -9.60 -6.28 24.90
N ARG C 576 -9.71 -4.96 24.80
CA ARG C 576 -8.98 -4.04 25.66
C ARG C 576 -9.84 -3.39 26.72
N TYR C 577 -11.00 -2.85 26.35
CA TYR C 577 -11.96 -2.35 27.32
C TYR C 577 -12.94 -3.41 27.76
N ASP C 578 -12.87 -4.60 27.16
CA ASP C 578 -13.55 -5.81 27.64
C ASP C 578 -15.06 -5.59 27.75
N TYR C 579 -15.68 -5.42 26.57
CA TYR C 579 -17.13 -5.31 26.52
C TYR C 579 -17.64 -5.95 25.24
N ILE C 580 -18.95 -6.11 25.18
CA ILE C 580 -19.70 -6.39 23.95
C ILE C 580 -20.78 -5.34 23.83
N GLU C 581 -20.87 -4.70 22.67
CA GLU C 581 -21.73 -3.53 22.53
C GLU C 581 -22.48 -3.60 21.21
N THR C 582 -23.57 -2.83 21.14
CA THR C 582 -24.46 -2.87 19.99
C THR C 582 -24.85 -1.46 19.59
N VAL C 583 -24.82 -1.19 18.28
CA VAL C 583 -25.34 0.04 17.72
C VAL C 583 -26.18 -0.32 16.50
N THR C 584 -27.07 0.59 16.12
CA THR C 584 -27.87 0.37 14.92
C THR C 584 -26.97 0.45 13.69
N TYR C 585 -27.54 0.12 12.53
CA TYR C 585 -26.80 0.25 11.29
C TYR C 585 -26.32 1.67 11.05
N ASP C 586 -27.01 2.66 11.62
CA ASP C 586 -26.59 4.04 11.57
C ASP C 586 -25.74 4.46 12.76
N GLY C 587 -25.55 3.57 13.74
CA GLY C 587 -24.75 3.88 14.90
C GLY C 587 -25.39 4.77 15.94
N ILE C 588 -26.72 4.92 15.91
CA ILE C 588 -27.39 5.88 16.78
C ILE C 588 -27.54 5.35 18.20
N GLN C 589 -28.18 4.20 18.37
CA GLN C 589 -28.53 3.72 19.69
C GLN C 589 -27.48 2.73 20.18
N ARG C 590 -26.56 3.22 21.01
CA ARG C 590 -25.49 2.39 21.55
C ARG C 590 -25.92 1.79 22.88
N LYS C 591 -25.81 0.46 22.99
CA LYS C 591 -26.16 -0.25 24.21
C LYS C 591 -25.14 -1.35 24.46
N THR C 592 -24.90 -1.62 25.74
CA THR C 592 -23.92 -2.60 26.18
C THR C 592 -24.64 -3.84 26.68
N VAL C 593 -24.10 -5.01 26.35
CA VAL C 593 -24.69 -6.28 26.76
C VAL C 593 -23.83 -7.04 27.75
N ALA C 594 -22.51 -6.85 27.72
CA ALA C 594 -21.62 -7.50 28.68
C ALA C 594 -20.34 -6.70 28.77
N ARG C 595 -19.82 -6.56 29.98
CA ARG C 595 -18.62 -5.77 30.20
C ARG C 595 -17.97 -6.19 31.51
N GLY C 596 -16.72 -5.81 31.67
CA GLY C 596 -15.96 -6.18 32.85
C GLY C 596 -14.95 -7.26 32.59
N GLY C 597 -13.74 -7.09 33.13
CA GLY C 597 -12.69 -8.08 32.93
C GLY C 597 -13.00 -9.43 33.54
N SER C 598 -13.95 -9.49 34.48
CA SER C 598 -14.31 -10.77 35.07
C SER C 598 -15.35 -11.52 34.24
N LEU C 599 -15.86 -10.88 33.18
CA LEU C 599 -16.86 -11.49 32.31
C LEU C 599 -16.35 -11.74 30.90
N VAL C 600 -15.76 -10.73 30.28
CA VAL C 600 -15.27 -10.85 28.90
C VAL C 600 -13.83 -10.37 28.84
N PRO C 601 -12.87 -11.13 29.40
CA PRO C 601 -11.50 -10.61 29.48
C PRO C 601 -10.84 -10.32 28.15
N HIS C 602 -11.12 -11.09 27.10
CA HIS C 602 -10.44 -10.92 25.82
C HIS C 602 -11.26 -11.59 24.71
N PRO C 603 -12.40 -11.00 24.34
CA PRO C 603 -13.20 -11.57 23.26
C PRO C 603 -12.53 -11.33 21.91
N PHE C 604 -12.58 -12.36 21.06
CA PHE C 604 -12.02 -12.22 19.72
C PHE C 604 -13.10 -12.34 18.65
N GLY C 605 -13.79 -13.48 18.61
CA GLY C 605 -14.86 -13.66 17.65
C GLY C 605 -16.22 -13.46 18.28
N ILE C 606 -17.25 -13.38 17.43
CA ILE C 606 -18.62 -13.22 17.91
C ILE C 606 -19.58 -13.62 16.81
N SER C 607 -20.66 -14.29 17.21
CA SER C 607 -21.78 -14.56 16.32
C SER C 607 -23.03 -14.67 17.17
N LEU C 608 -24.19 -14.48 16.54
CA LEU C 608 -25.45 -14.48 17.27
C LEU C 608 -26.50 -15.27 16.49
N PHE C 609 -27.39 -15.90 17.24
CA PHE C 609 -28.55 -16.58 16.70
C PHE C 609 -29.69 -16.47 17.69
N GLU C 610 -30.89 -16.20 17.18
CA GLU C 610 -32.08 -16.06 18.00
C GLU C 610 -31.89 -14.99 19.07
N GLU C 611 -31.50 -15.40 20.27
CA GLU C 611 -31.33 -14.47 21.38
C GLU C 611 -29.98 -14.59 22.07
N HIS C 612 -29.12 -15.52 21.65
CA HIS C 612 -27.86 -15.80 22.34
C HIS C 612 -26.70 -15.36 21.46
N VAL C 613 -25.76 -14.62 22.04
CA VAL C 613 -24.54 -14.25 21.33
C VAL C 613 -23.43 -15.25 21.66
N PHE C 614 -22.82 -15.80 20.62
CA PHE C 614 -21.74 -16.77 20.77
C PHE C 614 -20.42 -16.10 20.44
N PHE C 615 -19.55 -15.98 21.44
CA PHE C 615 -18.26 -15.34 21.26
C PHE C 615 -17.16 -16.19 21.86
N THR C 616 -16.00 -16.16 21.23
CA THR C 616 -14.80 -16.82 21.72
C THR C 616 -13.92 -15.83 22.44
N ASP C 617 -13.21 -16.31 23.46
CA ASP C 617 -12.34 -15.45 24.27
C ASP C 617 -11.00 -16.13 24.44
N TRP C 618 -9.92 -15.34 24.31
CA TRP C 618 -8.57 -15.88 24.38
C TRP C 618 -8.08 -16.10 25.81
N THR C 619 -8.74 -15.52 26.79
CA THR C 619 -8.31 -15.64 28.18
C THR C 619 -8.98 -16.78 28.93
N LYS C 620 -10.30 -16.92 28.83
CA LYS C 620 -10.96 -18.10 29.33
C LYS C 620 -10.81 -19.30 28.41
N MET C 621 -10.28 -19.08 27.20
CA MET C 621 -9.96 -20.15 26.25
C MET C 621 -11.17 -21.02 25.96
N ALA C 622 -12.32 -20.40 25.74
CA ALA C 622 -13.55 -21.14 25.51
C ALA C 622 -14.50 -20.30 24.65
N VAL C 623 -15.39 -21.01 23.95
CA VAL C 623 -16.53 -20.37 23.32
C VAL C 623 -17.57 -20.10 24.39
N MET C 624 -18.25 -18.96 24.30
CA MET C 624 -19.13 -18.53 25.37
C MET C 624 -20.51 -18.23 24.80
N LYS C 625 -21.52 -18.46 25.62
CA LYS C 625 -22.90 -18.14 25.28
C LYS C 625 -23.39 -17.03 26.19
N ALA C 626 -24.08 -16.04 25.61
CA ALA C 626 -24.57 -14.90 26.35
C ALA C 626 -25.82 -14.37 25.67
N SER C 627 -26.76 -13.90 26.49
CA SER C 627 -27.98 -13.30 25.95
C SER C 627 -27.62 -12.05 25.16
N LYS C 628 -28.35 -11.82 24.06
CA LYS C 628 -28.03 -10.71 23.19
C LYS C 628 -28.38 -9.35 23.81
N PHE C 629 -29.08 -9.32 24.94
CA PHE C 629 -29.55 -8.08 25.52
C PHE C 629 -28.73 -7.65 26.73
N THR C 630 -28.60 -8.52 27.73
CA THR C 630 -27.83 -8.19 28.93
C THR C 630 -27.46 -9.49 29.62
N GLU C 631 -26.18 -9.75 29.77
CA GLU C 631 -25.68 -10.98 30.38
C GLU C 631 -24.94 -10.65 31.67
N THR C 632 -25.38 -11.25 32.78
CA THR C 632 -24.70 -11.04 34.05
C THR C 632 -23.50 -11.98 34.20
N ASN C 633 -23.57 -13.17 33.62
CA ASN C 633 -22.51 -14.15 33.72
C ASN C 633 -22.56 -15.10 32.52
N PRO C 634 -21.74 -14.86 31.49
CA PRO C 634 -21.79 -15.70 30.29
C PRO C 634 -21.48 -17.15 30.60
N GLN C 635 -22.36 -18.04 30.15
CA GLN C 635 -22.15 -19.47 30.32
C GLN C 635 -21.06 -19.96 29.37
N VAL C 636 -20.45 -21.08 29.74
CA VAL C 636 -19.36 -21.64 28.96
C VAL C 636 -19.93 -22.55 27.88
N TYR C 637 -19.13 -22.81 26.86
CA TYR C 637 -19.54 -23.65 25.73
C TYR C 637 -18.28 -24.20 25.08
N HIS C 638 -18.01 -25.49 25.29
CA HIS C 638 -16.82 -26.13 24.77
C HIS C 638 -15.53 -25.44 25.21
N GLN C 639 -15.20 -25.53 26.50
CA GLN C 639 -13.91 -25.04 26.97
C GLN C 639 -12.78 -25.76 26.24
N SER C 640 -11.79 -24.98 25.79
CA SER C 640 -10.71 -25.48 24.96
C SER C 640 -9.36 -25.25 25.64
N SER C 641 -8.35 -25.94 25.14
CA SER C 641 -7.00 -25.81 25.67
C SER C 641 -6.13 -24.85 24.88
N LEU C 642 -6.68 -24.16 23.88
CA LEU C 642 -5.96 -23.18 23.09
C LEU C 642 -6.80 -21.92 22.95
N ARG C 643 -6.30 -20.98 22.16
CA ARG C 643 -7.03 -19.75 21.88
C ARG C 643 -8.09 -20.00 20.83
N PRO C 644 -9.38 -19.98 21.18
CA PRO C 644 -10.43 -20.15 20.16
C PRO C 644 -10.49 -18.90 19.29
N HIS C 645 -10.37 -19.08 17.98
CA HIS C 645 -10.15 -17.97 17.07
C HIS C 645 -11.38 -17.57 16.27
N GLY C 646 -12.31 -18.49 16.02
CA GLY C 646 -13.46 -18.14 15.21
C GLY C 646 -14.72 -18.86 15.61
N VAL C 647 -15.87 -18.23 15.41
CA VAL C 647 -17.15 -18.85 15.71
C VAL C 647 -18.22 -18.21 14.84
N THR C 648 -19.15 -19.04 14.36
CA THR C 648 -20.28 -18.56 13.58
C THR C 648 -21.39 -19.59 13.66
N VAL C 649 -22.63 -19.13 13.52
CA VAL C 649 -23.81 -19.99 13.63
C VAL C 649 -24.24 -20.40 12.24
N TYR C 650 -24.38 -21.70 12.02
CA TYR C 650 -24.71 -22.26 10.71
C TYR C 650 -26.21 -22.57 10.70
N HIS C 651 -26.98 -21.73 10.01
CA HIS C 651 -28.43 -21.91 9.95
C HIS C 651 -28.96 -21.17 8.73
N ALA C 652 -30.14 -21.59 8.27
CA ALA C 652 -30.73 -21.00 7.07
C ALA C 652 -31.22 -19.59 7.33
N LEU C 653 -31.90 -19.38 8.46
CA LEU C 653 -32.38 -18.05 8.81
C LEU C 653 -31.25 -17.06 9.02
N ARG C 654 -30.03 -17.53 9.20
CA ARG C 654 -28.86 -16.67 9.35
C ARG C 654 -28.39 -16.10 8.02
N GLN C 655 -28.95 -16.58 6.90
CA GLN C 655 -28.64 -16.08 5.56
C GLN C 655 -29.94 -15.88 4.80
N PRO C 656 -30.53 -14.69 4.90
CA PRO C 656 -31.86 -14.44 4.33
C PRO C 656 -31.90 -14.59 2.81
N ASN C 657 -33.05 -14.24 2.24
CA ASN C 657 -33.49 -14.81 0.97
C ASN C 657 -33.72 -13.64 0.02
N ALA C 658 -32.83 -13.45 -0.95
CA ALA C 658 -32.94 -12.19 -1.69
C ALA C 658 -32.44 -12.32 -3.13
N THR C 659 -32.76 -11.28 -3.90
CA THR C 659 -32.45 -11.21 -5.33
C THR C 659 -31.24 -10.33 -5.57
N ASN C 660 -30.24 -10.89 -6.28
CA ASN C 660 -29.01 -10.15 -6.57
C ASN C 660 -29.14 -9.36 -7.87
N PRO C 661 -28.83 -8.06 -7.85
CA PRO C 661 -28.84 -7.30 -9.10
C PRO C 661 -27.87 -7.81 -10.15
N CYS C 662 -26.74 -8.38 -9.74
CA CYS C 662 -25.77 -8.91 -10.68
C CYS C 662 -26.20 -10.22 -11.31
N GLY C 663 -27.39 -10.74 -10.97
CA GLY C 663 -27.84 -11.98 -11.57
C GLY C 663 -28.26 -11.82 -13.02
N SER C 664 -28.64 -10.61 -13.41
CA SER C 664 -29.04 -10.32 -14.79
C SER C 664 -27.79 -10.16 -15.65
N ASN C 665 -27.39 -11.28 -16.27
CA ASN C 665 -26.25 -11.36 -17.18
C ASN C 665 -25.04 -10.60 -16.63
N ASN C 666 -24.70 -10.91 -15.37
CA ASN C 666 -23.53 -10.34 -14.70
C ASN C 666 -23.62 -8.83 -14.58
N GLY C 667 -24.84 -8.29 -14.62
CA GLY C 667 -25.04 -6.86 -14.51
C GLY C 667 -24.44 -6.07 -15.65
N GLY C 668 -24.11 -6.75 -16.74
CA GLY C 668 -23.45 -6.11 -17.86
C GLY C 668 -21.99 -5.80 -17.66
N CYS C 669 -21.43 -6.12 -16.50
CA CYS C 669 -20.03 -5.85 -16.20
C CYS C 669 -19.14 -6.78 -17.00
N ALA C 670 -18.06 -6.22 -17.55
CA ALA C 670 -17.14 -7.00 -18.36
C ALA C 670 -16.44 -8.10 -17.57
N GLN C 671 -15.96 -7.79 -16.36
CA GLN C 671 -15.19 -8.77 -15.61
C GLN C 671 -15.84 -9.18 -14.30
N VAL C 672 -16.09 -8.21 -13.42
CA VAL C 672 -16.56 -8.48 -12.06
C VAL C 672 -17.74 -7.58 -11.76
N CYS C 673 -18.78 -8.15 -11.14
CA CYS C 673 -19.93 -7.41 -10.68
C CYS C 673 -20.00 -7.52 -9.16
N VAL C 674 -19.75 -6.41 -8.47
CA VAL C 674 -19.73 -6.36 -7.02
C VAL C 674 -20.94 -5.56 -6.56
N LEU C 675 -21.62 -6.07 -5.54
CA LEU C 675 -22.82 -5.42 -5.03
C LEU C 675 -22.49 -4.07 -4.40
N SER C 676 -23.53 -3.36 -4.01
CA SER C 676 -23.42 -2.09 -3.31
C SER C 676 -24.70 -1.88 -2.52
N HIS C 677 -24.90 -0.66 -2.02
CA HIS C 677 -26.16 -0.35 -1.37
C HIS C 677 -27.27 -0.33 -2.41
N ARG C 678 -28.46 -0.78 -2.01
CA ARG C 678 -29.56 -0.93 -2.95
C ARG C 678 -29.90 0.39 -3.64
N THR C 679 -29.67 1.50 -2.94
CA THR C 679 -30.02 2.83 -3.50
C THR C 679 -28.89 3.39 -4.35
N ASP C 680 -27.75 2.69 -4.42
CA ASP C 680 -26.61 3.20 -5.15
C ASP C 680 -26.77 2.94 -6.65
N ASN C 681 -25.93 3.61 -7.43
CA ASN C 681 -25.90 3.48 -8.89
C ASN C 681 -27.27 3.80 -9.50
N GLY C 682 -27.94 4.79 -8.91
CA GLY C 682 -29.26 5.17 -9.38
C GLY C 682 -30.35 4.17 -9.09
N GLY C 683 -30.15 3.30 -8.10
CA GLY C 683 -31.12 2.26 -7.80
C GLY C 683 -30.77 0.89 -8.32
N LEU C 684 -29.74 0.76 -9.15
CA LEU C 684 -29.33 -0.56 -9.63
C LEU C 684 -28.85 -1.43 -8.48
N GLY C 685 -28.06 -0.87 -7.57
CA GLY C 685 -27.56 -1.62 -6.45
C GLY C 685 -26.27 -2.37 -6.70
N TYR C 686 -25.51 -1.98 -7.72
CA TYR C 686 -24.23 -2.63 -7.99
C TYR C 686 -23.35 -1.68 -8.79
N ARG C 687 -22.05 -1.92 -8.72
CA ARG C 687 -21.06 -1.27 -9.57
C ARG C 687 -20.16 -2.32 -10.17
N CYS C 688 -19.64 -2.03 -11.37
CA CYS C 688 -18.71 -2.95 -12.00
C CYS C 688 -17.30 -2.69 -11.51
N LYS C 689 -16.58 -3.78 -11.23
CA LYS C 689 -15.20 -3.70 -10.80
C LYS C 689 -14.32 -4.38 -11.83
N CYS C 690 -13.01 -4.18 -11.69
CA CYS C 690 -12.04 -4.64 -12.66
C CYS C 690 -10.98 -5.49 -11.96
N GLU C 691 -10.53 -6.54 -12.64
CA GLU C 691 -9.46 -7.35 -12.10
C GLU C 691 -8.13 -6.58 -12.13
N PHE C 692 -7.09 -7.22 -11.61
CA PHE C 692 -5.85 -6.51 -11.30
C PHE C 692 -5.19 -5.95 -12.56
N GLY C 693 -5.13 -6.75 -13.62
CA GLY C 693 -4.39 -6.34 -14.80
C GLY C 693 -5.09 -5.33 -15.68
N PHE C 694 -6.29 -4.87 -15.32
CA PHE C 694 -7.07 -4.00 -16.18
C PHE C 694 -7.66 -2.86 -15.36
N GLU C 695 -8.24 -1.89 -16.06
CA GLU C 695 -8.85 -0.72 -15.44
C GLU C 695 -10.20 -0.45 -16.09
N LEU C 696 -11.05 0.26 -15.34
CA LEU C 696 -12.42 0.51 -15.76
C LEU C 696 -12.46 1.72 -16.69
N ASP C 697 -13.15 1.58 -17.82
CA ASP C 697 -13.16 2.62 -18.84
C ASP C 697 -14.14 3.73 -18.47
N ASP C 698 -14.36 4.64 -19.43
CA ASP C 698 -15.25 5.78 -19.20
C ASP C 698 -16.70 5.33 -18.99
N ASP C 699 -17.16 4.34 -19.75
CA ASP C 699 -18.51 3.83 -19.60
C ASP C 699 -18.70 2.98 -18.35
N GLU C 700 -17.67 2.89 -17.49
CA GLU C 700 -17.67 2.08 -16.26
C GLU C 700 -18.28 0.70 -16.48
N HIS C 701 -18.09 0.15 -17.68
CA HIS C 701 -18.57 -1.19 -17.98
C HIS C 701 -17.51 -2.05 -18.65
N ARG C 702 -16.67 -1.48 -19.51
CA ARG C 702 -15.65 -2.22 -20.21
C ARG C 702 -14.31 -2.07 -19.50
N CYS C 703 -13.59 -3.18 -19.36
CA CYS C 703 -12.30 -3.18 -18.68
C CYS C 703 -11.19 -3.22 -19.71
N VAL C 704 -10.27 -2.26 -19.62
CA VAL C 704 -9.13 -2.16 -20.52
C VAL C 704 -7.85 -2.31 -19.72
N ALA C 705 -6.80 -2.78 -20.38
CA ALA C 705 -5.54 -3.03 -19.70
C ALA C 705 -4.94 -1.73 -19.18
N VAL C 706 -4.48 -1.76 -17.93
CA VAL C 706 -3.86 -0.58 -17.34
C VAL C 706 -2.53 -0.31 -18.03
N LYS C 707 -2.16 0.97 -18.11
CA LYS C 707 -0.95 1.37 -18.83
C LYS C 707 0.15 1.89 -17.92
N ASN C 708 -0.19 2.53 -16.80
CA ASN C 708 0.82 3.08 -15.91
C ASN C 708 0.33 3.11 -14.47
N PHE C 709 1.22 2.76 -13.55
CA PHE C 709 0.97 2.87 -12.11
C PHE C 709 2.31 2.93 -11.40
N LEU C 710 2.28 3.41 -10.16
CA LEU C 710 3.49 3.63 -9.38
C LEU C 710 3.88 2.34 -8.67
N LEU C 711 4.95 1.70 -9.13
CA LEU C 711 5.43 0.49 -8.51
C LEU C 711 6.53 0.81 -7.50
N PHE C 712 6.38 0.33 -6.28
CA PHE C 712 7.39 0.55 -5.25
C PHE C 712 7.54 -0.71 -4.42
N SER C 713 8.74 -0.89 -3.88
CA SER C 713 9.07 -2.04 -3.05
C SER C 713 8.99 -1.66 -1.58
N SER C 714 9.41 -2.58 -0.73
CA SER C 714 9.47 -2.36 0.71
C SER C 714 10.16 -3.55 1.35
N LYS C 715 10.42 -3.43 2.65
CA LYS C 715 10.93 -4.57 3.39
C LYS C 715 9.90 -5.68 3.44
N THR C 716 8.62 -5.35 3.45
CA THR C 716 7.56 -6.32 3.61
C THR C 716 6.99 -6.82 2.28
N ALA C 717 6.74 -5.93 1.32
CA ALA C 717 6.08 -6.33 0.09
C ALA C 717 6.40 -5.33 -1.00
N VAL C 718 6.16 -5.74 -2.24
CA VAL C 718 6.26 -4.89 -3.42
C VAL C 718 4.83 -4.59 -3.88
N ARG C 719 4.50 -3.31 -3.99
CA ARG C 719 3.14 -2.89 -4.24
C ARG C 719 3.08 -1.92 -5.41
N GLY C 720 1.95 -1.94 -6.11
CA GLY C 720 1.69 -1.02 -7.19
C GLY C 720 0.43 -0.23 -6.92
N ILE C 721 0.54 1.10 -6.91
CA ILE C 721 -0.56 1.96 -6.50
C ILE C 721 -0.85 2.97 -7.61
N PRO C 722 -2.08 3.50 -7.71
CA PRO C 722 -2.37 4.47 -8.75
C PRO C 722 -1.58 5.75 -8.58
N PHE C 723 -1.29 6.41 -9.71
CA PHE C 723 -0.55 7.67 -9.65
C PHE C 723 -1.38 8.77 -9.02
N THR C 724 -2.68 8.79 -9.27
CA THR C 724 -3.57 9.77 -8.65
C THR C 724 -3.94 9.32 -7.24
N LEU C 725 -4.13 10.30 -6.36
CA LEU C 725 -4.48 10.01 -4.98
C LEU C 725 -5.98 9.99 -4.73
N SER C 726 -6.79 10.16 -5.77
CA SER C 726 -8.23 10.07 -5.60
C SER C 726 -8.64 8.68 -5.14
N THR C 727 -8.03 7.64 -5.71
CA THR C 727 -8.23 6.27 -5.28
C THR C 727 -6.89 5.69 -4.87
N GLN C 728 -6.88 5.03 -3.72
CA GLN C 728 -5.64 4.49 -3.15
C GLN C 728 -5.67 2.97 -3.12
N GLU C 729 -6.29 2.35 -4.12
CA GLU C 729 -6.43 0.90 -4.19
C GLU C 729 -5.34 0.32 -5.07
N ASP C 730 -4.65 -0.71 -4.57
CA ASP C 730 -3.55 -1.31 -5.31
C ASP C 730 -4.01 -1.80 -6.67
N VAL C 731 -3.21 -1.49 -7.70
CA VAL C 731 -3.53 -1.89 -9.06
C VAL C 731 -3.03 -3.28 -9.41
N MET C 732 -1.96 -3.74 -8.77
CA MET C 732 -1.46 -5.10 -8.93
C MET C 732 -1.49 -5.79 -7.57
N VAL C 733 -1.67 -7.10 -7.60
CA VAL C 733 -1.71 -7.86 -6.35
C VAL C 733 -0.32 -7.81 -5.70
N PRO C 734 -0.23 -7.49 -4.41
CA PRO C 734 1.09 -7.32 -3.79
C PRO C 734 1.91 -8.60 -3.82
N VAL C 735 3.22 -8.44 -4.01
CA VAL C 735 4.13 -9.57 -3.90
C VAL C 735 4.67 -9.64 -2.48
N THR C 736 4.55 -10.81 -1.86
CA THR C 736 4.89 -10.91 -0.45
C THR C 736 5.45 -12.30 -0.14
N GLY C 737 6.25 -12.36 0.91
CA GLY C 737 6.71 -13.61 1.46
C GLY C 737 6.92 -13.46 2.95
N SER C 738 6.87 -14.60 3.65
CA SER C 738 7.08 -14.62 5.11
C SER C 738 8.48 -14.06 5.36
N PRO C 739 9.57 -14.77 5.03
CA PRO C 739 10.89 -14.13 5.08
C PRO C 739 11.08 -13.26 3.86
N SER C 740 11.15 -11.94 4.04
CA SER C 740 11.13 -11.07 2.88
C SER C 740 11.88 -9.77 3.18
N PHE C 741 12.68 -9.35 2.21
CA PHE C 741 13.27 -8.01 2.22
C PHE C 741 13.49 -7.65 0.74
N PHE C 742 12.54 -6.90 0.19
CA PHE C 742 12.58 -6.55 -1.23
C PHE C 742 13.28 -5.21 -1.40
N VAL C 743 14.24 -5.15 -2.33
CA VAL C 743 14.99 -3.92 -2.56
C VAL C 743 14.94 -3.51 -4.03
N GLY C 744 15.38 -4.39 -4.93
CA GLY C 744 15.39 -4.06 -6.34
C GLY C 744 14.07 -4.42 -7.00
N ILE C 745 13.63 -3.55 -7.92
CA ILE C 745 12.40 -3.76 -8.67
C ILE C 745 12.59 -3.21 -10.08
N ASP C 746 11.96 -3.87 -11.04
CA ASP C 746 11.75 -3.32 -12.37
C ASP C 746 10.68 -4.15 -13.06
N PHE C 747 10.16 -3.61 -14.15
CA PHE C 747 8.97 -4.17 -14.78
C PHE C 747 9.25 -4.50 -16.24
N ASP C 748 8.37 -5.33 -16.81
CA ASP C 748 8.43 -5.72 -18.22
C ASP C 748 7.00 -5.62 -18.74
N ALA C 749 6.66 -4.45 -19.30
CA ALA C 749 5.29 -4.19 -19.71
C ALA C 749 4.85 -5.05 -20.90
N GLN C 750 5.78 -5.64 -21.64
CA GLN C 750 5.39 -6.48 -22.77
C GLN C 750 4.61 -7.70 -22.31
N HIS C 751 5.14 -8.43 -21.34
CA HIS C 751 4.48 -9.60 -20.78
C HIS C 751 3.79 -9.31 -19.45
N SER C 752 3.76 -8.04 -19.03
CA SER C 752 3.08 -7.62 -17.82
C SER C 752 3.61 -8.36 -16.59
N THR C 753 4.94 -8.53 -16.55
CA THR C 753 5.61 -9.16 -15.43
C THR C 753 6.44 -8.13 -14.67
N VAL C 754 6.72 -8.42 -13.42
CA VAL C 754 7.50 -7.54 -12.55
C VAL C 754 8.68 -8.32 -12.00
N PHE C 755 9.88 -7.80 -12.21
CA PHE C 755 11.09 -8.35 -11.61
C PHE C 755 11.33 -7.73 -10.24
N TYR C 756 11.89 -8.52 -9.34
CA TYR C 756 12.25 -8.01 -8.02
C TYR C 756 13.31 -8.91 -7.42
N SER C 757 14.00 -8.38 -6.43
CA SER C 757 15.03 -9.11 -5.69
C SER C 757 14.64 -9.15 -4.22
N ASP C 758 14.82 -10.30 -3.60
CA ASP C 758 14.48 -10.50 -2.20
C ASP C 758 15.79 -10.63 -1.44
N LEU C 759 16.13 -9.59 -0.67
CA LEU C 759 17.42 -9.51 0.00
C LEU C 759 17.57 -10.54 1.12
N SER C 760 16.47 -11.14 1.57
CA SER C 760 16.55 -12.14 2.63
C SER C 760 16.79 -13.54 2.10
N LYS C 761 16.36 -13.82 0.87
CA LYS C 761 16.60 -15.11 0.24
C LYS C 761 17.70 -15.08 -0.80
N ASP C 762 18.12 -13.89 -1.24
CA ASP C 762 19.12 -13.72 -2.29
C ASP C 762 18.67 -14.42 -3.58
N ILE C 763 17.43 -14.14 -3.98
CA ILE C 763 16.84 -14.71 -5.18
C ILE C 763 16.16 -13.59 -5.96
N ILE C 764 16.35 -13.56 -7.27
CA ILE C 764 15.69 -12.61 -8.14
C ILE C 764 14.53 -13.32 -8.83
N TYR C 765 13.32 -12.80 -8.64
CA TYR C 765 12.11 -13.40 -9.16
C TYR C 765 11.55 -12.55 -10.29
N LYS C 766 10.64 -13.15 -11.05
CA LYS C 766 9.74 -12.40 -11.92
C LYS C 766 8.33 -12.92 -11.70
N GLN C 767 7.37 -12.00 -11.60
CA GLN C 767 6.00 -12.35 -11.29
C GLN C 767 5.07 -11.51 -12.15
N LYS C 768 3.99 -12.13 -12.63
CA LYS C 768 3.03 -11.39 -13.44
C LYS C 768 2.25 -10.41 -12.56
N ILE C 769 1.57 -9.47 -13.21
CA ILE C 769 0.89 -8.40 -12.49
C ILE C 769 -0.22 -8.95 -11.61
N ASP C 770 -1.01 -9.88 -12.14
CA ASP C 770 -2.10 -10.48 -11.39
C ASP C 770 -1.62 -11.57 -10.42
N GLY C 771 -0.32 -11.83 -10.36
CA GLY C 771 0.24 -12.76 -9.40
C GLY C 771 0.14 -14.22 -9.77
N THR C 772 -0.36 -14.55 -10.96
CA THR C 772 -0.56 -15.95 -11.32
C THR C 772 0.74 -16.72 -11.43
N GLY C 773 1.71 -16.20 -12.17
CA GLY C 773 2.91 -16.95 -12.44
C GLY C 773 4.18 -16.35 -11.86
N LYS C 774 4.78 -17.04 -10.91
CA LYS C 774 6.03 -16.61 -10.29
C LYS C 774 7.10 -17.67 -10.49
N GLU C 775 8.26 -17.24 -11.01
CA GLU C 775 9.42 -18.11 -11.12
C GLU C 775 10.65 -17.33 -10.67
N VAL C 776 11.80 -17.98 -10.74
CA VAL C 776 13.05 -17.33 -10.37
C VAL C 776 13.83 -16.98 -11.63
N ILE C 777 14.47 -15.82 -11.61
CA ILE C 777 15.38 -15.46 -12.70
C ILE C 777 16.74 -16.09 -12.47
N THR C 778 17.34 -15.80 -11.31
CA THR C 778 18.58 -16.45 -10.91
C THR C 778 18.66 -16.41 -9.40
N ALA C 779 19.38 -17.37 -8.84
CA ALA C 779 19.60 -17.41 -7.39
C ALA C 779 21.03 -17.80 -7.05
N ASN C 780 21.92 -17.75 -8.04
CA ASN C 780 23.32 -18.20 -7.82
C ASN C 780 24.25 -17.01 -7.67
N ARG C 781 25.17 -17.07 -6.72
CA ARG C 781 26.19 -16.00 -6.54
C ARG C 781 25.56 -14.63 -6.39
N LEU C 782 24.69 -14.43 -5.41
CA LEU C 782 24.19 -13.10 -5.10
C LEU C 782 24.41 -12.81 -3.63
N GLU C 783 24.89 -11.61 -3.33
CA GLU C 783 25.19 -11.21 -1.96
C GLU C 783 24.24 -10.13 -1.46
N SER C 784 24.13 -9.02 -2.18
CA SER C 784 23.16 -7.97 -1.82
C SER C 784 22.81 -7.22 -3.11
N VAL C 785 21.74 -7.66 -3.76
CA VAL C 785 21.34 -7.07 -5.04
C VAL C 785 20.61 -5.77 -4.73
N GLU C 786 21.32 -4.65 -4.83
CA GLU C 786 20.75 -3.36 -4.45
C GLU C 786 19.62 -2.92 -5.37
N CYS C 787 19.86 -2.95 -6.68
CA CYS C 787 18.90 -2.40 -7.64
C CYS C 787 18.92 -3.20 -8.92
N LEU C 788 17.74 -3.52 -9.43
CA LEU C 788 17.58 -4.11 -10.76
C LEU C 788 17.29 -3.02 -11.78
N THR C 789 17.50 -3.36 -13.05
CA THR C 789 17.03 -2.53 -14.15
C THR C 789 16.93 -3.41 -15.38
N PHE C 790 15.92 -3.14 -16.21
CA PHE C 790 15.57 -4.01 -17.32
C PHE C 790 15.66 -3.23 -18.63
N ASP C 791 16.44 -3.76 -19.57
CA ASP C 791 16.54 -3.20 -20.91
C ASP C 791 15.43 -3.80 -21.74
N TRP C 792 14.33 -3.06 -21.91
CA TRP C 792 13.12 -3.65 -22.47
C TRP C 792 13.25 -4.01 -23.93
N ILE C 793 14.21 -3.45 -24.65
CA ILE C 793 14.35 -3.73 -26.07
C ILE C 793 15.18 -4.99 -26.31
N SER C 794 16.37 -5.04 -25.73
CA SER C 794 17.24 -6.20 -25.88
C SER C 794 16.95 -7.29 -24.85
N ARG C 795 16.10 -7.02 -23.86
CA ARG C 795 15.74 -7.98 -22.83
C ARG C 795 16.96 -8.49 -22.06
N ASN C 796 17.77 -7.57 -21.56
CA ASN C 796 18.87 -7.87 -20.66
C ASN C 796 18.56 -7.26 -19.30
N LEU C 797 18.67 -8.08 -18.26
CA LEU C 797 18.43 -7.63 -16.89
C LEU C 797 19.76 -7.34 -16.21
N TYR C 798 19.93 -6.10 -15.75
CA TYR C 798 21.13 -5.67 -15.05
C TYR C 798 20.82 -5.55 -13.56
N TRP C 799 21.86 -5.74 -12.74
CA TRP C 799 21.71 -5.52 -11.31
C TRP C 799 23.08 -5.26 -10.69
N THR C 800 23.09 -4.36 -9.71
CA THR C 800 24.29 -4.11 -8.94
C THR C 800 24.33 -5.02 -7.71
N ASP C 801 25.54 -5.45 -7.35
CA ASP C 801 25.74 -6.34 -6.22
C ASP C 801 26.67 -5.66 -5.23
N GLY C 802 26.11 -5.18 -4.11
CA GLY C 802 26.91 -4.49 -3.13
C GLY C 802 27.89 -5.37 -2.38
N GLY C 803 27.62 -6.67 -2.31
CA GLY C 803 28.52 -7.58 -1.63
C GLY C 803 29.72 -7.94 -2.49
N LEU C 804 29.47 -8.31 -3.74
CA LEU C 804 30.54 -8.60 -4.68
C LEU C 804 31.17 -7.35 -5.26
N LYS C 805 30.56 -6.18 -5.03
CA LYS C 805 31.05 -4.91 -5.54
C LYS C 805 31.19 -4.95 -7.07
N SER C 806 30.11 -5.37 -7.72
CA SER C 806 30.11 -5.54 -9.17
C SER C 806 28.67 -5.46 -9.68
N VAL C 807 28.54 -5.31 -10.99
CA VAL C 807 27.25 -5.30 -11.65
C VAL C 807 27.22 -6.44 -12.68
N THR C 808 26.08 -7.08 -12.81
CA THR C 808 25.92 -8.27 -13.65
C THR C 808 24.77 -8.05 -14.62
N VAL C 809 24.97 -8.50 -15.86
CA VAL C 809 23.93 -8.47 -16.88
C VAL C 809 23.52 -9.91 -17.17
N LEU C 810 22.21 -10.11 -17.33
CA LEU C 810 21.67 -11.43 -17.60
C LEU C 810 20.62 -11.32 -18.70
N ARG C 811 20.67 -12.24 -19.66
CA ARG C 811 19.68 -12.29 -20.74
C ARG C 811 18.55 -13.23 -20.35
N LEU C 812 17.32 -12.88 -20.75
CA LEU C 812 16.17 -13.65 -20.31
C LEU C 812 15.84 -14.79 -21.27
N ALA C 813 16.02 -14.58 -22.57
CA ALA C 813 15.71 -15.64 -23.54
C ALA C 813 16.53 -16.89 -23.25
N ASP C 814 17.84 -16.75 -23.12
CA ASP C 814 18.70 -17.81 -22.62
C ASP C 814 19.48 -17.25 -21.46
N LYS C 815 19.66 -18.05 -20.42
CA LYS C 815 20.23 -17.55 -19.17
C LYS C 815 21.74 -17.33 -19.24
N SER C 816 22.19 -16.58 -20.23
CA SER C 816 23.58 -16.16 -20.27
C SER C 816 23.81 -15.07 -19.22
N ARG C 817 24.97 -15.14 -18.56
CA ARG C 817 25.26 -14.26 -17.44
C ARG C 817 26.71 -13.82 -17.52
N ARG C 818 26.94 -12.52 -17.29
CA ARG C 818 28.28 -11.96 -17.39
C ARG C 818 28.41 -10.82 -16.39
N GLN C 819 29.54 -10.78 -15.69
CA GLN C 819 29.84 -9.71 -14.73
C GLN C 819 30.65 -8.64 -15.46
N ILE C 820 29.92 -7.68 -16.04
CA ILE C 820 30.54 -6.71 -16.95
C ILE C 820 31.44 -5.74 -16.22
N ILE C 821 31.01 -5.25 -15.05
CA ILE C 821 31.76 -4.26 -14.28
C ILE C 821 32.10 -4.87 -12.94
N SER C 822 33.31 -4.62 -12.45
CA SER C 822 33.78 -5.21 -11.21
C SER C 822 34.67 -4.23 -10.46
N ASN C 823 35.09 -4.64 -9.27
CA ASN C 823 36.05 -3.90 -8.44
C ASN C 823 35.54 -2.51 -8.08
N LEU C 824 34.23 -2.37 -7.88
CA LEU C 824 33.67 -1.13 -7.37
C LEU C 824 33.79 -1.13 -5.85
N ASN C 825 33.24 -0.09 -5.22
CA ASN C 825 33.30 0.04 -3.77
C ASN C 825 31.92 -0.06 -3.13
N ASN C 826 30.97 0.77 -3.55
CA ASN C 826 29.61 0.74 -3.02
C ASN C 826 28.61 1.08 -4.12
N PRO C 827 28.43 0.19 -5.09
CA PRO C 827 27.44 0.45 -6.14
C PRO C 827 26.03 0.26 -5.62
N ARG C 828 25.19 1.29 -5.82
CA ARG C 828 23.84 1.22 -5.30
C ARG C 828 22.78 1.23 -6.40
N SER C 829 22.77 2.25 -7.24
CA SER C 829 21.70 2.41 -8.20
C SER C 829 22.23 2.32 -9.63
N ILE C 830 21.48 1.63 -10.48
CA ILE C 830 21.84 1.43 -11.88
C ILE C 830 20.62 1.70 -12.74
N VAL C 831 20.81 2.50 -13.80
CA VAL C 831 19.77 2.77 -14.77
C VAL C 831 20.36 2.60 -16.17
N VAL C 832 19.63 1.90 -17.03
CA VAL C 832 20.09 1.61 -18.38
C VAL C 832 19.21 2.36 -19.37
N HIS C 833 19.83 2.93 -20.41
CA HIS C 833 19.12 3.66 -21.46
C HIS C 833 19.27 2.89 -22.76
N PRO C 834 18.25 2.15 -23.20
CA PRO C 834 18.40 1.30 -24.38
C PRO C 834 18.60 2.08 -25.67
N THR C 835 17.70 3.03 -25.97
CA THR C 835 17.80 3.76 -27.23
C THR C 835 19.06 4.61 -27.29
N ALA C 836 19.42 5.26 -26.18
CA ALA C 836 20.64 6.05 -26.15
C ALA C 836 21.88 5.17 -26.14
N GLY C 837 21.87 4.10 -25.35
CA GLY C 837 22.97 3.16 -25.31
C GLY C 837 23.76 3.15 -24.01
N TYR C 838 23.55 4.12 -23.14
CA TYR C 838 24.33 4.23 -21.91
C TYR C 838 23.65 3.51 -20.75
N MET C 839 24.47 3.02 -19.83
CA MET C 839 24.03 2.62 -18.50
C MET C 839 24.66 3.55 -17.47
N PHE C 840 23.87 3.96 -16.48
CA PHE C 840 24.32 4.91 -15.49
C PHE C 840 24.36 4.25 -14.13
N LEU C 841 25.32 4.67 -13.31
CA LEU C 841 25.63 3.98 -12.06
C LEU C 841 26.05 4.99 -11.02
N SER C 842 25.78 4.68 -9.76
CA SER C 842 26.13 5.54 -8.64
C SER C 842 26.89 4.74 -7.59
N ASP C 843 28.01 5.29 -7.13
CA ASP C 843 28.80 4.71 -6.06
C ASP C 843 28.89 5.73 -4.94
N TRP C 844 28.57 5.31 -3.72
CA TRP C 844 28.48 6.23 -2.59
C TRP C 844 29.63 6.07 -1.60
N PHE C 845 30.77 5.54 -2.03
CA PHE C 845 31.95 5.53 -1.18
C PHE C 845 32.42 6.97 -0.95
N ARG C 846 33.48 7.13 -0.14
CA ARG C 846 33.95 8.47 0.20
C ARG C 846 34.27 9.33 -1.01
N PRO C 847 35.02 8.86 -2.02
CA PRO C 847 35.03 9.63 -3.27
C PRO C 847 33.86 9.23 -4.16
N ALA C 848 32.66 9.65 -3.76
CA ALA C 848 31.45 9.25 -4.45
C ALA C 848 31.40 9.83 -5.86
N LYS C 849 30.82 9.07 -6.78
CA LYS C 849 30.70 9.52 -8.15
C LYS C 849 29.51 8.83 -8.81
N ILE C 850 29.01 9.45 -9.87
CA ILE C 850 28.03 8.84 -10.75
C ILE C 850 28.71 8.53 -12.07
N MET C 851 28.75 7.26 -12.44
CA MET C 851 29.48 6.83 -13.62
C MET C 851 28.50 6.39 -14.69
N ARG C 852 28.96 6.50 -15.94
CA ARG C 852 28.21 6.00 -17.08
C ARG C 852 29.12 5.17 -17.96
N ALA C 853 28.52 4.27 -18.72
CA ALA C 853 29.26 3.38 -19.60
C ALA C 853 28.32 2.86 -20.68
N TRP C 854 28.92 2.27 -21.72
CA TRP C 854 28.12 1.59 -22.72
C TRP C 854 27.42 0.40 -22.08
N SER C 855 26.31 -0.02 -22.69
CA SER C 855 25.61 -1.20 -22.20
C SER C 855 26.50 -2.43 -22.21
N ASP C 856 27.51 -2.46 -23.06
CA ASP C 856 28.53 -3.50 -23.02
C ASP C 856 29.20 -3.54 -21.65
N GLY C 857 29.45 -2.39 -21.04
CA GLY C 857 30.23 -2.32 -19.83
C GLY C 857 31.60 -1.70 -19.99
N SER C 858 32.01 -1.40 -21.22
CA SER C 858 33.23 -0.66 -21.47
C SER C 858 32.96 0.84 -21.42
N HIS C 859 34.03 1.62 -21.61
CA HIS C 859 33.95 3.08 -21.56
C HIS C 859 33.44 3.58 -20.21
N LEU C 860 33.74 2.84 -19.15
CA LEU C 860 33.31 3.24 -17.82
C LEU C 860 34.11 4.45 -17.35
N MET C 861 33.48 5.62 -17.35
CA MET C 861 34.14 6.85 -16.95
C MET C 861 33.24 7.61 -16.01
N PRO C 862 33.80 8.36 -15.06
CA PRO C 862 32.96 9.17 -14.17
C PRO C 862 32.21 10.24 -14.94
N ILE C 863 30.99 10.51 -14.50
CA ILE C 863 30.18 11.57 -15.09
C ILE C 863 29.86 12.70 -14.12
N VAL C 864 29.70 12.43 -12.83
CA VAL C 864 29.52 13.48 -11.82
C VAL C 864 30.29 13.05 -10.58
N ASN C 865 31.49 13.63 -10.39
CA ASN C 865 32.30 13.22 -9.26
C ASN C 865 32.72 14.38 -8.36
N THR C 866 32.00 15.49 -8.36
CA THR C 866 32.33 16.61 -7.50
C THR C 866 31.09 17.12 -6.79
N SER C 867 31.29 17.67 -5.60
CA SER C 867 30.21 18.19 -4.76
C SER C 867 29.12 17.13 -4.55
N LEU C 868 29.56 15.91 -4.29
CA LEU C 868 28.67 14.76 -4.22
C LEU C 868 29.03 13.88 -3.04
N GLY C 869 28.01 13.29 -2.42
CA GLY C 869 28.21 12.32 -1.37
C GLY C 869 26.94 11.55 -1.10
N TRP C 870 27.01 10.22 -1.09
CA TRP C 870 25.85 9.36 -0.95
C TRP C 870 24.78 9.59 -2.02
N PRO C 871 25.09 9.31 -3.30
CA PRO C 871 24.05 9.36 -4.33
C PRO C 871 23.22 8.09 -4.37
N ASN C 872 22.16 8.04 -3.56
CA ASN C 872 21.45 6.78 -3.33
C ASN C 872 20.58 6.33 -4.50
N GLY C 873 20.24 7.21 -5.44
CA GLY C 873 19.32 6.80 -6.47
C GLY C 873 19.45 7.54 -7.79
N LEU C 874 19.10 6.88 -8.88
CA LEU C 874 19.18 7.45 -10.22
C LEU C 874 17.86 7.23 -10.96
N ALA C 875 17.53 8.18 -11.84
CA ALA C 875 16.36 8.07 -12.69
C ALA C 875 16.59 8.92 -13.93
N ILE C 876 15.94 8.54 -15.03
CA ILE C 876 16.09 9.19 -16.31
C ILE C 876 14.76 9.79 -16.73
N ASP C 877 14.76 11.07 -17.08
CA ASP C 877 13.59 11.73 -17.63
C ASP C 877 13.54 11.41 -19.12
N TRP C 878 12.77 10.38 -19.47
CA TRP C 878 12.71 9.93 -20.86
C TRP C 878 12.15 10.98 -21.80
N SER C 879 11.27 11.86 -21.31
CA SER C 879 10.68 12.88 -22.16
C SER C 879 11.67 13.96 -22.55
N ALA C 880 12.67 14.24 -21.72
CA ALA C 880 13.65 15.28 -21.99
C ALA C 880 15.08 14.77 -22.07
N SER C 881 15.33 13.50 -21.78
CA SER C 881 16.66 12.90 -21.78
C SER C 881 17.61 13.65 -20.84
N ARG C 882 17.23 13.61 -19.56
CA ARG C 882 18.03 14.15 -18.48
C ARG C 882 18.13 13.10 -17.38
N LEU C 883 19.24 13.14 -16.65
CA LEU C 883 19.52 12.16 -15.61
C LEU C 883 19.33 12.81 -14.23
N TYR C 884 18.30 12.36 -13.52
CA TYR C 884 18.02 12.85 -12.17
C TYR C 884 18.68 11.93 -11.15
N TRP C 885 19.10 12.50 -10.03
CA TRP C 885 19.62 11.71 -8.92
C TRP C 885 19.42 12.46 -7.61
N VAL C 886 19.39 11.70 -6.52
CA VAL C 886 19.16 12.22 -5.19
C VAL C 886 20.43 12.04 -4.37
N ASP C 887 20.70 13.01 -3.51
CA ASP C 887 21.85 12.97 -2.62
C ASP C 887 21.34 12.95 -1.18
N ALA C 888 21.69 11.90 -0.44
CA ALA C 888 21.21 11.72 0.93
C ALA C 888 22.13 12.35 1.96
N PHE C 889 23.30 12.83 1.57
CA PHE C 889 24.19 13.51 2.49
C PHE C 889 23.92 15.01 2.52
N PHE C 890 23.92 15.65 1.36
CA PHE C 890 23.58 17.05 1.27
C PHE C 890 22.08 17.30 1.20
N ASP C 891 21.27 16.23 1.13
CA ASP C 891 19.82 16.33 1.18
C ASP C 891 19.29 17.21 0.04
N LYS C 892 19.53 16.76 -1.19
CA LYS C 892 19.21 17.53 -2.37
C LYS C 892 18.89 16.60 -3.54
N ILE C 893 18.18 17.13 -4.52
CA ILE C 893 17.93 16.45 -5.78
C ILE C 893 18.52 17.30 -6.90
N GLU C 894 19.37 16.69 -7.72
CA GLU C 894 19.99 17.36 -8.85
C GLU C 894 19.56 16.67 -10.13
N HIS C 895 19.84 17.32 -11.26
CA HIS C 895 19.64 16.68 -12.56
C HIS C 895 20.62 17.29 -13.55
N SER C 896 20.86 16.53 -14.62
CA SER C 896 21.85 16.91 -15.62
C SER C 896 21.58 16.16 -16.91
N THR C 897 22.21 16.62 -17.98
CA THR C 897 22.14 15.89 -19.24
C THR C 897 22.92 14.59 -19.13
N LEU C 898 22.78 13.74 -20.15
CA LEU C 898 23.39 12.43 -20.12
C LEU C 898 24.92 12.49 -20.19
N ASP C 899 25.49 13.64 -20.51
CA ASP C 899 26.93 13.82 -20.50
C ASP C 899 27.45 14.41 -19.20
N GLY C 900 26.58 14.63 -18.22
CA GLY C 900 27.00 15.23 -16.96
C GLY C 900 27.15 16.73 -16.99
N LEU C 901 26.84 17.37 -18.11
CA LEU C 901 26.97 18.81 -18.26
C LEU C 901 25.65 19.50 -17.96
N ASP C 902 25.71 20.82 -17.77
CA ASP C 902 24.54 21.64 -17.47
C ASP C 902 23.84 21.12 -16.22
N ARG C 903 24.62 20.86 -15.18
CA ARG C 903 24.07 20.32 -13.94
C ARG C 903 23.29 21.40 -13.21
N LYS C 904 22.05 21.09 -12.86
CA LYS C 904 21.18 21.99 -12.13
C LYS C 904 20.65 21.31 -10.88
N ARG C 905 20.41 22.11 -9.85
CA ARG C 905 19.92 21.62 -8.57
C ARG C 905 18.47 22.05 -8.38
N LEU C 906 17.61 21.10 -8.02
CA LEU C 906 16.23 21.43 -7.75
C LEU C 906 16.10 22.24 -6.47
N GLY C 907 14.92 22.81 -6.27
CA GLY C 907 14.66 23.60 -5.08
C GLY C 907 14.63 22.74 -3.84
N HIS C 908 14.63 23.42 -2.69
CA HIS C 908 14.64 22.72 -1.41
C HIS C 908 13.31 22.00 -1.20
N VAL C 909 13.40 20.71 -0.87
CA VAL C 909 12.25 19.89 -0.52
C VAL C 909 12.05 19.96 0.99
N ASP C 910 10.79 20.02 1.42
CA ASP C 910 10.48 20.42 2.79
C ASP C 910 11.10 19.48 3.82
N GLN C 911 10.67 18.23 3.83
CA GLN C 911 11.08 17.29 4.88
C GLN C 911 11.93 16.14 4.35
N MET C 912 12.45 16.23 3.14
CA MET C 912 13.31 15.17 2.63
C MET C 912 14.68 15.24 3.30
N THR C 913 14.95 14.28 4.18
CA THR C 913 16.19 14.26 4.93
C THR C 913 17.07 13.06 4.65
N HIS C 914 16.58 12.01 4.01
CA HIS C 914 17.39 10.85 3.65
C HIS C 914 16.71 10.11 2.49
N PRO C 915 16.76 10.67 1.29
CA PRO C 915 16.17 9.99 0.14
C PRO C 915 16.97 8.76 -0.25
N PHE C 916 16.26 7.74 -0.73
CA PHE C 916 16.91 6.53 -1.20
C PHE C 916 16.69 6.32 -2.69
N GLY C 917 15.44 6.29 -3.11
CA GLY C 917 15.13 6.07 -4.51
C GLY C 917 14.21 7.12 -5.08
N LEU C 918 14.25 7.24 -6.40
CA LEU C 918 13.42 8.22 -7.10
C LEU C 918 13.09 7.70 -8.48
N THR C 919 12.04 8.28 -9.07
CA THR C 919 11.66 8.02 -10.43
C THR C 919 10.96 9.25 -10.98
N VAL C 920 10.97 9.40 -12.30
CA VAL C 920 10.39 10.55 -12.97
C VAL C 920 9.27 10.06 -13.88
N PHE C 921 8.07 10.59 -13.65
CA PHE C 921 6.91 10.25 -14.46
C PHE C 921 6.12 11.53 -14.73
N LYS C 922 5.90 11.83 -16.01
CA LYS C 922 5.27 13.07 -16.46
C LYS C 922 6.02 14.23 -15.82
N ASP C 923 5.33 15.19 -15.19
CA ASP C 923 5.94 16.40 -14.66
C ASP C 923 6.56 16.19 -13.28
N ASN C 924 6.26 15.09 -12.58
CA ASN C 924 6.60 14.95 -11.18
C ASN C 924 7.71 13.94 -10.96
N VAL C 925 8.46 14.12 -9.87
CA VAL C 925 9.46 13.18 -9.40
C VAL C 925 8.97 12.58 -8.09
N PHE C 926 9.04 11.25 -7.99
CA PHE C 926 8.54 10.54 -6.82
C PHE C 926 9.74 10.08 -5.99
N ILE C 927 10.02 10.82 -4.93
CA ILE C 927 11.16 10.54 -4.06
C ILE C 927 10.72 9.67 -2.90
N THR C 928 11.54 8.68 -2.59
CA THR C 928 11.38 7.84 -1.41
C THR C 928 12.30 8.36 -0.32
N ASP C 929 11.82 8.37 0.92
CA ASP C 929 12.60 8.81 2.07
C ASP C 929 12.69 7.70 3.10
N TRP C 930 13.90 7.44 3.59
CA TRP C 930 14.07 6.43 4.63
C TRP C 930 13.58 6.94 5.98
N ARG C 931 14.06 8.11 6.41
CA ARG C 931 13.71 8.63 7.72
C ARG C 931 12.21 8.89 7.83
N LEU C 932 11.62 9.50 6.79
CA LEU C 932 10.17 9.68 6.76
C LEU C 932 9.43 8.36 6.59
N GLY C 933 10.05 7.39 5.94
CA GLY C 933 9.36 6.14 5.63
C GLY C 933 8.15 6.37 4.74
N ALA C 934 8.28 7.23 3.73
CA ALA C 934 7.14 7.65 2.94
C ALA C 934 7.57 7.95 1.51
N ILE C 935 6.60 7.91 0.61
CA ILE C 935 6.79 8.32 -0.77
C ILE C 935 6.23 9.72 -0.95
N ILE C 936 7.07 10.65 -1.39
CA ILE C 936 6.66 12.04 -1.58
C ILE C 936 6.80 12.38 -3.06
N ARG C 937 6.00 13.33 -3.51
CA ARG C 937 5.94 13.73 -4.91
C ARG C 937 6.13 15.23 -5.04
N VAL C 938 7.09 15.63 -5.88
CA VAL C 938 7.37 17.04 -6.16
C VAL C 938 7.52 17.20 -7.67
N ARG C 939 7.42 18.45 -8.11
CA ARG C 939 7.53 18.76 -9.53
C ARG C 939 8.98 18.67 -10.00
N LYS C 940 9.17 18.20 -11.23
CA LYS C 940 10.51 18.04 -11.78
C LYS C 940 11.18 19.36 -12.08
N SER C 941 10.43 20.47 -12.08
CA SER C 941 11.01 21.76 -12.40
C SER C 941 11.85 22.28 -11.24
N ASP C 942 11.23 22.49 -10.08
CA ASP C 942 11.92 23.07 -8.95
C ASP C 942 11.54 22.41 -7.63
N GLY C 943 10.92 21.23 -7.70
CA GLY C 943 10.38 20.63 -6.49
C GLY C 943 8.97 21.10 -6.24
N GLY C 944 8.82 22.09 -5.36
CA GLY C 944 7.56 22.79 -5.26
C GLY C 944 6.61 22.11 -4.30
N ASP C 945 5.37 21.92 -4.73
CA ASP C 945 4.29 21.45 -3.87
C ASP C 945 4.50 19.97 -3.56
N MET C 946 5.23 19.72 -2.48
CA MET C 946 5.44 18.35 -2.03
C MET C 946 4.15 17.76 -1.50
N THR C 947 3.79 16.58 -2.02
CA THR C 947 2.62 15.84 -1.54
C THR C 947 3.05 14.45 -1.14
N VAL C 948 2.62 14.03 0.05
CA VAL C 948 2.95 12.71 0.57
C VAL C 948 2.00 11.70 -0.04
N ILE C 949 2.55 10.66 -0.66
CA ILE C 949 1.72 9.66 -1.33
C ILE C 949 1.32 8.56 -0.36
N ARG C 950 2.28 8.02 0.40
CA ARG C 950 2.02 6.94 1.34
C ARG C 950 2.93 7.12 2.54
N ARG C 951 2.34 7.37 3.70
CA ARG C 951 3.12 7.42 4.94
C ARG C 951 2.94 6.13 5.73
N GLY C 952 3.97 5.78 6.49
CA GLY C 952 3.91 4.62 7.36
C GLY C 952 4.57 3.37 6.84
N ILE C 953 5.36 3.46 5.77
CA ILE C 953 6.05 2.29 5.25
C ILE C 953 7.18 1.91 6.20
N SER C 954 7.26 0.63 6.54
CA SER C 954 8.28 0.17 7.48
C SER C 954 9.69 0.41 6.96
N SER C 955 9.95 0.03 5.71
CA SER C 955 11.23 0.28 5.07
C SER C 955 10.97 0.32 3.57
N VAL C 956 10.96 1.51 2.98
CA VAL C 956 10.34 1.74 1.69
C VAL C 956 11.21 1.34 0.49
N MET C 957 12.51 1.62 0.54
CA MET C 957 13.42 1.30 -0.57
C MET C 957 12.96 1.89 -1.91
N HIS C 958 13.06 1.11 -2.98
CA HIS C 958 12.99 1.63 -4.33
C HIS C 958 11.56 1.95 -4.77
N VAL C 959 11.45 2.88 -5.71
CA VAL C 959 10.23 3.19 -6.42
C VAL C 959 10.52 3.05 -7.91
N LYS C 960 9.47 2.85 -8.70
CA LYS C 960 9.63 2.69 -10.14
C LYS C 960 8.31 2.96 -10.83
N ALA C 961 8.36 3.69 -11.94
CA ALA C 961 7.15 4.07 -12.66
C ALA C 961 6.85 3.03 -13.73
N TYR C 962 5.96 2.10 -13.42
CA TYR C 962 5.47 1.18 -14.44
C TYR C 962 4.76 1.98 -15.51
N ASP C 963 5.09 1.73 -16.77
CA ASP C 963 4.52 2.49 -17.87
C ASP C 963 4.72 1.68 -19.15
N ALA C 964 3.60 1.28 -19.77
CA ALA C 964 3.69 0.52 -21.01
C ALA C 964 4.00 1.41 -22.21
N ASP C 965 3.85 2.72 -22.07
CA ASP C 965 4.11 3.63 -23.19
C ASP C 965 5.61 3.79 -23.43
N LEU C 966 6.41 3.90 -22.36
CA LEU C 966 7.83 4.15 -22.54
C LEU C 966 8.59 2.88 -22.90
N GLN C 967 8.00 1.71 -22.68
CA GLN C 967 8.64 0.44 -23.04
C GLN C 967 8.30 0.07 -24.48
N THR C 968 8.58 1.01 -25.39
CA THR C 968 8.38 0.81 -26.81
C THR C 968 9.65 1.17 -27.57
N GLY C 969 9.55 1.27 -28.89
CA GLY C 969 10.70 1.64 -29.70
C GLY C 969 11.55 0.42 -30.05
N SER C 970 12.62 0.70 -30.79
CA SER C 970 13.51 -0.37 -31.24
C SER C 970 14.83 0.24 -31.67
N ASN C 971 15.82 -0.64 -31.83
CA ASN C 971 17.11 -0.30 -32.40
C ASN C 971 17.63 -1.52 -33.14
N TYR C 972 18.94 -1.53 -33.45
CA TYR C 972 19.50 -2.64 -34.20
C TYR C 972 19.46 -3.95 -33.43
N CYS C 973 19.20 -3.90 -32.12
CA CYS C 973 19.05 -5.11 -31.33
C CYS C 973 17.65 -5.69 -31.39
N SER C 974 16.71 -5.02 -32.07
CA SER C 974 15.34 -5.53 -32.15
C SER C 974 14.76 -5.35 -33.54
N GLN C 975 15.59 -5.42 -34.58
CA GLN C 975 15.09 -5.35 -35.94
C GLN C 975 14.20 -6.55 -36.24
N THR C 976 13.13 -6.31 -37.00
CA THR C 976 12.17 -7.38 -37.29
C THR C 976 12.72 -8.36 -38.32
N THR C 977 13.66 -7.93 -39.16
CA THR C 977 14.11 -8.75 -40.27
C THR C 977 15.12 -9.81 -39.87
N HIS C 978 15.75 -9.69 -38.70
CA HIS C 978 16.77 -10.64 -38.28
C HIS C 978 16.86 -10.67 -36.77
N ALA C 979 17.48 -11.74 -36.26
CA ALA C 979 17.43 -12.06 -34.84
C ALA C 979 18.40 -11.19 -34.06
N ASN C 980 17.85 -10.40 -33.12
CA ASN C 980 18.58 -9.72 -32.04
C ASN C 980 19.93 -9.16 -32.49
N GLY C 981 19.96 -8.59 -33.69
CA GLY C 981 21.18 -7.98 -34.17
C GLY C 981 22.27 -8.95 -34.58
N ASP C 982 21.90 -10.20 -34.88
CA ASP C 982 22.81 -11.21 -35.42
C ASP C 982 23.86 -11.64 -34.41
N CYS C 983 23.86 -11.04 -33.22
CA CYS C 983 24.73 -11.51 -32.16
C CYS C 983 24.17 -12.80 -31.55
N SER C 984 25.06 -13.74 -31.25
CA SER C 984 24.60 -15.04 -30.80
C SER C 984 24.04 -15.00 -29.38
N HIS C 985 24.84 -14.55 -28.41
CA HIS C 985 24.44 -14.61 -27.01
C HIS C 985 23.97 -13.23 -26.56
N PHE C 986 24.82 -12.22 -26.59
CA PHE C 986 24.48 -10.89 -26.09
C PHE C 986 24.52 -9.89 -27.24
N CYS C 987 23.57 -8.97 -27.27
CA CYS C 987 23.67 -7.77 -28.07
C CYS C 987 23.37 -6.55 -27.19
N PHE C 988 24.24 -5.56 -27.26
CA PHE C 988 24.13 -4.38 -26.42
C PHE C 988 23.96 -3.14 -27.30
N PRO C 989 23.02 -2.26 -26.98
CA PRO C 989 22.93 -1.00 -27.70
C PRO C 989 24.12 -0.10 -27.38
N VAL C 990 24.49 0.72 -28.36
CA VAL C 990 25.65 1.60 -28.25
C VAL C 990 25.32 2.96 -28.81
N PRO C 991 25.83 4.03 -28.17
CA PRO C 991 25.52 5.40 -28.64
C PRO C 991 25.75 5.62 -30.12
N ASN C 992 25.12 6.65 -30.67
CA ASN C 992 25.01 6.87 -32.11
C ASN C 992 24.31 5.70 -32.79
N PHE C 993 23.33 5.13 -32.09
CA PHE C 993 22.45 4.09 -32.61
C PHE C 993 23.19 2.86 -33.12
N GLN C 994 24.29 2.49 -32.47
CA GLN C 994 25.03 1.31 -32.89
C GLN C 994 24.70 0.13 -31.98
N ARG C 995 25.40 -0.99 -32.19
CA ARG C 995 25.20 -2.19 -31.40
C ARG C 995 26.50 -2.99 -31.36
N VAL C 996 26.72 -3.67 -30.24
CA VAL C 996 27.87 -4.56 -30.06
C VAL C 996 27.38 -5.87 -29.49
N CYS C 997 28.15 -6.93 -29.72
CA CYS C 997 27.78 -8.24 -29.23
C CYS C 997 28.60 -8.60 -27.99
N GLY C 998 28.14 -9.62 -27.27
CA GLY C 998 28.83 -10.09 -26.09
C GLY C 998 28.62 -11.58 -25.93
N CYS C 999 29.36 -12.15 -24.98
CA CYS C 999 29.34 -13.59 -24.77
C CYS C 999 29.32 -13.89 -23.28
N PRO C 1000 28.78 -15.05 -22.88
CA PRO C 1000 28.69 -15.38 -21.45
C PRO C 1000 30.06 -15.60 -20.84
N TYR C 1001 30.03 -15.91 -19.55
CA TYR C 1001 31.30 -16.24 -18.85
C TYR C 1001 31.80 -17.58 -19.39
N GLY C 1002 33.11 -17.70 -19.52
CA GLY C 1002 33.71 -18.90 -20.03
C GLY C 1002 33.69 -19.03 -21.53
N MET C 1003 33.23 -18.00 -22.24
CA MET C 1003 33.04 -18.08 -23.67
C MET C 1003 33.56 -16.80 -24.32
N LYS C 1004 34.13 -16.94 -25.51
CA LYS C 1004 34.89 -15.88 -26.15
C LYS C 1004 34.29 -15.55 -27.51
N LEU C 1005 34.27 -14.26 -27.84
CA LEU C 1005 33.77 -13.78 -29.12
C LEU C 1005 34.79 -14.10 -30.22
N GLN C 1006 34.29 -14.65 -31.33
CA GLN C 1006 35.15 -15.08 -32.41
C GLN C 1006 35.57 -13.90 -33.29
N ARG C 1007 36.26 -14.22 -34.38
CA ARG C 1007 36.71 -13.19 -35.33
C ARG C 1007 35.54 -12.47 -35.98
N ASP C 1008 34.42 -13.17 -36.17
CA ASP C 1008 33.25 -12.56 -36.80
C ASP C 1008 32.64 -11.44 -35.97
N GLN C 1009 32.99 -11.35 -34.69
CA GLN C 1009 32.46 -10.36 -33.76
C GLN C 1009 30.96 -10.52 -33.54
N MET C 1010 30.40 -11.65 -33.95
CA MET C 1010 28.98 -11.95 -33.74
C MET C 1010 28.73 -13.31 -33.12
N THR C 1011 29.63 -14.29 -33.27
CA THR C 1011 29.43 -15.63 -32.76
C THR C 1011 30.48 -15.92 -31.69
N CYS C 1012 30.09 -16.69 -30.68
CA CYS C 1012 30.94 -16.96 -29.54
C CYS C 1012 31.41 -18.41 -29.56
N GLU C 1013 32.57 -18.63 -28.95
CA GLU C 1013 33.14 -19.96 -28.79
C GLU C 1013 33.70 -20.10 -27.38
N GLY C 1014 33.74 -21.33 -26.89
CA GLY C 1014 34.19 -21.56 -25.52
C GLY C 1014 35.66 -21.25 -25.37
N ASP C 1015 36.00 -20.63 -24.24
CA ASP C 1015 37.38 -20.27 -23.90
C ASP C 1015 37.69 -20.81 -22.51
N PRO C 1016 38.06 -22.07 -22.40
CA PRO C 1016 38.43 -22.63 -21.09
C PRO C 1016 39.83 -22.22 -20.62
N ALA C 1017 40.53 -21.36 -21.35
CA ALA C 1017 41.88 -20.98 -20.97
C ALA C 1017 41.88 -19.80 -20.02
N ARG C 1018 41.11 -18.75 -20.32
CA ARG C 1018 41.07 -17.57 -19.48
C ARG C 1018 39.91 -17.58 -18.49
N GLU C 1019 38.82 -18.27 -18.83
CA GLU C 1019 37.63 -18.35 -17.97
C GLU C 1019 37.21 -19.80 -17.83
N PRO C 1020 37.91 -20.62 -17.00
CA PRO C 1020 37.59 -22.04 -16.91
C PRO C 1020 36.27 -22.31 -16.18
N PRO C 1021 35.64 -23.49 -16.37
CA PRO C 1021 34.34 -23.79 -15.75
C PRO C 1021 34.32 -23.66 -14.22
N THR C 1022 33.16 -23.31 -13.65
CA THR C 1022 33.04 -23.12 -12.19
C THR C 1022 31.82 -23.89 -11.68
N GLN C 1023 31.88 -24.45 -10.47
CA GLN C 1023 30.77 -25.27 -9.93
C GLN C 1023 29.78 -24.39 -9.17
N GLN C 1024 28.59 -24.91 -8.88
CA GLN C 1024 27.54 -24.08 -8.23
C GLN C 1024 28.12 -23.31 -7.04
N CYS C 1025 29.04 -23.91 -6.27
CA CYS C 1025 29.67 -23.17 -5.18
C CYS C 1025 30.62 -24.09 -4.44
N GLY C 1026 31.17 -23.59 -3.33
CA GLY C 1026 32.24 -24.29 -2.59
C GLY C 1026 31.93 -25.67 -2.07
N SER C 1027 32.80 -26.19 -1.21
CA SER C 1027 32.65 -27.58 -0.69
C SER C 1027 31.63 -27.61 0.44
N LEU C 1028 31.85 -26.82 1.48
CA LEU C 1028 30.96 -26.88 2.67
C LEU C 1028 29.61 -26.25 2.29
N SER C 1029 28.98 -26.76 1.23
CA SER C 1029 27.66 -26.24 0.81
C SER C 1029 26.96 -27.25 -0.09
N PHE C 1030 25.65 -27.38 0.06
CA PHE C 1030 24.88 -28.29 -0.81
C PHE C 1030 24.29 -27.47 -1.95
N PRO C 1031 24.63 -27.73 -3.23
CA PRO C 1031 23.97 -26.99 -4.33
C PRO C 1031 22.50 -27.36 -4.45
N CYS C 1032 21.63 -26.36 -4.31
CA CYS C 1032 20.20 -26.57 -4.48
C CYS C 1032 19.85 -26.62 -5.97
N ASN C 1033 18.62 -27.07 -6.25
CA ASN C 1033 18.19 -27.21 -7.64
C ASN C 1033 18.06 -25.85 -8.32
N ASN C 1034 17.52 -24.86 -7.62
CA ASN C 1034 17.24 -23.56 -8.24
C ASN C 1034 18.49 -22.73 -8.48
N GLY C 1035 19.65 -23.15 -7.97
CA GLY C 1035 20.87 -22.40 -8.10
C GLY C 1035 21.46 -21.97 -6.77
N LYS C 1036 20.64 -21.76 -5.75
CA LYS C 1036 21.12 -21.46 -4.42
C LYS C 1036 21.98 -22.61 -3.90
N CYS C 1037 22.75 -22.33 -2.84
CA CYS C 1037 23.40 -23.39 -2.09
C CYS C 1037 23.61 -22.91 -0.65
N VAL C 1038 23.40 -23.83 0.29
CA VAL C 1038 23.43 -23.45 1.73
C VAL C 1038 24.55 -24.18 2.47
N PRO C 1039 24.97 -23.72 3.66
CA PRO C 1039 25.98 -24.42 4.43
C PRO C 1039 25.52 -25.87 4.52
N SER C 1040 26.44 -26.84 4.41
CA SER C 1040 26.03 -28.27 4.38
C SER C 1040 25.10 -28.62 5.53
N PHE C 1041 25.56 -28.47 6.77
CA PHE C 1041 24.75 -28.90 7.90
C PHE C 1041 23.30 -28.42 7.83
N PHE C 1042 22.98 -27.53 6.89
CA PHE C 1042 21.59 -27.21 6.61
C PHE C 1042 20.88 -28.30 5.82
N ARG C 1043 21.62 -29.28 5.30
CA ARG C 1043 20.99 -30.41 4.64
C ARG C 1043 20.27 -31.30 5.64
N CYS C 1044 19.02 -31.61 5.35
CA CYS C 1044 18.20 -32.53 6.15
C CYS C 1044 18.17 -32.12 7.61
N ASP C 1045 17.61 -30.93 7.86
CA ASP C 1045 17.34 -30.48 9.22
C ASP C 1045 15.90 -30.03 9.41
N GLY C 1046 15.00 -30.40 8.50
CA GLY C 1046 13.60 -30.10 8.64
C GLY C 1046 13.20 -28.69 8.28
N VAL C 1047 14.13 -27.85 7.82
CA VAL C 1047 13.85 -26.47 7.45
C VAL C 1047 14.20 -26.28 5.99
N ASP C 1048 13.29 -25.69 5.23
CA ASP C 1048 13.49 -25.44 3.81
C ASP C 1048 14.39 -24.22 3.66
N ASP C 1049 15.69 -24.44 3.54
CA ASP C 1049 16.64 -23.36 3.39
C ASP C 1049 16.87 -22.96 1.93
N CYS C 1050 16.77 -23.91 1.00
CA CYS C 1050 16.96 -23.61 -0.40
C CYS C 1050 15.75 -22.92 -1.02
N HIS C 1051 14.65 -22.83 -0.29
CA HIS C 1051 13.38 -22.24 -0.71
C HIS C 1051 12.75 -22.97 -1.89
N ASP C 1052 13.25 -24.16 -2.23
CA ASP C 1052 12.58 -25.05 -3.16
C ASP C 1052 12.51 -26.48 -2.62
N ASN C 1053 12.81 -26.67 -1.34
CA ASN C 1053 12.80 -27.96 -0.63
C ASN C 1053 13.83 -28.94 -1.18
N SER C 1054 14.90 -28.46 -1.82
CA SER C 1054 15.92 -29.38 -2.32
C SER C 1054 16.77 -29.94 -1.18
N ASP C 1055 17.09 -29.11 -0.18
CA ASP C 1055 17.92 -29.57 0.93
C ASP C 1055 17.17 -30.47 1.90
N GLU C 1056 15.84 -30.50 1.84
CA GLU C 1056 15.04 -31.38 2.68
C GLU C 1056 14.44 -32.54 1.89
N HIS C 1057 15.03 -32.90 0.76
CA HIS C 1057 14.47 -33.92 -0.10
C HIS C 1057 15.12 -35.27 0.18
N GLN C 1058 14.30 -36.28 0.45
CA GLN C 1058 14.75 -37.66 0.61
C GLN C 1058 15.78 -37.78 1.74
N CYS C 1059 15.33 -37.48 2.95
CA CYS C 1059 16.17 -37.54 4.13
C CYS C 1059 15.95 -38.83 4.90
N GLY C 1060 17.00 -39.28 5.60
CA GLY C 1060 16.90 -40.48 6.40
C GLY C 1060 16.69 -41.76 5.62
N VAL C 1061 17.37 -41.92 4.48
CA VAL C 1061 17.26 -43.12 3.67
C VAL C 1061 18.46 -43.18 2.73
N PHE C 1062 18.98 -44.39 2.51
CA PHE C 1062 20.11 -44.61 1.61
C PHE C 1062 21.31 -43.75 1.99
N ASN C 1063 21.57 -43.65 3.29
CA ASN C 1063 22.66 -42.84 3.84
C ASN C 1063 22.57 -41.37 3.43
N ASN C 1064 21.37 -40.93 3.06
CA ASN C 1064 21.07 -39.52 2.83
C ASN C 1064 20.58 -38.99 4.17
N THR C 1065 21.50 -38.93 5.14
CA THR C 1065 21.16 -38.84 6.55
C THR C 1065 20.72 -37.43 6.95
N CYS C 1066 20.54 -37.26 8.26
CA CYS C 1066 19.93 -36.05 8.82
C CYS C 1066 20.90 -35.35 9.76
N SER C 1067 20.75 -34.03 9.88
CA SER C 1067 21.61 -33.20 10.70
C SER C 1067 21.34 -33.42 12.18
N PRO C 1068 22.31 -33.11 13.05
CA PRO C 1068 22.04 -33.20 14.49
C PRO C 1068 20.96 -32.25 14.98
N SER C 1069 20.81 -31.09 14.34
CA SER C 1069 19.81 -30.12 14.78
C SER C 1069 18.39 -30.58 14.52
N ALA C 1070 18.20 -31.66 13.76
CA ALA C 1070 16.87 -32.16 13.46
C ALA C 1070 16.50 -33.31 14.39
N PHE C 1071 15.24 -33.71 14.31
CA PHE C 1071 14.75 -34.91 14.98
C PHE C 1071 14.42 -35.95 13.93
N ALA C 1072 15.09 -37.10 14.00
CA ALA C 1072 14.85 -38.19 13.06
C ALA C 1072 13.66 -39.01 13.50
N CYS C 1073 12.82 -39.38 12.54
CA CYS C 1073 11.69 -40.26 12.83
C CYS C 1073 12.20 -41.68 13.10
N VAL C 1074 11.45 -42.40 13.92
CA VAL C 1074 11.91 -43.70 14.40
C VAL C 1074 12.09 -44.68 13.24
N ARG C 1075 11.11 -44.75 12.35
CA ARG C 1075 11.20 -45.63 11.19
C ARG C 1075 11.93 -44.98 10.03
N GLY C 1076 12.35 -43.73 10.17
CA GLY C 1076 13.08 -43.05 9.11
C GLY C 1076 12.15 -42.50 8.04
N GLY C 1077 12.77 -41.94 7.00
CA GLY C 1077 12.06 -41.36 5.90
C GLY C 1077 11.61 -39.92 6.08
N GLN C 1078 11.80 -39.35 7.27
CA GLN C 1078 11.40 -37.97 7.53
C GLN C 1078 12.18 -37.44 8.72
N CYS C 1079 12.63 -36.19 8.59
CA CYS C 1079 13.34 -35.52 9.69
C CYS C 1079 12.76 -34.12 9.87
N ILE C 1080 12.60 -33.75 11.13
CA ILE C 1080 11.91 -32.50 11.49
C ILE C 1080 12.79 -31.70 12.44
N PRO C 1081 12.57 -30.39 12.50
CA PRO C 1081 13.40 -29.55 13.39
C PRO C 1081 13.29 -29.97 14.84
N GLY C 1082 14.40 -29.81 15.57
CA GLY C 1082 14.44 -30.23 16.96
C GLY C 1082 13.44 -29.48 17.84
N GLN C 1083 13.06 -28.27 17.45
CA GLN C 1083 12.03 -27.54 18.19
C GLN C 1083 10.69 -28.24 18.12
N TRP C 1084 10.49 -29.10 17.12
CA TRP C 1084 9.25 -29.85 16.96
C TRP C 1084 9.25 -31.15 17.75
N HIS C 1085 10.35 -31.48 18.41
CA HIS C 1085 10.41 -32.68 19.23
C HIS C 1085 9.71 -32.45 20.55
N CYS C 1086 8.69 -33.27 20.84
CA CYS C 1086 7.89 -33.17 22.06
C CYS C 1086 7.26 -31.79 22.23
N ASP C 1087 6.82 -31.18 21.14
CA ASP C 1087 6.23 -29.84 21.17
C ASP C 1087 4.71 -29.86 21.25
N ARG C 1088 4.12 -30.99 21.64
CA ARG C 1088 2.67 -31.16 21.78
C ARG C 1088 1.95 -31.22 20.44
N GLN C 1089 2.69 -31.02 19.34
CA GLN C 1089 2.15 -31.26 18.01
C GLN C 1089 2.70 -32.57 17.46
N ASN C 1090 1.85 -33.29 16.73
CA ASN C 1090 2.24 -34.56 16.13
C ASN C 1090 2.74 -34.28 14.72
N ASP C 1091 4.03 -33.98 14.59
CA ASP C 1091 4.59 -33.62 13.30
C ASP C 1091 4.94 -34.83 12.46
N CYS C 1092 5.78 -35.73 12.98
CA CYS C 1092 6.14 -36.92 12.24
C CYS C 1092 4.92 -37.81 12.04
N LEU C 1093 4.90 -38.52 10.91
CA LEU C 1093 3.69 -39.26 10.53
C LEU C 1093 3.38 -40.36 11.53
N ASP C 1094 4.38 -41.06 12.04
CA ASP C 1094 4.16 -42.16 12.96
C ASP C 1094 4.00 -41.71 14.41
N GLY C 1095 4.10 -40.41 14.68
CA GLY C 1095 3.94 -39.92 16.03
C GLY C 1095 5.14 -40.10 16.93
N SER C 1096 6.28 -40.49 16.38
CA SER C 1096 7.48 -40.70 17.20
C SER C 1096 7.95 -39.41 17.86
N ASP C 1097 7.64 -38.25 17.28
CA ASP C 1097 8.09 -37.00 17.86
C ASP C 1097 7.38 -36.66 19.16
N GLU C 1098 6.27 -37.35 19.46
CA GLU C 1098 5.56 -37.11 20.71
C GLU C 1098 5.52 -38.33 21.62
N GLN C 1099 5.73 -39.53 21.10
CA GLN C 1099 5.79 -40.71 21.94
C GLN C 1099 7.02 -40.67 22.84
N ASN C 1100 6.89 -41.27 24.02
CA ASN C 1100 7.98 -41.43 24.98
C ASN C 1100 8.63 -40.10 25.36
N CYS C 1101 7.84 -39.03 25.43
CA CYS C 1101 8.38 -37.72 25.78
C CYS C 1101 8.33 -37.53 27.30
N PRO C 1102 9.48 -37.45 27.96
CA PRO C 1102 9.47 -37.23 29.41
C PRO C 1102 9.06 -35.80 29.74
N THR C 1103 8.51 -35.65 30.94
CA THR C 1103 8.04 -34.36 31.40
C THR C 1103 9.22 -33.45 31.73
N HIS C 1104 8.91 -32.19 32.03
CA HIS C 1104 9.89 -31.21 32.47
C HIS C 1104 9.52 -30.61 33.82
N ALA C 1105 8.81 -31.40 34.64
CA ALA C 1105 8.46 -30.98 35.99
C ALA C 1105 9.69 -31.11 36.90
N THR C 1106 10.64 -30.22 36.68
CA THR C 1106 11.90 -30.26 37.40
C THR C 1106 11.74 -29.70 38.81
N SER C 1107 12.83 -29.77 39.57
CA SER C 1107 12.89 -29.15 40.89
C SER C 1107 13.39 -27.71 40.71
N SER C 1108 12.46 -26.81 40.38
CA SER C 1108 12.83 -25.42 40.11
C SER C 1108 11.87 -24.51 40.86
N THR C 1109 12.32 -23.28 41.09
CA THR C 1109 11.52 -22.29 41.78
C THR C 1109 11.25 -21.12 40.84
N CYS C 1110 10.06 -20.58 40.91
CA CYS C 1110 9.90 -19.30 40.24
C CYS C 1110 10.39 -18.18 41.16
N PRO C 1111 11.04 -17.15 40.62
CA PRO C 1111 11.50 -16.05 41.46
C PRO C 1111 10.35 -15.43 42.23
N SER C 1112 10.61 -15.10 43.51
CA SER C 1112 9.56 -14.59 44.38
C SER C 1112 9.00 -13.27 43.89
N THR C 1113 9.74 -12.54 43.04
CA THR C 1113 9.22 -11.35 42.40
C THR C 1113 8.36 -11.66 41.20
N SER C 1114 8.10 -12.94 40.92
CA SER C 1114 7.37 -13.36 39.74
C SER C 1114 6.26 -14.32 40.14
N PHE C 1115 5.31 -14.51 39.24
CA PHE C 1115 4.16 -15.39 39.47
C PHE C 1115 4.34 -16.68 38.69
N THR C 1116 3.93 -17.79 39.29
CA THR C 1116 4.12 -19.11 38.70
C THR C 1116 2.84 -19.51 37.97
N CYS C 1117 2.92 -19.60 36.64
CA CYS C 1117 1.80 -20.14 35.88
C CYS C 1117 1.69 -21.65 36.13
N ASP C 1118 0.46 -22.16 36.04
CA ASP C 1118 0.28 -23.60 36.16
C ASP C 1118 0.90 -24.35 35.00
N ASN C 1119 1.25 -23.68 33.91
CA ASN C 1119 2.07 -24.24 32.85
C ASN C 1119 3.54 -24.26 33.19
N HIS C 1120 3.91 -23.73 34.37
CA HIS C 1120 5.29 -23.68 34.84
C HIS C 1120 6.15 -22.82 33.91
N VAL C 1121 5.68 -21.60 33.69
CA VAL C 1121 6.44 -20.54 33.04
C VAL C 1121 6.32 -19.29 33.91
N CYS C 1122 7.45 -18.63 34.14
CA CYS C 1122 7.49 -17.49 35.05
C CYS C 1122 7.11 -16.21 34.33
N ILE C 1123 6.21 -15.45 34.95
CA ILE C 1123 5.80 -14.15 34.45
C ILE C 1123 5.89 -13.15 35.60
N PRO C 1124 6.06 -11.86 35.34
CA PRO C 1124 6.08 -10.88 36.43
C PRO C 1124 4.81 -10.94 37.25
N LYS C 1125 4.96 -10.77 38.57
CA LYS C 1125 3.81 -10.83 39.47
C LYS C 1125 2.82 -9.69 39.21
N ASP C 1126 3.24 -8.68 38.45
CA ASP C 1126 2.39 -7.54 38.12
C ASP C 1126 1.42 -7.85 37.00
N TRP C 1127 1.59 -8.96 36.29
CA TRP C 1127 0.74 -9.33 35.16
C TRP C 1127 -0.42 -10.23 35.56
N VAL C 1128 -0.73 -10.32 36.85
CA VAL C 1128 -1.83 -11.17 37.30
C VAL C 1128 -3.11 -10.35 37.34
N CYS C 1129 -4.20 -10.96 36.85
CA CYS C 1129 -5.52 -10.34 36.83
C CYS C 1129 -5.53 -9.06 35.99
N ASP C 1130 -4.79 -9.08 34.88
CA ASP C 1130 -4.75 -7.97 33.94
C ASP C 1130 -5.66 -8.18 32.74
N THR C 1131 -6.42 -9.28 32.71
CA THR C 1131 -7.32 -9.71 31.64
C THR C 1131 -6.54 -10.09 30.38
N ASP C 1132 -5.24 -10.30 30.47
CA ASP C 1132 -4.44 -10.79 29.34
C ASP C 1132 -3.85 -12.15 29.69
N ASN C 1133 -3.86 -13.05 28.71
CA ASN C 1133 -3.37 -14.42 28.90
C ASN C 1133 -1.85 -14.47 28.66
N ASP C 1134 -1.11 -13.92 29.63
CA ASP C 1134 0.34 -13.95 29.53
C ASP C 1134 0.92 -15.34 29.76
N CYS C 1135 0.22 -16.20 30.51
CA CYS C 1135 0.70 -17.54 30.75
C CYS C 1135 0.52 -18.46 29.55
N SER C 1136 -0.26 -18.03 28.55
CA SER C 1136 -0.64 -18.87 27.41
C SER C 1136 -1.42 -20.11 27.85
N ASP C 1137 -1.86 -20.12 29.10
CA ASP C 1137 -2.64 -21.24 29.64
C ASP C 1137 -3.80 -20.71 30.48
N GLY C 1138 -3.89 -19.39 30.62
CA GLY C 1138 -4.95 -18.77 31.38
C GLY C 1138 -4.80 -18.85 32.89
N SER C 1139 -3.63 -19.23 33.39
CA SER C 1139 -3.46 -19.38 34.84
C SER C 1139 -3.47 -18.02 35.53
N ASP C 1140 -2.79 -17.03 34.95
CA ASP C 1140 -2.65 -15.74 35.62
C ASP C 1140 -3.97 -14.99 35.77
N GLU C 1141 -4.96 -15.29 34.94
CA GLU C 1141 -6.25 -14.62 35.00
C GLU C 1141 -7.31 -15.46 35.69
N LYS C 1142 -6.93 -16.59 36.28
CA LYS C 1142 -7.89 -17.44 36.97
C LYS C 1142 -8.27 -16.84 38.31
N ASN C 1143 -9.53 -17.03 38.70
CA ASN C 1143 -10.09 -16.57 39.96
C ASN C 1143 -10.04 -15.06 40.13
N CYS C 1144 -9.86 -14.31 39.06
CA CYS C 1144 -9.80 -12.85 39.15
C CYS C 1144 -11.19 -12.24 39.07
N GLN C 1145 -12.05 -12.58 40.02
CA GLN C 1145 -13.41 -12.04 40.02
C GLN C 1145 -13.40 -10.58 40.44
N ALA C 1146 -14.54 -9.92 40.23
CA ALA C 1146 -14.68 -8.51 40.59
C ALA C 1146 -14.51 -8.30 42.10
N SER C 1147 -14.81 -9.33 42.89
CA SER C 1147 -14.59 -9.27 44.33
C SER C 1147 -13.10 -9.51 44.60
N GLY C 1148 -12.37 -8.43 44.82
CA GLY C 1148 -10.95 -8.53 45.04
C GLY C 1148 -10.30 -7.16 45.02
N THR C 1149 -8.97 -7.18 45.06
CA THR C 1149 -8.18 -5.96 45.07
C THR C 1149 -7.25 -6.03 43.87
N CYS C 1150 -6.48 -4.98 43.65
CA CYS C 1150 -5.27 -5.12 42.87
C CYS C 1150 -4.07 -5.16 43.80
N GLN C 1151 -2.99 -5.78 43.31
CA GLN C 1151 -1.80 -5.94 44.12
C GLN C 1151 -1.22 -4.58 44.48
N PRO C 1152 -0.46 -4.49 45.58
CA PRO C 1152 0.08 -3.18 45.99
C PRO C 1152 0.88 -2.49 44.90
N THR C 1153 1.42 -3.27 43.95
CA THR C 1153 2.13 -2.73 42.80
C THR C 1153 1.27 -2.69 41.55
N GLN C 1154 -0.02 -2.37 41.68
CA GLN C 1154 -0.91 -2.29 40.53
C GLN C 1154 -1.87 -1.12 40.69
N PHE C 1155 -2.38 -0.65 39.55
CA PHE C 1155 -3.37 0.41 39.50
C PHE C 1155 -4.72 -0.18 39.13
N ARG C 1156 -5.79 0.35 39.70
CA ARG C 1156 -7.12 -0.18 39.47
C ARG C 1156 -7.86 0.66 38.43
N CYS C 1157 -8.28 0.02 37.36
CA CYS C 1157 -9.29 0.61 36.48
C CYS C 1157 -10.66 0.45 37.12
N PRO C 1158 -11.46 1.51 37.21
CA PRO C 1158 -12.78 1.38 37.83
C PRO C 1158 -13.61 0.31 37.15
N ASP C 1159 -13.95 -0.72 37.92
CA ASP C 1159 -14.70 -1.92 37.52
C ASP C 1159 -14.37 -2.37 36.10
N HIS C 1160 -13.09 -2.30 35.73
CA HIS C 1160 -12.65 -2.81 34.44
C HIS C 1160 -11.60 -3.89 34.59
N ARG C 1161 -10.51 -3.59 35.30
CA ARG C 1161 -9.36 -4.49 35.40
C ARG C 1161 -8.34 -3.86 36.35
N CYS C 1162 -7.28 -4.62 36.62
CA CYS C 1162 -6.12 -4.10 37.32
C CYS C 1162 -4.92 -4.16 36.40
N ILE C 1163 -4.18 -3.05 36.31
CA ILE C 1163 -3.10 -2.92 35.33
C ILE C 1163 -1.78 -2.69 36.04
N SER C 1164 -0.70 -2.89 35.30
CA SER C 1164 0.62 -2.59 35.83
C SER C 1164 0.85 -1.08 35.88
N PRO C 1165 1.60 -0.58 36.86
CA PRO C 1165 1.85 0.87 36.92
C PRO C 1165 2.64 1.40 35.73
N LEU C 1166 3.38 0.53 35.04
CA LEU C 1166 4.11 0.96 33.86
C LEU C 1166 3.18 1.49 32.78
N TYR C 1167 1.90 1.12 32.82
CA TYR C 1167 0.89 1.61 31.89
C TYR C 1167 0.22 2.88 32.40
N VAL C 1168 0.55 3.33 33.61
CA VAL C 1168 0.08 4.61 34.10
C VAL C 1168 0.97 5.71 33.52
N CYS C 1169 0.36 6.66 32.81
CA CYS C 1169 1.09 7.68 32.06
C CYS C 1169 2.11 7.07 31.10
N ASP C 1170 1.72 5.96 30.44
CA ASP C 1170 2.46 5.48 29.27
C ASP C 1170 2.20 6.33 28.04
N GLY C 1171 1.08 7.07 28.01
CA GLY C 1171 0.69 7.88 26.88
C GLY C 1171 -0.71 7.61 26.38
N ASP C 1172 -1.14 6.33 26.47
CA ASP C 1172 -2.45 5.88 25.95
C ASP C 1172 -3.38 5.48 27.10
N LYS C 1173 -4.69 5.51 26.87
CA LYS C 1173 -5.64 5.13 27.91
C LYS C 1173 -5.88 3.62 27.85
N ASP C 1174 -5.45 2.92 28.89
CA ASP C 1174 -5.77 1.50 29.06
C ASP C 1174 -7.08 1.30 29.82
N CYS C 1175 -7.41 2.22 30.72
CA CYS C 1175 -8.65 2.14 31.47
C CYS C 1175 -9.84 2.34 30.55
N ALA C 1176 -10.98 1.79 30.94
CA ALA C 1176 -12.21 2.04 30.21
C ALA C 1176 -12.59 3.52 30.24
N ASP C 1177 -12.36 4.19 31.36
CA ASP C 1177 -12.65 5.62 31.49
C ASP C 1177 -11.40 6.47 31.47
N GLY C 1178 -10.24 5.88 31.19
CA GLY C 1178 -9.00 6.64 31.14
C GLY C 1178 -8.44 7.04 32.48
N SER C 1179 -8.78 6.31 33.56
CA SER C 1179 -8.27 6.66 34.88
C SER C 1179 -6.76 6.48 35.01
N ASP C 1180 -6.15 5.71 34.10
CA ASP C 1180 -4.70 5.53 34.17
C ASP C 1180 -3.96 6.76 33.65
N GLU C 1181 -4.55 7.48 32.70
CA GLU C 1181 -3.95 8.67 32.11
C GLU C 1181 -4.52 9.96 32.64
N ALA C 1182 -5.29 9.92 33.72
CA ALA C 1182 -6.03 11.11 34.15
C ALA C 1182 -5.09 12.13 34.79
N GLY C 1183 -4.95 13.27 34.13
CA GLY C 1183 -4.38 14.47 34.74
C GLY C 1183 -2.94 14.40 35.24
N CYS C 1184 -2.17 13.41 34.82
CA CYS C 1184 -0.77 13.34 35.20
C CYS C 1184 0.12 14.05 34.19
N VAL C 1185 1.34 14.36 34.61
CA VAL C 1185 2.24 15.23 33.85
C VAL C 1185 3.47 14.45 33.41
N LEU C 1186 4.16 14.95 32.39
CA LEU C 1186 5.31 14.25 31.80
C LEU C 1186 6.60 14.50 32.59
N ASN C 1187 7.49 13.50 32.55
CA ASN C 1187 8.78 13.50 33.25
C ASN C 1187 9.88 13.30 32.20
N CYS C 1188 9.86 14.09 31.12
CA CYS C 1188 10.86 13.89 30.07
C CYS C 1188 12.26 14.13 30.61
N THR C 1189 13.18 13.21 30.30
CA THR C 1189 14.53 13.29 30.82
C THR C 1189 15.41 14.19 29.95
N SER C 1190 16.61 14.48 30.44
CA SER C 1190 17.56 15.30 29.70
C SER C 1190 18.00 14.64 28.41
N ALA C 1191 17.94 13.31 28.33
CA ALA C 1191 18.17 12.62 27.07
C ALA C 1191 16.99 12.74 26.11
N GLN C 1192 16.00 13.56 26.45
CA GLN C 1192 14.82 13.78 25.63
C GLN C 1192 14.49 15.26 25.62
N PHE C 1193 13.63 15.64 24.69
CA PHE C 1193 13.22 17.03 24.52
C PHE C 1193 11.70 17.11 24.59
N LYS C 1194 11.20 18.10 25.31
CA LYS C 1194 9.77 18.27 25.54
C LYS C 1194 9.22 19.28 24.53
N CYS C 1195 8.19 18.85 23.77
CA CYS C 1195 7.58 19.75 22.82
C CYS C 1195 6.91 20.92 23.53
N ALA C 1196 6.81 22.05 22.83
CA ALA C 1196 6.28 23.25 23.44
C ALA C 1196 4.85 23.07 23.93
N ASP C 1197 4.05 22.26 23.24
CA ASP C 1197 2.69 22.02 23.68
C ASP C 1197 2.61 21.09 24.90
N GLY C 1198 3.73 20.51 25.32
CA GLY C 1198 3.73 19.60 26.44
C GLY C 1198 2.99 18.31 26.22
N SER C 1199 2.68 17.96 24.97
CA SER C 1199 1.93 16.73 24.70
C SER C 1199 2.78 15.49 24.91
N SER C 1200 4.02 15.50 24.41
CA SER C 1200 4.86 14.32 24.45
C SER C 1200 6.32 14.72 24.32
N CYS C 1201 7.19 13.78 24.64
CA CYS C 1201 8.63 13.99 24.55
C CYS C 1201 9.19 13.13 23.42
N ILE C 1202 10.34 13.55 22.89
CA ILE C 1202 11.04 12.78 21.86
C ILE C 1202 12.52 12.70 22.20
N ASN C 1203 13.21 11.74 21.58
CA ASN C 1203 14.62 11.55 21.85
C ASN C 1203 15.41 12.78 21.39
N SER C 1204 16.51 13.06 22.08
CA SER C 1204 17.30 14.25 21.77
C SER C 1204 17.89 14.19 20.37
N ARG C 1205 17.99 13.00 19.78
CA ARG C 1205 18.50 12.88 18.42
C ARG C 1205 17.58 13.55 17.41
N TYR C 1206 16.28 13.57 17.67
CA TYR C 1206 15.31 14.14 16.73
C TYR C 1206 15.17 15.64 16.88
N ARG C 1207 15.88 16.26 17.82
CA ARG C 1207 15.87 17.70 17.95
C ARG C 1207 16.77 18.32 16.88
N CYS C 1208 16.20 19.22 16.08
CA CYS C 1208 16.91 19.90 15.01
C CYS C 1208 17.51 18.91 14.02
N ASP C 1209 16.66 18.18 13.30
CA ASP C 1209 17.11 17.29 12.25
C ASP C 1209 16.49 17.59 10.89
N GLY C 1210 15.39 18.31 10.82
CA GLY C 1210 14.69 18.55 9.58
C GLY C 1210 13.34 17.88 9.46
N VAL C 1211 12.90 17.16 10.50
CA VAL C 1211 11.61 16.48 10.49
C VAL C 1211 10.82 16.94 11.72
N TYR C 1212 9.56 17.29 11.49
CA TYR C 1212 8.69 17.79 12.56
C TYR C 1212 8.18 16.61 13.37
N ASP C 1213 9.01 16.11 14.28
CA ASP C 1213 8.59 15.04 15.18
C ASP C 1213 7.49 15.48 16.12
N CYS C 1214 7.59 16.68 16.67
CA CYS C 1214 6.56 17.21 17.56
C CYS C 1214 5.33 17.61 16.75
N ARG C 1215 4.16 17.53 17.38
CA ARG C 1215 2.92 17.88 16.68
C ARG C 1215 2.89 19.35 16.30
N ASP C 1216 3.39 20.24 17.17
CA ASP C 1216 3.36 21.67 16.91
C ASP C 1216 4.61 22.17 16.20
N ASN C 1217 5.43 21.27 15.66
CA ASN C 1217 6.68 21.59 14.99
C ASN C 1217 7.66 22.31 15.90
N SER C 1218 7.52 22.16 17.22
CA SER C 1218 8.39 22.88 18.15
C SER C 1218 9.81 22.35 18.16
N ASP C 1219 10.02 21.09 17.77
CA ASP C 1219 11.36 20.52 17.76
C ASP C 1219 12.25 21.17 16.71
N GLU C 1220 11.66 21.64 15.61
CA GLU C 1220 12.44 22.28 14.55
C GLU C 1220 12.48 23.80 14.67
N ALA C 1221 11.66 24.39 15.54
CA ALA C 1221 11.72 25.84 15.75
C ALA C 1221 12.94 26.20 16.59
N GLY C 1222 13.56 27.32 16.23
CA GLY C 1222 14.75 27.77 16.93
C GLY C 1222 16.01 26.99 16.65
N CYS C 1223 16.05 26.24 15.56
CA CYS C 1223 17.22 25.44 15.23
C CYS C 1223 18.29 26.29 14.55
N PRO C 1224 19.57 25.95 14.75
CA PRO C 1224 20.65 26.74 14.15
C PRO C 1224 20.63 26.70 12.64
N THR C 1225 21.03 27.80 12.03
CA THR C 1225 21.15 27.93 10.58
C THR C 1225 22.50 28.55 10.25
N ARG C 1226 22.93 28.38 9.00
CA ARG C 1226 24.12 29.05 8.54
C ARG C 1226 23.86 30.56 8.42
N PRO C 1227 24.88 31.39 8.61
CA PRO C 1227 24.75 32.80 8.27
C PRO C 1227 24.47 32.95 6.79
N PRO C 1228 23.72 33.98 6.40
CA PRO C 1228 23.36 34.14 4.98
C PRO C 1228 24.57 34.14 4.07
N GLY C 1229 24.68 33.11 3.23
CA GLY C 1229 25.79 32.97 2.31
C GLY C 1229 27.04 32.36 2.90
N MET C 1230 27.06 32.06 4.19
CA MET C 1230 28.22 31.46 4.84
C MET C 1230 27.92 30.02 5.24
N CYS C 1231 28.87 29.40 5.91
CA CYS C 1231 28.73 28.02 6.37
C CYS C 1231 29.17 27.95 7.83
N HIS C 1232 28.68 26.92 8.53
CA HIS C 1232 29.03 26.76 9.94
C HIS C 1232 30.53 26.65 10.13
N LEU C 1233 30.98 26.93 11.36
CA LEU C 1233 32.40 26.83 11.67
C LEU C 1233 32.93 25.43 11.44
N ASP C 1234 32.05 24.42 11.55
CA ASP C 1234 32.41 23.03 11.33
C ASP C 1234 32.61 22.69 9.86
N GLU C 1235 32.17 23.52 8.93
CA GLU C 1235 32.17 23.19 7.52
C GLU C 1235 33.27 23.97 6.79
N PHE C 1236 33.29 23.79 5.46
CA PHE C 1236 34.22 24.48 4.58
C PHE C 1236 33.45 24.93 3.35
N GLN C 1237 33.75 26.13 2.87
CA GLN C 1237 32.98 26.76 1.81
C GLN C 1237 33.70 26.65 0.49
N CYS C 1238 32.96 26.29 -0.56
CA CYS C 1238 33.49 26.28 -1.91
C CYS C 1238 33.67 27.71 -2.42
N GLN C 1239 34.81 27.97 -3.06
CA GLN C 1239 35.06 29.28 -3.61
C GLN C 1239 34.30 29.50 -4.92
N GLY C 1240 34.13 28.44 -5.72
CA GLY C 1240 33.50 28.59 -7.02
C GLY C 1240 32.04 28.98 -6.95
N ASP C 1241 31.26 28.35 -6.07
CA ASP C 1241 29.83 28.61 -6.04
C ASP C 1241 29.23 28.69 -4.64
N GLY C 1242 30.04 28.78 -3.59
CA GLY C 1242 29.52 28.93 -2.25
C GLY C 1242 28.93 27.68 -1.63
N THR C 1243 29.18 26.51 -2.20
CA THR C 1243 28.69 25.27 -1.61
C THR C 1243 29.39 25.00 -0.30
N CYS C 1244 28.61 24.59 0.71
CA CYS C 1244 29.18 24.25 2.01
C CYS C 1244 29.50 22.76 2.08
N ILE C 1245 30.75 22.45 2.40
CA ILE C 1245 31.19 21.05 2.52
C ILE C 1245 31.84 20.88 3.88
N PRO C 1246 31.86 19.64 4.40
CA PRO C 1246 32.48 19.41 5.71
C PRO C 1246 33.94 19.78 5.72
N ASN C 1247 34.42 20.22 6.90
CA ASN C 1247 35.79 20.69 7.03
C ASN C 1247 36.80 19.61 6.69
N THR C 1248 36.47 18.36 7.03
CA THR C 1248 37.36 17.25 6.70
C THR C 1248 37.60 17.13 5.20
N TRP C 1249 36.61 17.47 4.39
CA TRP C 1249 36.76 17.39 2.94
C TRP C 1249 37.73 18.42 2.38
N GLU C 1250 38.15 19.40 3.18
CA GLU C 1250 39.24 20.28 2.79
C GLU C 1250 40.56 19.58 3.04
N CYS C 1251 41.43 19.55 2.03
CA CYS C 1251 42.75 18.93 2.12
C CYS C 1251 42.64 17.46 2.48
N ASP C 1252 42.03 16.70 1.57
CA ASP C 1252 41.93 15.25 1.71
C ASP C 1252 42.18 14.57 0.37
N GLY C 1253 42.95 15.22 -0.50
CA GLY C 1253 43.40 14.63 -1.75
C GLY C 1253 42.40 14.64 -2.89
N HIS C 1254 41.10 14.72 -2.60
CA HIS C 1254 40.11 14.66 -3.67
C HIS C 1254 39.44 16.01 -3.84
N PRO C 1255 39.28 16.49 -5.08
CA PRO C 1255 38.63 17.79 -5.29
C PRO C 1255 37.12 17.72 -5.12
N ASP C 1256 36.64 17.78 -3.88
CA ASP C 1256 35.22 17.73 -3.61
C ASP C 1256 34.50 19.02 -3.95
N CYS C 1257 35.13 19.94 -4.66
CA CYS C 1257 34.53 21.22 -5.04
C CYS C 1257 34.39 21.31 -6.55
N ILE C 1258 33.56 22.25 -6.99
CA ILE C 1258 33.30 22.42 -8.42
C ILE C 1258 34.54 22.85 -9.17
N HIS C 1259 35.39 23.66 -8.53
CA HIS C 1259 36.56 24.22 -9.21
C HIS C 1259 37.84 23.93 -8.43
N GLY C 1260 37.83 22.88 -7.61
CA GLY C 1260 39.02 22.51 -6.86
C GLY C 1260 39.39 23.45 -5.73
N SER C 1261 38.43 24.21 -5.21
CA SER C 1261 38.73 25.15 -4.13
C SER C 1261 39.21 24.46 -2.87
N ASP C 1262 38.79 23.21 -2.65
CA ASP C 1262 39.16 22.48 -1.45
C ASP C 1262 40.48 21.73 -1.59
N GLU C 1263 41.18 21.90 -2.72
CA GLU C 1263 42.49 21.31 -2.92
C GLU C 1263 43.45 22.36 -3.48
N HIS C 1264 43.48 23.53 -2.85
CA HIS C 1264 44.28 24.65 -3.31
C HIS C 1264 45.77 24.39 -3.08
N THR C 1265 46.59 25.38 -3.45
CA THR C 1265 48.04 25.20 -3.40
C THR C 1265 48.57 25.17 -1.96
N GLY C 1266 47.84 25.77 -1.03
CA GLY C 1266 48.25 25.73 0.37
C GLY C 1266 47.97 24.43 1.07
N CYS C 1267 47.56 23.41 0.34
CA CYS C 1267 47.17 22.13 0.92
C CYS C 1267 48.41 21.35 1.33
N VAL C 1268 48.54 21.06 2.63
CA VAL C 1268 49.65 20.26 3.13
C VAL C 1268 49.44 18.81 2.71
N PRO C 1269 50.37 18.22 1.97
CA PRO C 1269 50.17 16.84 1.49
C PRO C 1269 50.32 15.81 2.60
N LYS C 1270 50.18 14.53 2.24
CA LYS C 1270 50.27 13.44 3.20
C LYS C 1270 51.11 12.31 2.61
N THR C 1271 51.89 11.66 3.48
CA THR C 1271 52.70 10.52 3.09
C THR C 1271 52.47 9.38 4.07
N CYS C 1272 53.00 8.21 3.73
CA CYS C 1272 52.83 7.00 4.54
C CYS C 1272 54.20 6.43 4.92
N SER C 1273 54.15 5.37 5.72
CA SER C 1273 55.35 4.69 6.21
C SER C 1273 56.10 4.03 5.07
N PRO C 1274 57.43 3.86 5.19
CA PRO C 1274 58.16 3.16 4.13
C PRO C 1274 57.65 1.77 3.83
N THR C 1275 57.20 1.02 4.84
CA THR C 1275 56.59 -0.27 4.62
C THR C 1275 55.20 -0.18 4.00
N HIS C 1276 54.75 1.02 3.65
CA HIS C 1276 53.43 1.24 3.08
C HIS C 1276 53.54 1.81 1.68
N PHE C 1277 52.62 1.41 0.81
CA PHE C 1277 52.49 2.02 -0.49
C PHE C 1277 51.53 3.21 -0.43
N LEU C 1278 51.77 4.18 -1.29
CA LEU C 1278 50.97 5.39 -1.35
C LEU C 1278 50.06 5.35 -2.57
N CYS C 1279 48.77 5.17 -2.34
CA CYS C 1279 47.80 5.10 -3.41
C CYS C 1279 47.56 6.48 -4.02
N ASP C 1280 46.89 6.49 -5.18
CA ASP C 1280 46.64 7.76 -5.86
C ASP C 1280 45.75 8.67 -5.03
N ASN C 1281 44.74 8.10 -4.37
CA ASN C 1281 43.83 8.90 -3.55
C ASN C 1281 44.38 9.18 -2.15
N GLY C 1282 45.54 8.63 -1.81
CA GLY C 1282 46.19 8.95 -0.55
C GLY C 1282 46.12 7.89 0.53
N ASN C 1283 45.72 6.66 0.18
CA ASN C 1283 45.68 5.61 1.19
C ASN C 1283 47.05 4.95 1.34
N CYS C 1284 47.23 4.26 2.46
CA CYS C 1284 48.45 3.52 2.76
C CYS C 1284 48.12 2.04 2.89
N ILE C 1285 48.84 1.21 2.15
CA ILE C 1285 48.63 -0.24 2.15
C ILE C 1285 49.98 -0.93 2.25
N TYR C 1286 49.98 -2.16 2.76
CA TYR C 1286 51.22 -2.85 3.09
C TYR C 1286 52.03 -3.19 1.85
N LYS C 1287 53.31 -3.45 2.04
CA LYS C 1287 54.21 -3.79 0.94
C LYS C 1287 53.79 -5.09 0.25
N ALA C 1288 53.46 -6.12 1.03
CA ALA C 1288 53.05 -7.38 0.44
C ALA C 1288 51.68 -7.27 -0.21
N TRP C 1289 50.87 -6.31 0.21
CA TRP C 1289 49.53 -6.14 -0.33
C TRP C 1289 49.51 -5.46 -1.69
N ILE C 1290 50.66 -4.95 -2.16
CA ILE C 1290 50.71 -4.34 -3.47
C ILE C 1290 50.56 -5.42 -4.53
N CYS C 1291 49.54 -5.29 -5.37
CA CYS C 1291 49.23 -6.24 -6.45
C CYS C 1291 48.99 -7.65 -5.92
N ASP C 1292 48.53 -7.79 -4.68
CA ASP C 1292 48.20 -9.11 -4.15
C ASP C 1292 46.92 -9.68 -4.73
N GLY C 1293 46.16 -8.89 -5.48
CA GLY C 1293 44.90 -9.33 -6.04
C GLY C 1293 43.66 -8.79 -5.37
N ASP C 1294 43.80 -7.78 -4.50
CA ASP C 1294 42.68 -7.22 -3.77
C ASP C 1294 42.74 -5.70 -3.88
N ASN C 1295 41.57 -5.06 -3.77
CA ASN C 1295 41.47 -3.60 -3.90
C ASN C 1295 41.74 -2.93 -2.55
N ASP C 1296 42.95 -3.13 -2.04
CA ASP C 1296 43.34 -2.54 -0.77
C ASP C 1296 43.37 -1.03 -0.85
N CYS C 1297 43.88 -0.48 -1.95
CA CYS C 1297 43.90 0.96 -2.14
C CYS C 1297 42.49 1.53 -2.31
N ARG C 1298 41.51 0.69 -2.66
CA ARG C 1298 40.11 1.07 -2.84
C ARG C 1298 39.93 2.03 -4.01
N ASP C 1299 41.01 2.31 -4.74
CA ASP C 1299 40.95 2.98 -6.02
C ASP C 1299 41.73 2.23 -7.10
N MET C 1300 42.12 0.99 -6.83
CA MET C 1300 42.83 0.09 -7.73
C MET C 1300 44.25 0.56 -8.04
N SER C 1301 44.81 1.50 -7.28
CA SER C 1301 46.16 1.98 -7.56
C SER C 1301 47.20 0.88 -7.34
N ASP C 1302 47.06 0.12 -6.26
CA ASP C 1302 48.04 -0.91 -5.95
C ASP C 1302 48.01 -2.05 -6.96
N GLU C 1303 46.90 -2.26 -7.66
CA GLU C 1303 46.81 -3.31 -8.65
C GLU C 1303 47.15 -2.81 -10.06
N LYS C 1304 46.74 -1.59 -10.39
CA LYS C 1304 46.94 -1.07 -11.74
C LYS C 1304 48.40 -0.72 -12.00
N ASP C 1305 49.18 -0.50 -10.94
CA ASP C 1305 50.52 0.07 -11.11
C ASP C 1305 51.47 -0.96 -11.73
N CYS C 1306 51.70 -2.07 -11.03
CA CYS C 1306 52.71 -3.04 -11.46
C CYS C 1306 52.05 -4.37 -11.77
N PRO C 1307 51.94 -4.77 -13.04
CA PRO C 1307 51.32 -6.05 -13.41
C PRO C 1307 52.29 -7.22 -13.59
N THR C 1308 53.57 -7.06 -13.27
CA THR C 1308 54.59 -8.07 -13.57
C THR C 1308 54.49 -9.26 -12.61
N GLN C 1309 53.50 -10.12 -12.86
CA GLN C 1309 53.34 -11.36 -12.13
C GLN C 1309 53.28 -12.51 -13.12
N PRO C 1310 54.32 -13.33 -13.23
CA PRO C 1310 54.36 -14.36 -14.27
C PRO C 1310 53.69 -15.66 -13.83
N PHE C 1311 53.74 -16.64 -14.73
CA PHE C 1311 53.26 -17.98 -14.42
C PHE C 1311 54.41 -18.82 -13.89
N HIS C 1312 54.19 -19.47 -12.75
CA HIS C 1312 55.26 -20.19 -12.06
C HIS C 1312 54.65 -21.23 -11.15
N CYS C 1313 55.49 -22.20 -10.77
CA CYS C 1313 55.12 -23.26 -9.83
C CYS C 1313 56.21 -23.37 -8.76
N PRO C 1314 56.28 -22.41 -7.82
CA PRO C 1314 57.31 -22.41 -6.79
C PRO C 1314 57.04 -23.42 -5.69
N CYS C 3165 43.55 41.43 -7.46
CA CYS C 3165 42.35 40.67 -7.15
C CYS C 3165 41.28 41.56 -6.54
N SER C 3166 40.02 41.18 -6.72
CA SER C 3166 38.93 41.93 -6.10
C SER C 3166 38.94 41.78 -4.58
N GLN C 3167 39.51 40.68 -4.08
CA GLN C 3167 39.56 40.42 -2.65
C GLN C 3167 40.91 39.83 -2.26
N LYS C 3168 40.98 39.22 -1.08
CA LYS C 3168 42.24 38.68 -0.55
C LYS C 3168 42.97 37.85 -1.59
N CYS C 3169 44.29 38.03 -1.65
CA CYS C 3169 45.13 37.39 -2.64
C CYS C 3169 46.12 36.44 -1.96
N GLU C 3170 46.53 35.42 -2.71
CA GLU C 3170 47.51 34.45 -2.23
C GLU C 3170 48.60 34.28 -3.28
N ASN C 3171 49.83 34.17 -2.82
CA ASN C 3171 50.99 34.12 -3.72
C ASN C 3171 51.38 32.68 -4.04
N VAL C 3172 51.80 32.45 -5.28
CA VAL C 3172 52.40 31.20 -5.69
C VAL C 3172 53.73 31.53 -6.37
N VAL C 3173 54.37 30.52 -6.97
CA VAL C 3173 55.75 30.66 -7.44
C VAL C 3173 55.90 31.84 -8.38
N GLY C 3174 55.05 31.95 -9.41
CA GLY C 3174 55.12 33.10 -10.29
C GLY C 3174 53.83 33.85 -10.43
N SER C 3175 52.70 33.15 -10.27
CA SER C 3175 51.38 33.75 -10.39
C SER C 3175 50.88 34.18 -9.02
N TYR C 3176 49.58 34.49 -8.95
CA TYR C 3176 48.93 34.77 -7.68
C TYR C 3176 47.52 34.19 -7.72
N ILE C 3177 46.98 33.87 -6.55
CA ILE C 3177 45.65 33.28 -6.43
C ILE C 3177 44.73 34.28 -5.73
N CYS C 3178 43.59 34.55 -6.36
CA CYS C 3178 42.59 35.45 -5.82
C CYS C 3178 41.58 34.64 -5.01
N LYS C 3179 41.47 34.95 -3.73
CA LYS C 3179 40.55 34.25 -2.83
C LYS C 3179 39.46 35.21 -2.38
N CYS C 3180 38.21 34.83 -2.60
CA CYS C 3180 37.11 35.60 -2.06
C CYS C 3180 36.97 35.32 -0.56
N ALA C 3181 36.50 36.32 0.17
CA ALA C 3181 36.19 36.14 1.57
C ALA C 3181 34.95 35.27 1.72
N PRO C 3182 34.76 34.65 2.89
CA PRO C 3182 33.56 33.84 3.09
C PRO C 3182 32.29 34.66 2.91
N GLY C 3183 31.30 34.04 2.28
CA GLY C 3183 30.11 34.74 1.86
C GLY C 3183 30.16 35.33 0.47
N TYR C 3184 31.35 35.37 -0.15
CA TYR C 3184 31.51 35.79 -1.53
C TYR C 3184 31.93 34.60 -2.38
N ILE C 3185 31.49 34.63 -3.64
CA ILE C 3185 31.80 33.57 -4.60
C ILE C 3185 32.54 34.18 -5.77
N ARG C 3186 33.46 33.41 -6.34
CA ARG C 3186 34.32 33.90 -7.41
C ARG C 3186 33.65 33.73 -8.76
N GLU C 3187 33.72 34.77 -9.58
CA GLU C 3187 33.24 34.68 -10.95
C GLU C 3187 34.23 33.87 -11.77
N PRO C 3188 33.76 33.23 -12.85
CA PRO C 3188 34.64 32.33 -13.61
C PRO C 3188 35.88 33.00 -14.20
N ASP C 3189 35.90 34.33 -14.33
CA ASP C 3189 37.06 35.01 -14.86
C ASP C 3189 38.29 34.84 -13.99
N GLY C 3190 38.12 34.52 -12.70
CA GLY C 3190 39.24 34.29 -11.82
C GLY C 3190 39.71 35.48 -11.02
N LYS C 3191 39.04 36.61 -11.13
CA LYS C 3191 39.43 37.79 -10.34
C LYS C 3191 38.28 38.38 -9.55
N SER C 3192 37.06 38.37 -10.08
CA SER C 3192 35.96 39.06 -9.44
C SER C 3192 35.28 38.18 -8.39
N CYS C 3193 34.73 38.83 -7.38
CA CYS C 3193 33.97 38.16 -6.32
C CYS C 3193 32.58 38.79 -6.25
N ARG C 3194 31.58 37.93 -6.01
CA ARG C 3194 30.19 38.36 -5.95
C ARG C 3194 29.59 37.94 -4.61
N GLN C 3195 28.81 38.84 -4.01
CA GLN C 3195 28.15 38.51 -2.76
C GLN C 3195 27.14 37.39 -2.99
N ASN C 3196 27.01 36.49 -2.01
CA ASN C 3196 26.16 35.32 -2.19
C ASN C 3196 24.78 35.53 -1.59
N SER C 3197 24.66 36.35 -0.55
CA SER C 3197 23.36 36.64 0.03
C SER C 3197 22.52 37.44 -0.96
N ASN C 3198 21.25 37.06 -1.08
CA ASN C 3198 20.34 37.77 -1.98
C ASN C 3198 19.88 39.10 -1.42
N ILE C 3199 20.39 39.51 -0.26
CA ILE C 3199 20.00 40.79 0.33
C ILE C 3199 20.66 41.92 -0.45
N GLU C 3200 19.83 42.81 -0.98
CA GLU C 3200 20.36 43.96 -1.71
C GLU C 3200 21.07 44.90 -0.75
N PRO C 3201 22.29 45.35 -1.07
CA PRO C 3201 23.06 46.21 -0.17
C PRO C 3201 22.55 47.65 -0.13
N UNK D 1 0.22 -5.68 21.20
CA UNK D 1 0.79 -6.35 22.36
C UNK D 1 0.42 -7.83 22.38
N UNK D 2 -0.54 -8.17 23.23
CA UNK D 2 -1.03 -9.55 23.29
C UNK D 2 -2.07 -9.83 22.21
N UNK D 3 -2.47 -8.83 21.44
CA UNK D 3 -3.50 -8.99 20.41
C UNK D 3 -2.98 -9.72 19.18
N UNK D 4 -1.68 -9.99 19.08
CA UNK D 4 -1.16 -10.74 17.95
C UNK D 4 -1.71 -12.15 17.93
N UNK D 5 -1.95 -12.67 16.72
CA UNK D 5 -2.54 -13.99 16.54
C UNK D 5 -1.69 -15.08 17.17
N UNK D 6 -0.41 -15.12 16.83
CA UNK D 6 0.49 -16.12 17.38
C UNK D 6 1.80 -15.49 17.83
N UNK E 1 23.39 6.48 9.04
CA UNK E 1 24.16 5.68 8.11
C UNK E 1 23.37 5.41 6.83
N ASN E 2 24.08 5.19 5.73
CA ASN E 2 23.45 4.97 4.43
C ASN E 2 23.43 3.50 4.02
N UNK E 3 23.93 2.61 4.86
CA UNK E 3 23.96 1.19 4.52
C UNK E 3 22.54 0.62 4.53
N UNK E 4 22.21 -0.15 3.50
CA UNK E 4 20.86 -0.69 3.38
C UNK E 4 20.63 -1.83 4.37
N UNK E 5 21.71 -2.39 4.90
CA UNK E 5 21.60 -3.50 5.85
C UNK E 5 20.91 -3.06 7.14
#